data_7Z14
#
_entry.id   7Z14
#
_cell.length_a   1.00
_cell.length_b   1.00
_cell.length_c   1.00
_cell.angle_alpha   90.00
_cell.angle_beta   90.00
_cell.angle_gamma   90.00
#
_symmetry.space_group_name_H-M   'P 1'
#
loop_
_entity.id
_entity.type
_entity.pdbx_description
1 polymer 'Acetylcholine receptor subunit alpha'
2 polymer 'Acetylcholine receptor subunit beta'
3 polymer 'Acetylcholine receptor subunit delta'
4 polymer 'Acetylcholine receptor subunit gamma'
5 polymer 'Consensus short-chain short-chain alpha-neurotoxin ScNtx'
6 branched alpha-D-mannopyranose-(1-2)-alpha-D-mannopyranose-(1-6)-[alpha-D-mannopyranose-(1-3)]alpha-D-mannopyranose-(1-6)-[alpha-D-mannopyranose-(1-2)-alpha-D-mannopyranose-(1-3)]beta-D-mannopyranose-(1-4)-2-acetamido-2-deoxy-beta-D-glucopyranose-(1-4)-2-acetamido-2-deoxy-beta-D-glucopyranose
7 branched 2-acetamido-2-deoxy-beta-D-glucopyranose-(1-4)-2-acetamido-2-deoxy-beta-D-glucopyranose
8 branched alpha-D-mannopyranose-(1-6)-alpha-D-mannopyranose-(1-6)-2-acetamido-2-deoxy-beta-D-glucopyranose-(1-4)-2-acetamido-2-deoxy-beta-D-glucopyranose-(1-4)-2-acetamido-2-deoxy-beta-D-glucopyranose
9 non-polymer 2-acetamido-2-deoxy-beta-D-glucopyranose
#
loop_
_entity_poly.entity_id
_entity_poly.type
_entity_poly.pdbx_seq_one_letter_code
_entity_poly.pdbx_strand_id
1 'polypeptide(L)'
;SEHETRLVANLLENYNKVIRPVEHHTHFVDITVGLQLIQLISVDEVNQIVETNVRLRQQWIDVRLRWNPADYGGIKKIRL
PSDDVWLPDLVLYNNADGDFAIVHMTKLLLDYTGKIMWTPPAIFKSYCEIIVTHFPFDQQNCTMKLGIWTYDGTKVSISP
ESDRPDLSTFMESGEWVMKDYRGWKHWVYYTCCPDTPYLDITYHFIMQRIPLYFVVNVIIPCLLFSFLTGLVFYLPTDSG
EKMTLSISVLLSLTVFLLVIVELIPSTSSAVPLIGKYMLFTMIFVISSIIITVVVINTHHRSPSTHTMPQWVRKIFIDTI
PNVMFFSTMKRASKEKQENKIFADDIDISDISGKQVTGEVIFQTPLIKNPDVKSAIEGVKYIAEHMKSDEESSNAAEEWK
YVAMVIDHILLCVFMLICIIGTVSVFAGRLIELSQEG
;
A,D
2 'polypeptide(L)'
;SVMEDTLLSVLFETYNPKVRPAQTVGDKVTVRVGLTLTNLLILNEKIEEMTTNVFLNLAWTDYRLQWDPAAYEGIKDLRI
PSSDVWQPDIVLMNNNDGSFEITLHVNVLVQHTGAVSWQPSAIYRSSCTIKVMYFPFDWQNCTMVFKSYTYDTSEVTLQH
ALDAKGEREVKEIVINKDAFTENGQWSIEHKPSRKNWRSDDPSYEDVTFYLIIQRKPLFYIVYTIIPCILISILAILVFY
LPPDAGEKMSLSISALLAVTVFLLLLADKVPETSLSVPIIIRYLMFIMILVAFSVILSVVVLNLHHRSPNTHTMPNWIRQ
IFIETLPPFLWIQRPVTTPSPDSKPTIISRANDEYFIRKPAGDFVCPVDNARVAVQPERLFSEMKWHLNGLTQPVTLPQD
LKEAVEAIKYIAEQLESASEFDDLKKDWQYVAMVADRLFLYVFFVICSIGTFSIFLDASHNVPPDNPFA
;
B
3 'polypeptide(L)'
;VNEEERLINDLLIVNKYNKHVRPVKHNNEVVNIALSLTLSNLISLKETDETLTSNVWMDHAWYDHRLTWNASEYSDISIL
RLPPELVWIPDIVLQNNNDGQYHVAYFCNVLVRPNGYVTWLPPAIFRSSCPINVLYFPFDWQNCSLKFTALNYDANEITM
DLMTDTIDGKDYPIEWIIIDPEAFTENGEWEIIHKPAKKNIYPDKFPNGTNYQDVTFYLIIRRKPLFYVINFITPCVLIS
FLASLAFYLPAESGEKMSTAISVLLAQAVFLLLTSQRLPETALAVPLIGKYLMFIMSLVTGVIVNCGIVLNFHFRTPSTH
VLSTRVKQIFLEKLPRILHMSRADESEQPDWQNDLKLRRSSSVGYISKAQEYFNIKSRSELMFEKQSERHGLVPRVTPRI
GFGNNNENIAASDQLHDEIKSGIDSTNYIVKQIKEKNAYDEEVGNWNLVGQTIDRLSMFIITPVMVLGTIFIFVMGNFNH
PPAKPFEGDPFDYSSDHPRCA
;
C
4 'polypeptide(L)'
;ENEEGRLIEKLLGDYDKRIIPAKTLDHIIDVTLKLTLTNLISLNEKEEALTTNVWIEIQWNDYRLSWNTSEYEGIDLVRI
PSELLWLPDVVLENNVDGQFEVAYYANVLVYNDGSMYWLPPAIYRSTCPIAVTYFPFDWQNCSLVFRSQTYNAHEVNLQL
SAEEGEAVEWIHIDPEDFTENGEWTIRHRPAKKNYNWQLTKDDTDFQEIIFFLIIQRKPLFYIINIIAPCVLISSLVVLV
YFLPAQAGGQKCTLSISVLLAQTIFLFLIAQKVPETSLNVPLIGKYLIFVMFVSMLIVMNCVIVLNVSLRTPNTHSLSEK
IKHLFLGFLPKYLGMQLEPSEETPEKPQPRRRSSFGIMIKAEEYILKKPRSELMFEEQKDRHGLKRVNKMTSDIDIGTTV
DLYKDLANFAPEIKSCVEACNFIAKSTKEQNDSGSENENWVLIGKVIDKACFWIALLLFSIGTLAIFLTGHFNQVPEFPF
PGDPRKYVP
;
E
5 'polypeptide(L)' MICYNQQSSQPPTTKTCSETSCYKKTWRDHRGTIIERGCGCPKVKPGIKLHCCRTDKCNN F,G
#
loop_
_chem_comp.id
_chem_comp.type
_chem_comp.name
_chem_comp.formula
BMA D-saccharide, beta linking beta-D-mannopyranose 'C6 H12 O6'
MAN D-saccharide, alpha linking alpha-D-mannopyranose 'C6 H12 O6'
NAG D-saccharide, beta linking 2-acetamido-2-deoxy-beta-D-glucopyranose 'C8 H15 N O6'
#
# COMPACT_ATOMS: atom_id res chain seq x y z
N SER A 1 -17.71 -2.92 -44.34
CA SER A 1 -18.71 -2.83 -45.39
C SER A 1 -18.79 -1.40 -45.94
N GLU A 2 -18.90 -1.29 -47.26
CA GLU A 2 -19.02 0.03 -47.88
C GLU A 2 -20.34 0.69 -47.51
N HIS A 3 -21.41 -0.11 -47.39
CA HIS A 3 -22.69 0.45 -46.97
C HIS A 3 -22.62 1.01 -45.56
N GLU A 4 -21.98 0.28 -44.64
CA GLU A 4 -21.87 0.76 -43.27
C GLU A 4 -20.95 1.96 -43.18
N THR A 5 -19.89 1.99 -44.00
CA THR A 5 -19.02 3.17 -44.03
C THR A 5 -19.79 4.40 -44.51
N ARG A 6 -20.59 4.24 -45.57
CA ARG A 6 -21.41 5.34 -46.06
C ARG A 6 -22.42 5.78 -45.01
N LEU A 7 -23.03 4.82 -44.32
CA LEU A 7 -23.99 5.17 -43.28
C LEU A 7 -23.36 5.93 -42.14
N VAL A 8 -22.16 5.49 -41.70
CA VAL A 8 -21.47 6.18 -40.61
C VAL A 8 -21.07 7.58 -41.05
N ALA A 9 -20.60 7.73 -42.28
CA ALA A 9 -20.26 9.06 -42.78
C ALA A 9 -21.48 9.96 -42.84
N ASN A 10 -22.64 9.40 -43.22
CA ASN A 10 -23.85 10.21 -43.32
C ASN A 10 -24.36 10.63 -41.95
N LEU A 11 -24.35 9.71 -40.98
CA LEU A 11 -24.92 10.02 -39.68
C LEU A 11 -24.11 11.08 -38.95
N LEU A 12 -22.78 11.04 -39.07
CA LEU A 12 -21.90 11.90 -38.30
C LEU A 12 -21.45 13.12 -39.09
N GLU A 13 -22.29 13.64 -39.98
CA GLU A 13 -21.93 14.80 -40.79
C GLU A 13 -22.34 16.11 -40.09
N ASN A 14 -23.63 16.27 -39.82
CA ASN A 14 -24.14 17.43 -39.11
C ASN A 14 -24.42 17.14 -37.65
N TYR A 15 -24.05 15.96 -37.16
CA TYR A 15 -24.33 15.58 -35.79
C TYR A 15 -23.51 16.43 -34.82
N ASN A 16 -24.16 16.82 -33.72
CA ASN A 16 -23.50 17.55 -32.64
C ASN A 16 -23.74 16.80 -31.33
N LYS A 17 -22.65 16.46 -30.65
CA LYS A 17 -22.72 15.62 -29.47
C LYS A 17 -22.98 16.39 -28.19
N VAL A 18 -23.08 17.71 -28.24
CA VAL A 18 -23.28 18.52 -27.05
C VAL A 18 -24.72 19.01 -26.95
N ILE A 19 -25.65 18.37 -27.65
CA ILE A 19 -27.06 18.70 -27.59
C ILE A 19 -27.86 17.42 -27.37
N ARG A 20 -28.76 17.45 -26.39
CA ARG A 20 -29.56 16.28 -26.08
C ARG A 20 -30.54 15.99 -27.21
N PRO A 21 -30.83 14.71 -27.48
CA PRO A 21 -31.66 14.35 -28.64
C PRO A 21 -33.16 14.48 -28.39
N VAL A 22 -33.70 15.68 -28.57
CA VAL A 22 -35.13 15.92 -28.48
C VAL A 22 -35.57 16.75 -29.67
N GLU A 23 -36.75 16.45 -30.20
CA GLU A 23 -37.29 17.22 -31.32
C GLU A 23 -37.57 18.66 -30.90
N HIS A 24 -38.11 18.85 -29.71
CA HIS A 24 -38.38 20.17 -29.17
C HIS A 24 -37.74 20.29 -27.79
N HIS A 25 -37.23 21.49 -27.49
CA HIS A 25 -36.51 21.70 -26.24
C HIS A 25 -37.36 21.44 -25.00
N THR A 26 -38.69 21.53 -25.13
CA THR A 26 -39.55 21.23 -23.99
C THR A 26 -39.61 19.74 -23.68
N HIS A 27 -39.25 18.88 -24.63
CA HIS A 27 -39.29 17.45 -24.41
C HIS A 27 -38.16 17.01 -23.49
N PHE A 28 -38.25 15.76 -23.05
CA PHE A 28 -37.23 15.16 -22.20
C PHE A 28 -36.74 13.85 -22.81
N VAL A 29 -35.47 13.55 -22.60
CA VAL A 29 -34.88 12.31 -23.08
C VAL A 29 -35.28 11.19 -22.13
N ASP A 30 -35.93 10.15 -22.67
CA ASP A 30 -36.38 9.02 -21.87
C ASP A 30 -35.29 7.96 -21.85
N ILE A 31 -34.79 7.64 -20.65
CA ILE A 31 -33.68 6.72 -20.47
C ILE A 31 -34.09 5.65 -19.48
N THR A 32 -33.81 4.39 -19.81
CA THR A 32 -34.08 3.26 -18.93
C THR A 32 -32.76 2.69 -18.44
N VAL A 33 -32.42 2.95 -17.18
CA VAL A 33 -31.13 2.56 -16.61
C VAL A 33 -31.30 1.27 -15.83
N GLY A 34 -30.40 0.32 -16.07
CA GLY A 34 -30.41 -0.93 -15.34
C GLY A 34 -28.99 -1.38 -15.08
N LEU A 35 -28.81 -2.10 -13.97
CA LEU A 35 -27.49 -2.55 -13.55
C LEU A 35 -27.37 -4.07 -13.67
N GLN A 36 -26.12 -4.52 -13.73
CA GLN A 36 -25.78 -5.95 -13.71
C GLN A 36 -24.66 -6.14 -12.70
N LEU A 37 -25.02 -6.61 -11.51
CA LEU A 37 -24.01 -6.94 -10.51
C LEU A 37 -23.22 -8.15 -10.97
N ILE A 38 -21.93 -7.98 -11.20
CA ILE A 38 -21.06 -9.05 -11.65
C ILE A 38 -20.36 -9.73 -10.49
N GLN A 39 -19.76 -8.94 -9.59
CA GLN A 39 -19.12 -9.49 -8.41
C GLN A 39 -19.05 -8.41 -7.35
N LEU A 40 -18.90 -8.86 -6.10
CA LEU A 40 -18.71 -7.98 -4.95
C LEU A 40 -17.22 -8.03 -4.60
N ILE A 41 -16.48 -7.01 -5.05
CA ILE A 41 -15.02 -7.06 -4.96
C ILE A 41 -14.55 -7.09 -3.50
N SER A 42 -15.04 -6.14 -2.70
CA SER A 42 -14.59 -6.06 -1.32
C SER A 42 -15.51 -5.12 -0.55
N VAL A 43 -15.58 -5.33 0.76
CA VAL A 43 -16.31 -4.46 1.67
C VAL A 43 -15.45 -4.19 2.90
N ASP A 44 -14.80 -3.04 2.94
CA ASP A 44 -13.97 -2.66 4.07
C ASP A 44 -14.76 -1.79 5.03
N GLU A 45 -14.76 -2.15 6.30
CA GLU A 45 -15.58 -1.48 7.31
C GLU A 45 -14.92 -0.24 7.90
N VAL A 46 -13.58 -0.20 7.93
CA VAL A 46 -12.90 0.93 8.57
C VAL A 46 -13.09 2.20 7.75
N ASN A 47 -13.01 2.10 6.42
CA ASN A 47 -13.30 3.23 5.56
C ASN A 47 -14.76 3.33 5.18
N GLN A 48 -15.56 2.31 5.51
CA GLN A 48 -17.01 2.32 5.33
C GLN A 48 -17.37 2.50 3.85
N ILE A 49 -16.74 1.67 3.02
CA ILE A 49 -16.90 1.72 1.57
C ILE A 49 -17.23 0.31 1.06
N VAL A 50 -18.07 0.23 0.05
CA VAL A 50 -18.35 -1.02 -0.65
C VAL A 50 -17.96 -0.85 -2.11
N GLU A 51 -17.15 -1.78 -2.61
CA GLU A 51 -16.66 -1.74 -3.98
C GLU A 51 -17.11 -2.99 -4.72
N THR A 52 -17.68 -2.80 -5.91
CA THR A 52 -18.19 -3.91 -6.70
C THR A 52 -17.96 -3.64 -8.18
N ASN A 53 -17.90 -4.72 -8.96
CA ASN A 53 -17.73 -4.65 -10.40
C ASN A 53 -19.09 -4.77 -11.05
N VAL A 54 -19.55 -3.69 -11.69
CA VAL A 54 -20.86 -3.65 -12.33
C VAL A 54 -20.70 -3.13 -13.75
N ARG A 55 -21.80 -3.19 -14.50
CA ARG A 55 -21.92 -2.49 -15.76
C ARG A 55 -23.36 -2.02 -15.93
N LEU A 56 -23.55 -0.71 -15.86
CA LEU A 56 -24.89 -0.13 -15.88
C LEU A 56 -25.38 -0.04 -17.31
N ARG A 57 -26.56 -0.60 -17.56
CA ARG A 57 -27.13 -0.70 -18.89
C ARG A 57 -28.26 0.31 -19.04
N GLN A 58 -28.10 1.26 -19.95
CA GLN A 58 -29.09 2.29 -20.17
C GLN A 58 -29.46 2.36 -21.65
N GLN A 59 -30.73 2.67 -21.91
CA GLN A 59 -31.26 2.71 -23.26
C GLN A 59 -31.99 4.02 -23.47
N TRP A 60 -31.81 4.61 -24.65
CA TRP A 60 -32.56 5.81 -25.02
C TRP A 60 -32.59 5.89 -26.54
N ILE A 61 -33.46 6.76 -27.04
CA ILE A 61 -33.67 6.93 -28.48
C ILE A 61 -33.08 8.26 -28.92
N ASP A 62 -32.31 8.23 -29.99
CA ASP A 62 -31.73 9.44 -30.60
C ASP A 62 -32.36 9.60 -31.98
N VAL A 63 -33.20 10.62 -32.12
CA VAL A 63 -34.01 10.75 -33.33
C VAL A 63 -33.12 11.04 -34.54
N ARG A 64 -32.15 11.93 -34.39
CA ARG A 64 -31.33 12.35 -35.52
C ARG A 64 -30.23 11.36 -35.87
N LEU A 65 -30.27 10.14 -35.32
CA LEU A 65 -29.35 9.09 -35.68
C LEU A 65 -30.04 7.93 -36.40
N ARG A 66 -31.26 8.14 -36.86
CA ARG A 66 -32.01 7.10 -37.56
C ARG A 66 -31.70 7.11 -39.04
N TRP A 67 -32.05 6.01 -39.71
CA TRP A 67 -31.84 5.89 -41.14
C TRP A 67 -32.80 4.84 -41.69
N ASN A 68 -32.88 4.78 -43.02
CA ASN A 68 -33.72 3.79 -43.68
C ASN A 68 -32.88 2.60 -44.11
N PRO A 69 -33.10 1.42 -43.54
CA PRO A 69 -32.25 0.26 -43.90
C PRO A 69 -32.31 -0.11 -45.37
N ALA A 70 -33.46 0.06 -46.02
CA ALA A 70 -33.56 -0.28 -47.44
C ALA A 70 -32.64 0.58 -48.29
N ASP A 71 -32.40 1.83 -47.88
CA ASP A 71 -31.52 2.70 -48.65
C ASP A 71 -30.08 2.27 -48.57
N TYR A 72 -29.63 1.75 -47.43
CA TYR A 72 -28.23 1.45 -47.18
C TYR A 72 -27.93 -0.04 -47.29
N GLY A 73 -28.72 -0.78 -48.08
CA GLY A 73 -28.44 -2.17 -48.34
C GLY A 73 -29.02 -3.16 -47.35
N GLY A 74 -29.57 -2.70 -46.23
CA GLY A 74 -30.25 -3.58 -45.30
C GLY A 74 -29.63 -3.72 -43.93
N ILE A 75 -28.62 -2.92 -43.60
CA ILE A 75 -28.04 -2.97 -42.25
C ILE A 75 -29.05 -2.40 -41.26
N LYS A 76 -29.25 -3.11 -40.15
CA LYS A 76 -30.17 -2.67 -39.12
C LYS A 76 -29.51 -2.36 -37.77
N LYS A 77 -28.30 -2.84 -37.53
CA LYS A 77 -27.60 -2.56 -36.28
C LYS A 77 -26.18 -2.11 -36.59
N ILE A 78 -25.76 -1.02 -35.95
CA ILE A 78 -24.42 -0.46 -36.14
C ILE A 78 -23.85 -0.07 -34.78
N ARG A 79 -22.54 0.14 -34.75
CA ARG A 79 -21.75 0.09 -33.52
C ARG A 79 -20.86 1.32 -33.38
N LEU A 80 -21.46 2.50 -33.44
CA LEU A 80 -20.71 3.74 -33.28
C LEU A 80 -19.93 3.72 -31.97
N PRO A 81 -18.71 4.25 -31.95
CA PRO A 81 -18.03 4.50 -30.67
C PRO A 81 -18.83 5.48 -29.83
N SER A 82 -18.82 5.26 -28.52
CA SER A 82 -19.58 6.10 -27.62
C SER A 82 -19.01 7.50 -27.48
N ASP A 83 -17.81 7.76 -28.02
CA ASP A 83 -17.19 9.06 -27.83
C ASP A 83 -17.78 10.13 -28.73
N ASP A 84 -18.53 9.76 -29.77
CA ASP A 84 -18.98 10.72 -30.77
C ASP A 84 -20.49 10.92 -30.80
N VAL A 85 -21.21 10.48 -29.78
CA VAL A 85 -22.66 10.68 -29.69
C VAL A 85 -22.99 11.31 -28.34
N TRP A 86 -24.27 11.59 -28.14
CA TRP A 86 -24.74 12.17 -26.88
C TRP A 86 -24.90 11.08 -25.83
N LEU A 87 -24.39 11.33 -24.63
CA LEU A 87 -24.38 10.35 -23.56
C LEU A 87 -24.98 10.97 -22.29
N PRO A 88 -25.92 10.30 -21.64
CA PRO A 88 -26.35 10.77 -20.32
C PRO A 88 -25.23 10.61 -19.31
N ASP A 89 -25.10 11.60 -18.43
CA ASP A 89 -24.04 11.61 -17.43
C ASP A 89 -24.59 11.11 -16.09
N LEU A 90 -24.76 9.79 -16.03
CA LEU A 90 -25.12 9.16 -14.77
C LEU A 90 -23.94 9.25 -13.81
N VAL A 91 -24.19 9.74 -12.61
CA VAL A 91 -23.15 9.98 -11.63
C VAL A 91 -23.53 9.29 -10.33
N LEU A 92 -22.61 8.51 -9.78
CA LEU A 92 -22.84 7.87 -8.49
C LEU A 92 -22.76 8.93 -7.40
N TYR A 93 -23.91 9.24 -6.78
CA TYR A 93 -23.95 10.33 -5.82
C TYR A 93 -23.15 10.02 -4.56
N ASN A 94 -23.14 8.77 -4.13
CA ASN A 94 -22.43 8.34 -2.93
C ASN A 94 -21.08 7.70 -3.27
N ASN A 95 -20.43 8.20 -4.31
CA ASN A 95 -19.09 7.74 -4.64
C ASN A 95 -18.12 8.14 -3.52
N ALA A 96 -17.29 7.20 -3.10
CA ALA A 96 -16.36 7.47 -2.00
C ALA A 96 -14.98 7.90 -2.50
N ASP A 97 -14.30 7.02 -3.23
CA ASP A 97 -12.99 7.36 -3.78
C ASP A 97 -12.79 6.82 -5.19
N GLY A 98 -13.86 6.43 -5.87
CA GLY A 98 -13.75 5.92 -7.22
C GLY A 98 -13.94 6.99 -8.27
N ASP A 99 -14.76 6.70 -9.28
CA ASP A 99 -15.05 7.63 -10.35
C ASP A 99 -16.54 7.97 -10.32
N PHE A 100 -16.85 9.27 -10.32
CA PHE A 100 -18.25 9.70 -10.25
C PHE A 100 -19.02 9.21 -11.47
N ALA A 101 -18.53 9.51 -12.65
CA ALA A 101 -19.07 8.96 -13.87
C ALA A 101 -18.24 7.74 -14.29
N ILE A 102 -18.48 7.23 -15.47
CA ILE A 102 -17.71 6.12 -15.99
C ILE A 102 -16.52 6.66 -16.78
N VAL A 103 -15.55 5.77 -17.03
CA VAL A 103 -14.34 6.15 -17.77
C VAL A 103 -14.19 5.26 -18.98
N HIS A 104 -14.74 4.05 -18.92
CA HIS A 104 -14.70 3.13 -20.05
C HIS A 104 -15.76 3.52 -21.07
N MET A 105 -15.43 3.38 -22.35
CA MET A 105 -16.33 3.83 -23.41
C MET A 105 -17.16 2.67 -23.98
N THR A 106 -16.50 1.65 -24.51
CA THR A 106 -17.15 0.38 -24.87
C THR A 106 -18.31 0.61 -25.84
N LYS A 107 -17.91 0.95 -27.08
CA LYS A 107 -18.82 1.43 -28.13
C LYS A 107 -20.18 0.76 -28.10
N LEU A 108 -21.22 1.57 -28.27
CA LEU A 108 -22.61 1.19 -28.06
C LEU A 108 -23.21 0.52 -29.29
N LEU A 109 -24.43 0.02 -29.12
CA LEU A 109 -25.23 -0.55 -30.20
C LEU A 109 -26.31 0.44 -30.58
N LEU A 110 -26.39 0.76 -31.87
CA LEU A 110 -27.34 1.74 -32.39
C LEU A 110 -28.26 1.04 -33.38
N ASP A 111 -29.55 1.27 -33.23
CA ASP A 111 -30.58 0.63 -34.05
C ASP A 111 -31.07 1.60 -35.12
N TYR A 112 -31.69 1.03 -36.16
CA TYR A 112 -32.12 1.84 -37.30
C TYR A 112 -33.26 2.79 -36.96
N THR A 113 -33.95 2.57 -35.83
CA THR A 113 -35.01 3.46 -35.39
C THR A 113 -34.50 4.58 -34.50
N GLY A 114 -33.21 4.59 -34.17
CA GLY A 114 -32.63 5.57 -33.28
C GLY A 114 -32.40 5.08 -31.88
N LYS A 115 -32.88 3.90 -31.53
CA LYS A 115 -32.66 3.34 -30.19
C LYS A 115 -31.18 3.07 -29.97
N ILE A 116 -30.70 3.35 -28.76
CA ILE A 116 -29.30 3.19 -28.40
C ILE A 116 -29.19 2.17 -27.28
N MET A 117 -28.25 1.24 -27.44
CA MET A 117 -28.06 0.12 -26.52
C MET A 117 -26.61 0.16 -26.03
N TRP A 118 -26.42 0.71 -24.83
CA TRP A 118 -25.08 1.01 -24.32
C TRP A 118 -24.93 0.41 -22.93
N THR A 119 -23.96 -0.50 -22.76
CA THR A 119 -23.70 -1.17 -21.48
C THR A 119 -22.22 -1.06 -21.15
N PRO A 120 -21.78 0.05 -20.57
CA PRO A 120 -20.38 0.21 -20.21
C PRO A 120 -20.11 -0.27 -18.80
N PRO A 121 -18.94 -0.85 -18.55
CA PRO A 121 -18.59 -1.30 -17.20
C PRO A 121 -17.98 -0.18 -16.37
N ALA A 122 -18.01 -0.39 -15.05
CA ALA A 122 -17.44 0.57 -14.12
C ALA A 122 -17.34 -0.09 -12.75
N ILE A 123 -16.26 0.22 -12.03
CA ILE A 123 -16.07 -0.23 -10.66
C ILE A 123 -16.58 0.87 -9.75
N PHE A 124 -17.67 0.60 -9.03
CA PHE A 124 -18.28 1.58 -8.15
C PHE A 124 -17.73 1.44 -6.74
N LYS A 125 -17.03 2.47 -6.27
CA LYS A 125 -16.62 2.56 -4.87
C LYS A 125 -17.66 3.35 -4.08
N SER A 126 -18.89 2.86 -4.12
CA SER A 126 -20.00 3.55 -3.48
C SER A 126 -19.83 3.58 -1.98
N TYR A 127 -20.15 4.71 -1.38
CA TYR A 127 -20.09 4.84 0.08
C TYR A 127 -21.14 3.95 0.71
N CYS A 128 -20.76 3.29 1.80
CA CYS A 128 -21.59 2.29 2.44
C CYS A 128 -22.01 2.78 3.82
N GLU A 129 -22.99 2.10 4.40
CA GLU A 129 -23.43 2.34 5.78
C GLU A 129 -23.20 1.05 6.56
N ILE A 130 -22.14 1.02 7.34
CA ILE A 130 -21.71 -0.19 8.05
C ILE A 130 -22.15 -0.10 9.50
N ILE A 131 -22.87 -1.12 9.96
CA ILE A 131 -23.28 -1.22 11.36
C ILE A 131 -22.54 -2.40 11.97
N VAL A 132 -21.47 -2.10 12.70
CA VAL A 132 -20.68 -3.15 13.37
C VAL A 132 -21.22 -3.26 14.79
N THR A 133 -22.29 -4.01 14.91
CA THR A 133 -22.86 -4.30 16.22
C THR A 133 -23.00 -5.80 16.47
N HIS A 134 -23.36 -6.57 15.44
CA HIS A 134 -23.43 -8.02 15.52
C HIS A 134 -22.30 -8.69 14.76
N PHE A 135 -21.24 -7.94 14.43
CA PHE A 135 -20.11 -8.50 13.70
C PHE A 135 -19.51 -9.66 14.47
N PRO A 136 -19.19 -10.78 13.81
CA PRO A 136 -19.22 -10.99 12.37
C PRO A 136 -20.55 -11.49 11.81
N PHE A 137 -21.57 -11.57 12.67
CA PHE A 137 -22.90 -11.99 12.23
C PHE A 137 -23.71 -10.78 11.76
N ASP A 138 -23.13 -9.97 10.87
CA ASP A 138 -23.69 -8.66 10.54
C ASP A 138 -24.30 -8.69 9.15
N GLN A 139 -25.42 -7.97 9.00
CA GLN A 139 -26.11 -7.80 7.73
C GLN A 139 -26.04 -6.34 7.34
N GLN A 140 -25.59 -6.06 6.12
CA GLN A 140 -25.41 -4.70 5.64
C GLN A 140 -26.43 -4.38 4.55
N ASN A 141 -26.93 -3.16 4.57
CA ASN A 141 -27.95 -2.67 3.63
C ASN A 141 -27.56 -1.31 3.08
N CYS A 142 -26.36 -1.19 2.55
CA CYS A 142 -25.97 0.08 1.95
C CYS A 142 -26.22 0.09 0.46
N THR A 143 -26.49 1.28 -0.07
CA THR A 143 -27.15 1.48 -1.35
C THR A 143 -26.15 1.90 -2.42
N MET A 144 -26.70 2.28 -3.58
CA MET A 144 -25.90 2.68 -4.74
C MET A 144 -26.76 3.66 -5.55
N LYS A 145 -26.56 4.95 -5.31
CA LYS A 145 -27.45 5.98 -5.81
C LYS A 145 -26.93 6.57 -7.12
N LEU A 146 -27.77 6.57 -8.14
CA LEU A 146 -27.42 7.07 -9.46
C LEU A 146 -28.43 8.12 -9.91
N GLY A 147 -27.94 9.11 -10.65
CA GLY A 147 -28.82 10.13 -11.18
C GLY A 147 -28.06 11.06 -12.11
N ILE A 148 -28.83 11.77 -12.94
CA ILE A 148 -28.25 12.73 -13.86
C ILE A 148 -27.73 13.92 -13.08
N TRP A 149 -26.49 14.33 -13.37
CA TRP A 149 -25.84 15.36 -12.56
C TRP A 149 -26.34 16.76 -12.92
N THR A 150 -26.14 17.17 -14.17
CA THR A 150 -26.42 18.55 -14.55
C THR A 150 -27.85 18.78 -15.01
N TYR A 151 -28.51 17.76 -15.54
CA TYR A 151 -29.90 17.91 -15.99
C TYR A 151 -30.86 17.58 -14.85
N ASP A 152 -32.13 17.89 -15.07
CA ASP A 152 -33.20 17.66 -14.11
C ASP A 152 -34.23 16.72 -14.72
N GLY A 153 -35.34 16.53 -14.00
CA GLY A 153 -36.35 15.57 -14.45
C GLY A 153 -37.04 15.99 -15.73
N THR A 154 -37.31 17.29 -15.88
CA THR A 154 -38.06 17.76 -17.04
C THR A 154 -37.22 17.81 -18.31
N LYS A 155 -35.90 17.66 -18.21
CA LYS A 155 -35.03 17.67 -19.37
C LYS A 155 -34.47 16.30 -19.72
N VAL A 156 -34.04 15.53 -18.72
CA VAL A 156 -33.54 14.17 -18.92
C VAL A 156 -34.18 13.30 -17.84
N SER A 157 -35.07 12.40 -18.25
CA SER A 157 -35.79 11.53 -17.33
C SER A 157 -35.21 10.13 -17.40
N ILE A 158 -34.93 9.55 -16.23
CA ILE A 158 -34.41 8.20 -16.14
C ILE A 158 -35.39 7.35 -15.33
N SER A 159 -35.57 6.11 -15.77
CA SER A 159 -36.43 5.16 -15.09
C SER A 159 -35.69 3.82 -15.01
N PRO A 160 -35.95 3.02 -13.98
CA PRO A 160 -35.31 1.70 -13.92
C PRO A 160 -35.79 0.80 -15.04
N GLU A 161 -34.86 0.00 -15.57
CA GLU A 161 -35.22 -0.95 -16.61
C GLU A 161 -36.01 -2.12 -16.03
N SER A 162 -35.58 -2.63 -14.89
CA SER A 162 -36.28 -3.72 -14.23
C SER A 162 -36.46 -3.37 -12.76
N ASP A 163 -37.49 -3.96 -12.15
CA ASP A 163 -37.81 -3.65 -10.76
C ASP A 163 -36.68 -4.08 -9.84
N ARG A 164 -35.88 -5.07 -10.24
CA ARG A 164 -34.75 -5.57 -9.48
C ARG A 164 -33.45 -5.41 -10.27
N PRO A 165 -32.31 -5.31 -9.59
CA PRO A 165 -31.04 -5.39 -10.31
C PRO A 165 -30.85 -6.76 -10.93
N ASP A 166 -30.10 -6.79 -12.02
CA ASP A 166 -29.85 -8.03 -12.74
C ASP A 166 -28.67 -8.75 -12.11
N LEU A 167 -28.93 -9.94 -11.58
CA LEU A 167 -27.90 -10.76 -10.94
C LEU A 167 -27.83 -12.14 -11.59
N SER A 168 -28.16 -12.23 -12.88
CA SER A 168 -28.11 -13.51 -13.57
C SER A 168 -26.69 -14.02 -13.70
N THR A 169 -25.72 -13.13 -13.86
CA THR A 169 -24.32 -13.49 -14.03
C THR A 169 -23.47 -13.01 -12.86
N PHE A 170 -24.04 -13.03 -11.66
CA PHE A 170 -23.33 -12.59 -10.46
C PHE A 170 -22.63 -13.80 -9.83
N MET A 171 -21.30 -13.80 -9.87
CA MET A 171 -20.56 -14.88 -9.26
C MET A 171 -20.60 -14.75 -7.74
N GLU A 172 -20.45 -15.89 -7.06
CA GLU A 172 -20.49 -15.91 -5.60
C GLU A 172 -19.33 -15.09 -5.02
N SER A 173 -19.62 -14.37 -3.94
CA SER A 173 -18.60 -13.51 -3.35
C SER A 173 -17.55 -14.31 -2.59
N GLY A 174 -17.97 -15.37 -1.90
CA GLY A 174 -17.08 -16.17 -1.10
C GLY A 174 -17.00 -15.77 0.36
N GLU A 175 -17.42 -14.55 0.70
CA GLU A 175 -17.51 -14.14 2.09
C GLU A 175 -18.77 -13.32 2.38
N TRP A 176 -19.64 -13.11 1.41
CA TRP A 176 -20.93 -12.47 1.62
C TRP A 176 -22.01 -13.26 0.89
N VAL A 177 -23.21 -13.28 1.49
CA VAL A 177 -24.38 -13.89 0.88
C VAL A 177 -25.48 -12.83 0.82
N MET A 178 -26.18 -12.78 -0.31
CA MET A 178 -27.16 -11.73 -0.57
C MET A 178 -28.57 -12.27 -0.35
N LYS A 179 -29.31 -11.63 0.56
CA LYS A 179 -30.72 -11.99 0.75
C LYS A 179 -31.59 -11.34 -0.32
N ASP A 180 -31.60 -10.01 -0.38
CA ASP A 180 -32.49 -9.27 -1.25
C ASP A 180 -31.74 -8.18 -1.97
N TYR A 181 -32.16 -7.91 -3.20
CA TYR A 181 -31.67 -6.79 -3.99
C TYR A 181 -32.87 -6.13 -4.66
N ARG A 182 -32.86 -4.80 -4.70
CA ARG A 182 -34.09 -4.09 -5.03
C ARG A 182 -33.72 -2.76 -5.68
N GLY A 183 -34.63 -2.24 -6.50
CA GLY A 183 -34.39 -0.98 -7.17
C GLY A 183 -35.55 -0.01 -7.05
N TRP A 184 -35.27 1.20 -6.55
CA TRP A 184 -36.29 2.21 -6.32
C TRP A 184 -35.92 3.51 -7.00
N LYS A 185 -36.94 4.27 -7.40
CA LYS A 185 -36.78 5.56 -8.05
C LYS A 185 -37.50 6.62 -7.24
N HIS A 186 -36.84 7.75 -7.01
CA HIS A 186 -37.35 8.80 -6.13
C HIS A 186 -37.51 10.11 -6.90
N TRP A 187 -38.64 10.77 -6.67
CA TRP A 187 -38.86 12.14 -7.13
C TRP A 187 -38.69 13.09 -5.96
N VAL A 188 -37.91 14.15 -6.16
CA VAL A 188 -37.71 15.17 -5.16
C VAL A 188 -37.99 16.53 -5.77
N TYR A 189 -38.77 17.34 -5.06
CA TYR A 189 -39.12 18.68 -5.49
C TYR A 189 -38.58 19.69 -4.49
N TYR A 190 -38.27 20.90 -4.99
CA TYR A 190 -37.61 21.91 -4.19
C TYR A 190 -38.52 23.12 -4.01
N THR A 191 -38.30 23.84 -2.90
CA THR A 191 -39.14 24.98 -2.53
C THR A 191 -38.99 26.14 -3.52
N CYS A 192 -37.97 26.10 -4.37
CA CYS A 192 -37.95 26.93 -5.56
C CYS A 192 -39.23 26.79 -6.35
N CYS A 193 -39.41 25.55 -6.83
CA CYS A 193 -39.35 25.19 -8.25
C CYS A 193 -40.53 24.24 -8.46
N PRO A 194 -41.76 24.76 -8.43
CA PRO A 194 -42.93 23.91 -8.10
C PRO A 194 -43.19 22.78 -9.08
N ASP A 195 -42.69 22.85 -10.30
CA ASP A 195 -42.96 21.84 -11.30
C ASP A 195 -41.68 21.38 -11.97
N THR A 196 -40.62 21.19 -11.19
CA THR A 196 -39.33 20.73 -11.68
C THR A 196 -38.88 19.54 -10.83
N PRO A 197 -39.27 18.33 -11.22
CA PRO A 197 -38.85 17.16 -10.46
C PRO A 197 -37.38 16.83 -10.71
N TYR A 198 -36.77 16.18 -9.72
CA TYR A 198 -35.39 15.71 -9.82
C TYR A 198 -35.39 14.22 -9.55
N LEU A 199 -34.79 13.47 -10.47
CA LEU A 199 -34.94 12.01 -10.51
C LEU A 199 -33.63 11.32 -10.16
N ASP A 200 -33.76 10.15 -9.54
CA ASP A 200 -32.63 9.30 -9.25
C ASP A 200 -33.11 7.86 -9.11
N ILE A 201 -32.17 6.92 -9.20
CA ILE A 201 -32.46 5.50 -9.03
C ILE A 201 -31.50 4.95 -7.98
N THR A 202 -32.05 4.36 -6.92
CA THR A 202 -31.27 3.85 -5.81
C THR A 202 -31.36 2.33 -5.79
N TYR A 203 -30.22 1.66 -5.87
CA TYR A 203 -30.13 0.21 -5.83
C TYR A 203 -29.48 -0.19 -4.51
N HIS A 204 -30.16 -1.01 -3.72
CA HIS A 204 -29.64 -1.47 -2.45
C HIS A 204 -29.59 -2.99 -2.43
N PHE A 205 -28.51 -3.53 -1.88
CA PHE A 205 -28.30 -4.97 -1.81
C PHE A 205 -28.14 -5.38 -0.36
N ILE A 206 -28.97 -6.33 0.08
CA ILE A 206 -28.91 -6.83 1.45
C ILE A 206 -27.78 -7.86 1.52
N MET A 207 -26.69 -7.51 2.18
CA MET A 207 -25.49 -8.33 2.24
C MET A 207 -25.31 -8.88 3.65
N GLN A 208 -25.21 -10.20 3.76
CA GLN A 208 -24.91 -10.85 5.02
C GLN A 208 -23.55 -11.51 4.94
N ARG A 209 -22.69 -11.21 5.90
CA ARG A 209 -21.37 -11.80 5.95
C ARG A 209 -21.47 -13.29 6.26
N ILE A 210 -20.64 -14.09 5.60
CA ILE A 210 -20.55 -15.51 5.89
C ILE A 210 -19.65 -15.68 7.10
N PRO A 211 -20.20 -16.03 8.26
CA PRO A 211 -19.41 -16.08 9.50
C PRO A 211 -18.75 -17.44 9.75
N LEU A 212 -17.70 -17.71 9.01
CA LEU A 212 -16.93 -18.92 9.25
C LEU A 212 -15.45 -18.62 9.44
N TYR A 213 -14.91 -17.63 8.72
CA TYR A 213 -13.52 -17.23 8.92
C TYR A 213 -13.30 -16.68 10.33
N PHE A 214 -14.14 -15.72 10.72
CA PHE A 214 -13.96 -15.09 12.03
C PHE A 214 -14.32 -16.04 13.17
N VAL A 215 -15.28 -16.93 12.96
CA VAL A 215 -15.65 -17.87 14.03
C VAL A 215 -14.50 -18.83 14.31
N VAL A 216 -13.86 -19.36 13.26
CA VAL A 216 -12.82 -20.38 13.47
C VAL A 216 -11.42 -19.80 13.55
N ASN A 217 -11.26 -18.49 13.39
CA ASN A 217 -9.95 -17.87 13.58
C ASN A 217 -9.90 -16.85 14.72
N VAL A 218 -11.05 -16.37 15.20
CA VAL A 218 -11.10 -15.23 16.10
C VAL A 218 -11.88 -15.57 17.36
N ILE A 219 -12.82 -16.51 17.26
CA ILE A 219 -13.75 -16.81 18.34
C ILE A 219 -13.37 -18.08 19.07
N ILE A 220 -13.01 -19.14 18.34
CA ILE A 220 -12.65 -20.40 19.00
C ILE A 220 -11.45 -20.23 19.92
N PRO A 221 -10.36 -19.55 19.53
CA PRO A 221 -9.30 -19.28 20.52
C PRO A 221 -9.79 -18.48 21.72
N CYS A 222 -10.72 -17.54 21.51
CA CYS A 222 -11.30 -16.84 22.66
C CYS A 222 -12.05 -17.80 23.57
N LEU A 223 -12.80 -18.75 22.99
CA LEU A 223 -13.48 -19.74 23.79
C LEU A 223 -12.49 -20.57 24.60
N LEU A 224 -11.39 -20.99 23.96
CA LEU A 224 -10.39 -21.79 24.64
C LEU A 224 -9.76 -21.01 25.79
N PHE A 225 -9.42 -19.74 25.56
CA PHE A 225 -8.81 -18.94 26.61
C PHE A 225 -9.79 -18.71 27.76
N SER A 226 -11.06 -18.45 27.45
CA SER A 226 -12.05 -18.26 28.50
C SER A 226 -12.24 -19.52 29.33
N PHE A 227 -12.21 -20.69 28.67
CA PHE A 227 -12.33 -21.93 29.42
C PHE A 227 -11.10 -22.18 30.28
N LEU A 228 -9.91 -21.89 29.75
CA LEU A 228 -8.68 -22.21 30.48
C LEU A 228 -8.46 -21.27 31.66
N THR A 229 -8.83 -19.99 31.52
CA THR A 229 -8.49 -19.02 32.57
C THR A 229 -9.21 -19.30 33.87
N GLY A 230 -10.40 -19.89 33.81
CA GLY A 230 -11.12 -20.24 35.02
C GLY A 230 -10.78 -21.59 35.60
N LEU A 231 -9.86 -22.33 34.97
CA LEU A 231 -9.51 -23.67 35.41
C LEU A 231 -8.30 -23.69 36.33
N VAL A 232 -7.63 -22.56 36.51
CA VAL A 232 -6.47 -22.50 37.40
C VAL A 232 -6.87 -22.85 38.83
N PHE A 233 -8.13 -22.62 39.20
CA PHE A 233 -8.57 -22.85 40.57
C PHE A 233 -8.61 -24.33 40.92
N TYR A 234 -8.59 -25.23 39.94
CA TYR A 234 -8.41 -26.64 40.23
C TYR A 234 -6.96 -26.98 40.55
N LEU A 235 -6.02 -26.16 40.12
CA LEU A 235 -4.61 -26.44 40.38
C LEU A 235 -4.28 -26.07 41.81
N PRO A 236 -3.73 -27.00 42.60
CA PRO A 236 -3.50 -26.72 44.02
C PRO A 236 -2.47 -25.64 44.25
N THR A 237 -2.64 -24.89 45.33
CA THR A 237 -1.73 -23.80 45.67
C THR A 237 -0.36 -24.32 46.10
N ASP A 238 -0.29 -25.58 46.55
CA ASP A 238 0.97 -26.12 47.06
C ASP A 238 2.10 -25.96 46.06
N SER A 239 1.84 -26.28 44.78
CA SER A 239 2.79 -25.97 43.73
C SER A 239 2.74 -24.47 43.43
N GLY A 240 3.91 -23.84 43.38
CA GLY A 240 3.96 -22.45 43.00
C GLY A 240 3.71 -22.32 41.52
N GLU A 241 2.50 -22.66 41.09
CA GLU A 241 2.23 -22.86 39.69
C GLU A 241 0.91 -22.25 39.23
N LYS A 242 0.04 -21.80 40.14
CA LYS A 242 -1.16 -21.07 39.73
C LYS A 242 -0.79 -19.77 39.02
N MET A 243 0.17 -19.04 39.57
CA MET A 243 0.50 -17.72 39.04
C MET A 243 1.03 -17.82 37.62
N THR A 244 1.96 -18.76 37.37
CA THR A 244 2.53 -18.87 36.04
C THR A 244 1.46 -19.25 35.02
N LEU A 245 0.59 -20.21 35.36
CA LEU A 245 -0.46 -20.61 34.44
C LEU A 245 -1.39 -19.45 34.11
N SER A 246 -1.84 -18.73 35.14
CA SER A 246 -2.83 -17.69 34.91
C SER A 246 -2.22 -16.49 34.17
N ILE A 247 -1.03 -16.05 34.59
CA ILE A 247 -0.41 -14.91 33.92
C ILE A 247 0.01 -15.26 32.51
N SER A 248 0.39 -16.52 32.26
CA SER A 248 0.80 -16.92 30.92
C SER A 248 -0.39 -17.11 30.00
N VAL A 249 -1.53 -17.58 30.49
CA VAL A 249 -2.71 -17.59 29.65
C VAL A 249 -3.17 -16.16 29.36
N LEU A 250 -3.00 -15.24 30.33
CA LEU A 250 -3.26 -13.84 30.05
C LEU A 250 -2.34 -13.30 28.97
N LEU A 251 -1.05 -13.67 29.02
CA LEU A 251 -0.10 -13.19 28.02
C LEU A 251 -0.41 -13.75 26.63
N SER A 252 -0.77 -15.04 26.57
CA SER A 252 -1.19 -15.63 25.30
C SER A 252 -2.42 -14.93 24.76
N LEU A 253 -3.36 -14.59 25.64
CA LEU A 253 -4.53 -13.86 25.22
C LEU A 253 -4.18 -12.45 24.76
N THR A 254 -3.13 -11.86 25.33
CA THR A 254 -2.66 -10.56 24.85
C THR A 254 -2.08 -10.66 23.44
N VAL A 255 -1.31 -11.72 23.17
CA VAL A 255 -0.83 -11.94 21.80
C VAL A 255 -2.02 -12.15 20.86
N PHE A 256 -3.03 -12.89 21.31
CA PHE A 256 -4.22 -13.06 20.50
C PHE A 256 -4.96 -11.74 20.32
N LEU A 257 -4.87 -10.84 21.29
CA LEU A 257 -5.41 -9.49 21.11
C LEU A 257 -4.66 -8.75 20.01
N LEU A 258 -3.34 -8.90 19.97
CA LEU A 258 -2.55 -8.32 18.89
C LEU A 258 -3.06 -8.82 17.53
N VAL A 259 -3.20 -10.14 17.40
CA VAL A 259 -3.62 -10.67 16.10
C VAL A 259 -5.07 -10.28 15.78
N ILE A 260 -5.94 -10.26 16.79
CA ILE A 260 -7.35 -9.95 16.54
C ILE A 260 -7.49 -8.52 16.08
N VAL A 261 -6.72 -7.59 16.66
CA VAL A 261 -6.81 -6.21 16.23
C VAL A 261 -6.11 -6.03 14.89
N GLU A 262 -5.15 -6.91 14.57
CA GLU A 262 -4.61 -6.93 13.21
C GLU A 262 -5.66 -7.41 12.20
N LEU A 263 -6.62 -8.21 12.65
CA LEU A 263 -7.63 -8.77 11.76
C LEU A 263 -8.94 -7.98 11.74
N ILE A 264 -9.48 -7.65 12.91
CA ILE A 264 -10.79 -6.99 13.01
C ILE A 264 -10.71 -5.58 12.41
N PRO A 265 -11.74 -5.13 11.71
CA PRO A 265 -11.75 -3.74 11.22
C PRO A 265 -11.66 -2.75 12.36
N SER A 266 -10.95 -1.64 12.11
CA SER A 266 -10.64 -0.64 13.12
C SER A 266 -11.69 0.45 13.22
N THR A 267 -12.91 0.21 12.74
CA THR A 267 -13.97 1.21 12.83
C THR A 267 -14.42 1.38 14.27
N SER A 268 -14.84 2.60 14.61
CA SER A 268 -15.21 2.94 15.98
C SER A 268 -16.65 3.45 16.07
N SER A 269 -17.50 3.09 15.11
CA SER A 269 -18.90 3.51 15.18
C SER A 269 -19.59 2.92 16.39
N ALA A 270 -19.36 1.64 16.66
CA ALA A 270 -19.93 0.97 17.82
C ALA A 270 -19.07 -0.23 18.17
N VAL A 271 -19.21 -0.71 19.39
CA VAL A 271 -18.46 -1.89 19.81
C VAL A 271 -19.06 -3.14 19.15
N PRO A 272 -18.25 -3.95 18.47
CA PRO A 272 -18.80 -5.15 17.82
C PRO A 272 -18.95 -6.28 18.83
N LEU A 273 -19.62 -7.34 18.38
CA LEU A 273 -19.81 -8.51 19.23
C LEU A 273 -18.47 -9.15 19.58
N ILE A 274 -17.55 -9.23 18.62
CA ILE A 274 -16.22 -9.75 18.89
C ILE A 274 -15.49 -8.88 19.90
N GLY A 275 -15.60 -7.56 19.75
CA GLY A 275 -14.98 -6.66 20.72
C GLY A 275 -15.56 -6.81 22.11
N LYS A 276 -16.88 -6.93 22.19
CA LYS A 276 -17.53 -7.16 23.49
C LYS A 276 -17.06 -8.47 24.10
N TYR A 277 -16.95 -9.53 23.29
CA TYR A 277 -16.49 -10.80 23.82
C TYR A 277 -15.06 -10.73 24.31
N MET A 278 -14.18 -10.07 23.56
CA MET A 278 -12.78 -9.97 24.01
C MET A 278 -12.66 -9.11 25.25
N LEU A 279 -13.45 -8.03 25.34
CA LEU A 279 -13.43 -7.24 26.57
C LEU A 279 -13.93 -8.05 27.77
N PHE A 280 -14.98 -8.85 27.55
CA PHE A 280 -15.47 -9.74 28.59
C PHE A 280 -14.38 -10.73 29.01
N THR A 281 -13.64 -11.27 28.05
CA THR A 281 -12.62 -12.25 28.36
C THR A 281 -11.44 -11.61 29.08
N MET A 282 -11.07 -10.39 28.68
CA MET A 282 -10.08 -9.63 29.43
C MET A 282 -10.49 -9.46 30.89
N ILE A 283 -11.72 -9.01 31.11
CA ILE A 283 -12.18 -8.80 32.49
C ILE A 283 -12.21 -10.11 33.25
N PHE A 284 -12.61 -11.19 32.58
CA PHE A 284 -12.65 -12.50 33.21
C PHE A 284 -11.26 -12.95 33.65
N VAL A 285 -10.27 -12.79 32.76
CA VAL A 285 -8.90 -13.19 33.10
C VAL A 285 -8.34 -12.34 34.23
N ILE A 286 -8.58 -11.03 34.18
CA ILE A 286 -8.06 -10.16 35.24
C ILE A 286 -8.70 -10.53 36.58
N SER A 287 -10.02 -10.75 36.59
CA SER A 287 -10.69 -11.15 37.81
C SER A 287 -10.13 -12.47 38.33
N SER A 288 -9.79 -13.39 37.42
CA SER A 288 -9.13 -14.62 37.84
C SER A 288 -7.77 -14.32 38.47
N ILE A 289 -7.06 -13.32 37.95
CA ILE A 289 -5.77 -12.95 38.54
C ILE A 289 -5.94 -12.50 39.99
N ILE A 290 -6.88 -11.56 40.21
CA ILE A 290 -7.09 -11.08 41.58
C ILE A 290 -7.57 -12.21 42.50
N ILE A 291 -8.46 -13.05 42.01
CA ILE A 291 -8.99 -14.12 42.85
C ILE A 291 -7.89 -15.13 43.19
N THR A 292 -7.04 -15.45 42.22
CA THR A 292 -5.91 -16.34 42.50
C THR A 292 -4.96 -15.72 43.50
N VAL A 293 -4.70 -14.41 43.38
CA VAL A 293 -3.81 -13.75 44.32
C VAL A 293 -4.37 -13.80 45.74
N VAL A 294 -5.67 -13.53 45.89
CA VAL A 294 -6.24 -13.55 47.24
C VAL A 294 -6.29 -14.98 47.77
N VAL A 295 -6.50 -15.98 46.91
CA VAL A 295 -6.45 -17.36 47.36
C VAL A 295 -5.06 -17.72 47.86
N ILE A 296 -4.03 -17.33 47.11
CA ILE A 296 -2.66 -17.63 47.50
C ILE A 296 -2.33 -16.94 48.83
N ASN A 297 -2.77 -15.69 48.99
CA ASN A 297 -2.58 -15.01 50.26
C ASN A 297 -3.30 -15.73 51.40
N THR A 298 -4.48 -16.29 51.12
CA THR A 298 -5.18 -17.07 52.13
C THR A 298 -4.39 -18.33 52.51
N HIS A 299 -3.82 -19.00 51.52
CA HIS A 299 -3.14 -20.28 51.77
C HIS A 299 -1.95 -20.09 52.70
N HIS A 300 -1.07 -19.14 52.40
CA HIS A 300 0.15 -18.92 53.18
C HIS A 300 -0.09 -17.85 54.24
N ARG A 301 -1.09 -18.10 55.09
CA ARG A 301 -1.44 -17.13 56.12
C ARG A 301 -0.72 -17.44 57.44
N SER A 302 -0.98 -18.60 58.02
CA SER A 302 -0.33 -19.12 59.23
C SER A 302 -0.60 -18.26 60.46
N PRO A 303 -0.64 -18.84 61.67
CA PRO A 303 -0.72 -18.07 62.91
C PRO A 303 0.45 -17.08 63.05
N HIS A 306 -1.62 -14.60 62.92
CA HIS A 306 -3.03 -14.32 63.17
C HIS A 306 -3.85 -15.61 63.17
N THR A 307 -4.91 -15.63 63.97
CA THR A 307 -5.72 -16.82 64.15
C THR A 307 -6.87 -16.86 63.14
N MET A 308 -7.34 -18.07 62.86
CA MET A 308 -8.45 -18.26 61.95
C MET A 308 -9.76 -17.96 62.68
N PRO A 309 -10.57 -17.00 62.22
CA PRO A 309 -11.84 -16.67 62.86
C PRO A 309 -12.89 -17.77 62.68
N TRP A 311 -15.99 -17.74 62.35
CA TRP A 311 -17.15 -17.87 61.48
C TRP A 311 -16.74 -18.44 60.13
N VAL A 312 -15.47 -18.27 59.77
CA VAL A 312 -14.94 -18.85 58.53
C VAL A 312 -15.01 -20.37 58.60
N ARG A 313 -14.53 -20.95 59.71
CA ARG A 313 -14.61 -22.39 59.88
C ARG A 313 -16.03 -22.88 60.08
N LYS A 314 -16.95 -21.99 60.45
CA LYS A 314 -18.35 -22.39 60.62
C LYS A 314 -19.02 -22.62 59.28
N ILE A 315 -18.59 -21.89 58.24
CA ILE A 315 -19.23 -21.96 56.93
C ILE A 315 -18.37 -22.80 55.98
N PHE A 316 -17.06 -22.80 56.18
CA PHE A 316 -16.13 -23.49 55.30
C PHE A 316 -15.65 -24.83 55.86
N ILE A 317 -15.85 -25.09 57.15
CA ILE A 317 -15.46 -26.36 57.74
C ILE A 317 -16.62 -26.98 58.50
N THR A 319 -20.01 -25.50 56.53
CA THR A 319 -21.23 -26.11 56.02
C THR A 319 -21.16 -26.33 54.52
N ILE A 320 -20.25 -25.62 53.86
CA ILE A 320 -20.09 -25.78 52.42
C ILE A 320 -19.63 -27.18 52.04
N PRO A 321 -18.61 -27.78 52.67
CA PRO A 321 -18.22 -29.14 52.28
C PRO A 321 -19.31 -30.17 52.47
N ASN A 322 -20.27 -29.93 53.37
CA ASN A 322 -21.31 -30.90 53.65
C ASN A 322 -22.43 -30.91 52.61
N VAL A 323 -22.43 -29.97 51.66
CA VAL A 323 -23.47 -29.89 50.65
C VAL A 323 -22.94 -30.26 49.26
N MET A 324 -21.73 -30.82 49.17
CA MET A 324 -21.18 -31.24 47.90
C MET A 324 -21.30 -32.76 47.73
N GLU A 397 -2.73 -25.56 58.91
CA GLU A 397 -3.27 -26.62 58.08
C GLU A 397 -4.74 -26.36 57.73
N GLU A 398 -5.43 -25.63 58.61
CA GLU A 398 -6.81 -25.26 58.34
C GLU A 398 -6.91 -24.24 57.22
N TRP A 399 -5.91 -23.36 57.11
CA TRP A 399 -5.91 -22.38 56.03
C TRP A 399 -5.82 -23.06 54.67
N LYS A 400 -5.03 -24.13 54.58
CA LYS A 400 -4.96 -24.88 53.33
C LYS A 400 -6.30 -25.50 52.99
N TYR A 401 -6.99 -26.05 53.98
CA TYR A 401 -8.30 -26.66 53.74
C TYR A 401 -9.33 -25.62 53.28
N VAL A 402 -9.36 -24.46 53.94
CA VAL A 402 -10.31 -23.43 53.53
C VAL A 402 -9.94 -22.90 52.15
N ALA A 403 -8.64 -22.80 51.83
CA ALA A 403 -8.24 -22.38 50.49
C ALA A 403 -8.69 -23.39 49.44
N MET A 404 -8.59 -24.68 49.75
CA MET A 404 -9.05 -25.71 48.83
C MET A 404 -10.55 -25.60 48.59
N VAL A 405 -11.32 -25.41 49.67
CA VAL A 405 -12.77 -25.29 49.53
C VAL A 405 -13.11 -24.04 48.70
N ILE A 406 -12.44 -22.93 48.98
CA ILE A 406 -12.67 -21.70 48.23
C ILE A 406 -12.31 -21.89 46.76
N ASP A 407 -11.23 -22.62 46.49
CA ASP A 407 -10.82 -22.86 45.10
C ASP A 407 -11.86 -23.67 44.35
N HIS A 408 -12.40 -24.73 44.97
CA HIS A 408 -13.43 -25.49 44.28
C HIS A 408 -14.71 -24.68 44.08
N ILE A 409 -15.10 -23.88 45.08
CA ILE A 409 -16.27 -23.01 44.91
C ILE A 409 -16.05 -22.06 43.74
N LEU A 410 -14.87 -21.45 43.68
CA LEU A 410 -14.59 -20.47 42.63
C LEU A 410 -14.47 -21.14 41.27
N LEU A 411 -13.92 -22.35 41.21
CA LEU A 411 -13.85 -23.07 39.94
C LEU A 411 -15.24 -23.36 39.42
N CYS A 412 -16.14 -23.82 40.29
CA CYS A 412 -17.51 -24.09 39.86
C CYS A 412 -18.19 -22.81 39.37
N VAL A 413 -18.12 -21.74 40.18
CA VAL A 413 -18.83 -20.52 39.82
C VAL A 413 -18.21 -19.88 38.58
N PHE A 414 -16.89 -20.04 38.38
CA PHE A 414 -16.24 -19.44 37.23
C PHE A 414 -16.53 -20.21 35.95
N MET A 415 -16.61 -21.54 36.03
CA MET A 415 -17.10 -22.30 34.88
C MET A 415 -18.52 -21.89 34.52
N LEU A 416 -19.39 -21.75 35.53
CA LEU A 416 -20.75 -21.33 35.26
C LEU A 416 -20.79 -19.94 34.62
N ILE A 417 -20.01 -18.99 35.16
CA ILE A 417 -19.99 -17.64 34.61
C ILE A 417 -19.47 -17.66 33.18
N CYS A 418 -18.41 -18.42 32.93
CA CYS A 418 -17.85 -18.49 31.58
C CYS A 418 -18.88 -19.01 30.59
N ILE A 419 -19.57 -20.10 30.93
CA ILE A 419 -20.51 -20.68 29.98
C ILE A 419 -21.71 -19.77 29.77
N ILE A 420 -22.24 -19.17 30.85
CA ILE A 420 -23.41 -18.32 30.68
C ILE A 420 -23.06 -17.05 29.92
N GLY A 421 -21.87 -16.49 30.17
CA GLY A 421 -21.45 -15.31 29.42
C GLY A 421 -21.21 -15.61 27.96
N THR A 422 -20.59 -16.76 27.66
CA THR A 422 -20.41 -17.14 26.27
C THR A 422 -21.75 -17.32 25.56
N VAL A 423 -22.71 -17.96 26.24
CA VAL A 423 -24.03 -18.12 25.63
C VAL A 423 -24.71 -16.78 25.43
N SER A 424 -24.63 -15.89 26.42
CA SER A 424 -25.39 -14.65 26.41
C SER A 424 -24.82 -13.63 25.43
N VAL A 425 -23.50 -13.57 25.28
CA VAL A 425 -22.92 -12.57 24.39
C VAL A 425 -23.32 -12.84 22.94
N PHE A 426 -23.44 -14.12 22.57
CA PHE A 426 -23.88 -14.50 21.24
C PHE A 426 -25.36 -14.86 21.18
N ALA A 427 -26.08 -14.74 22.30
CA ALA A 427 -27.52 -14.93 22.29
C ALA A 427 -28.18 -13.78 21.55
N GLY A 428 -28.89 -14.11 20.47
CA GLY A 428 -29.41 -13.08 19.59
C GLY A 428 -28.58 -13.04 18.32
N ARG A 429 -29.26 -12.85 17.17
CA ARG A 429 -28.63 -12.84 15.85
C ARG A 429 -28.16 -14.26 15.49
N LEU A 430 -28.28 -15.18 16.44
CA LEU A 430 -28.07 -16.61 16.19
C LEU A 430 -29.29 -17.44 16.55
N ILE A 431 -30.26 -16.90 17.25
CA ILE A 431 -31.45 -17.62 17.65
C ILE A 431 -32.65 -17.20 16.80
N SER B 1 9.80 4.01 -46.85
CA SER B 1 10.10 4.19 -48.26
C SER B 1 8.97 4.95 -48.96
N VAL B 2 9.23 5.37 -50.20
CA VAL B 2 8.21 6.11 -50.95
C VAL B 2 7.07 5.18 -51.36
N MET B 3 7.38 3.94 -51.74
CA MET B 3 6.34 3.02 -52.17
C MET B 3 5.46 2.60 -50.99
N GLU B 4 6.04 2.44 -49.80
CA GLU B 4 5.24 2.15 -48.63
C GLU B 4 4.30 3.31 -48.31
N ASP B 5 4.79 4.55 -48.44
CA ASP B 5 3.93 5.71 -48.24
C ASP B 5 2.79 5.73 -49.25
N THR B 6 3.10 5.43 -50.51
CA THR B 6 2.06 5.40 -51.54
C THR B 6 1.01 4.34 -51.24
N LEU B 7 1.45 3.14 -50.83
CA LEU B 7 0.50 2.08 -50.49
C LEU B 7 -0.35 2.46 -49.29
N LEU B 8 0.26 3.07 -48.27
CA LEU B 8 -0.51 3.47 -47.10
C LEU B 8 -1.53 4.54 -47.44
N SER B 9 -1.15 5.49 -48.30
CA SER B 9 -2.10 6.52 -48.73
C SER B 9 -3.24 5.91 -49.53
N VAL B 10 -2.95 4.93 -50.40
CA VAL B 10 -3.99 4.31 -51.20
C VAL B 10 -4.94 3.51 -50.33
N LEU B 11 -4.40 2.75 -49.36
CA LEU B 11 -5.23 1.87 -48.56
C LEU B 11 -6.18 2.65 -47.65
N PHE B 12 -5.72 3.76 -47.08
CA PHE B 12 -6.48 4.51 -46.10
C PHE B 12 -7.11 5.77 -46.66
N GLU B 13 -7.49 5.75 -47.94
CA GLU B 13 -8.15 6.92 -48.53
C GLU B 13 -9.60 7.03 -48.09
N THR B 14 -10.28 5.90 -47.90
CA THR B 14 -11.68 5.89 -47.48
C THR B 14 -11.94 4.80 -46.45
N TYR B 15 -10.94 4.47 -45.64
CA TYR B 15 -11.05 3.41 -44.65
C TYR B 15 -11.13 4.00 -43.26
N ASN B 16 -12.18 3.64 -42.52
CA ASN B 16 -12.34 4.07 -41.15
C ASN B 16 -12.37 2.86 -40.22
N PRO B 17 -11.62 2.87 -39.12
CA PRO B 17 -11.54 1.71 -38.24
C PRO B 17 -12.75 1.51 -37.34
N LYS B 18 -13.83 2.25 -37.53
CA LYS B 18 -15.04 2.08 -36.74
C LYS B 18 -16.11 1.28 -37.48
N VAL B 19 -15.78 0.68 -38.61
CA VAL B 19 -16.73 -0.09 -39.41
C VAL B 19 -16.22 -1.52 -39.50
N ARG B 20 -17.07 -2.47 -39.13
CA ARG B 20 -16.70 -3.87 -39.19
C ARG B 20 -16.63 -4.32 -40.66
N PRO B 21 -15.59 -5.04 -41.07
CA PRO B 21 -15.50 -5.49 -42.46
C PRO B 21 -16.59 -6.51 -42.77
N ALA B 22 -17.16 -6.38 -43.97
CA ALA B 22 -18.22 -7.29 -44.40
C ALA B 22 -18.37 -7.21 -45.92
N GLN B 23 -18.06 -8.30 -46.61
CA GLN B 23 -18.35 -8.36 -48.05
C GLN B 23 -19.83 -8.17 -48.32
N THR B 24 -20.68 -8.84 -47.56
CA THR B 24 -22.13 -8.76 -47.73
C THR B 24 -22.76 -8.47 -46.38
N VAL B 25 -23.93 -7.82 -46.43
CA VAL B 25 -24.63 -7.46 -45.20
C VAL B 25 -24.93 -8.72 -44.41
N GLY B 26 -24.54 -8.74 -43.15
CA GLY B 26 -24.75 -9.89 -42.28
C GLY B 26 -23.61 -10.87 -42.23
N ASP B 27 -22.49 -10.58 -42.88
CA ASP B 27 -21.35 -11.49 -42.86
C ASP B 27 -20.68 -11.48 -41.49
N LYS B 28 -20.00 -12.59 -41.19
CA LYS B 28 -19.30 -12.76 -39.92
C LYS B 28 -17.80 -12.73 -40.14
N VAL B 29 -17.09 -12.07 -39.25
CA VAL B 29 -15.63 -11.99 -39.30
C VAL B 29 -15.07 -13.02 -38.34
N THR B 30 -14.32 -13.99 -38.87
CA THR B 30 -13.74 -15.04 -38.06
C THR B 30 -12.47 -14.53 -37.40
N VAL B 31 -12.51 -14.36 -36.08
CA VAL B 31 -11.38 -13.86 -35.31
C VAL B 31 -10.78 -15.03 -34.55
N ARG B 32 -9.49 -15.25 -34.72
CA ARG B 32 -8.78 -16.32 -34.02
C ARG B 32 -8.10 -15.74 -32.78
N VAL B 33 -8.40 -16.32 -31.63
CA VAL B 33 -7.90 -15.83 -30.35
C VAL B 33 -6.91 -16.84 -29.80
N GLY B 34 -5.69 -16.37 -29.49
CA GLY B 34 -4.69 -17.20 -28.87
C GLY B 34 -4.01 -16.45 -27.75
N LEU B 35 -3.20 -17.19 -26.98
CA LEU B 35 -2.55 -16.61 -25.82
C LEU B 35 -1.22 -17.31 -25.59
N THR B 36 -0.15 -16.52 -25.45
CA THR B 36 1.14 -17.01 -25.02
C THR B 36 1.44 -16.42 -23.65
N LEU B 37 1.70 -17.29 -22.67
CA LEU B 37 1.88 -16.86 -21.29
C LEU B 37 3.35 -16.61 -21.04
N THR B 38 3.74 -15.33 -20.98
CA THR B 38 5.13 -14.98 -20.75
C THR B 38 5.57 -15.40 -19.35
N ASN B 39 4.74 -15.11 -18.34
CA ASN B 39 5.00 -15.58 -16.99
C ASN B 39 3.74 -15.36 -16.15
N LEU B 40 3.63 -16.15 -15.09
CA LEU B 40 2.52 -16.06 -14.14
C LEU B 40 3.03 -15.33 -12.91
N LEU B 41 2.71 -14.04 -12.82
CA LEU B 41 3.30 -13.18 -11.79
C LEU B 41 2.93 -13.59 -10.38
N ILE B 42 1.65 -13.46 -10.01
CA ILE B 42 1.19 -13.73 -8.65
C ILE B 42 -0.23 -14.26 -8.71
N LEU B 43 -0.62 -15.01 -7.68
CA LEU B 43 -1.99 -15.48 -7.50
C LEU B 43 -2.37 -15.31 -6.02
N ASN B 44 -2.17 -14.11 -5.50
CA ASN B 44 -2.50 -13.85 -4.09
C ASN B 44 -3.97 -14.13 -3.83
N GLU B 45 -4.24 -14.88 -2.76
CA GLU B 45 -5.59 -15.28 -2.43
C GLU B 45 -6.29 -14.35 -1.43
N LYS B 46 -5.58 -13.36 -0.91
CA LYS B 46 -6.22 -12.39 -0.01
C LYS B 46 -7.27 -11.57 -0.76
N ILE B 47 -6.96 -11.18 -2.00
CA ILE B 47 -7.88 -10.44 -2.83
C ILE B 47 -8.47 -11.28 -3.95
N GLU B 48 -8.14 -12.57 -4.01
CA GLU B 48 -8.73 -13.51 -4.98
C GLU B 48 -8.47 -13.02 -6.41
N GLU B 49 -7.19 -13.01 -6.78
CA GLU B 49 -6.73 -12.34 -7.98
C GLU B 49 -5.46 -13.00 -8.51
N MET B 50 -5.38 -13.11 -9.84
CA MET B 50 -4.20 -13.64 -10.52
C MET B 50 -3.69 -12.62 -11.52
N THR B 51 -2.39 -12.34 -11.49
CA THR B 51 -1.76 -11.40 -12.39
C THR B 51 -0.87 -12.15 -13.37
N THR B 52 -1.06 -11.89 -14.67
CA THR B 52 -0.30 -12.55 -15.71
C THR B 52 0.19 -11.53 -16.74
N ASN B 53 1.33 -11.83 -17.34
CA ASN B 53 1.85 -11.08 -18.48
C ASN B 53 1.75 -11.98 -19.71
N VAL B 54 0.91 -11.59 -20.66
CA VAL B 54 0.59 -12.45 -21.79
C VAL B 54 0.65 -11.66 -23.10
N PHE B 55 0.92 -12.39 -24.18
CA PHE B 55 0.75 -11.89 -25.53
C PHE B 55 -0.53 -12.51 -26.09
N LEU B 56 -1.44 -11.66 -26.55
CA LEU B 56 -2.76 -12.10 -26.96
C LEU B 56 -2.81 -12.20 -28.48
N ASN B 57 -2.70 -13.41 -29.00
CA ASN B 57 -2.70 -13.63 -30.44
C ASN B 57 -4.07 -13.34 -31.05
N LEU B 58 -4.07 -12.55 -32.12
CA LEU B 58 -5.28 -12.26 -32.87
C LEU B 58 -5.01 -12.43 -34.36
N ALA B 59 -6.05 -12.83 -35.10
CA ALA B 59 -5.93 -13.00 -36.54
C ALA B 59 -7.32 -12.92 -37.15
N TRP B 60 -7.57 -11.86 -37.91
CA TRP B 60 -8.83 -11.70 -38.63
C TRP B 60 -8.53 -11.21 -40.04
N THR B 61 -9.44 -11.52 -40.96
CA THR B 61 -9.28 -11.16 -42.37
C THR B 61 -10.08 -9.91 -42.67
N ASP B 62 -9.39 -8.84 -43.04
CA ASP B 62 -10.01 -7.57 -43.39
C ASP B 62 -9.82 -7.37 -44.89
N TYR B 63 -10.93 -7.34 -45.63
CA TYR B 63 -10.86 -7.26 -47.09
C TYR B 63 -10.37 -5.90 -47.57
N ARG B 64 -10.59 -4.83 -46.81
CA ARG B 64 -10.22 -3.50 -47.29
C ARG B 64 -8.72 -3.31 -47.37
N LEU B 65 -7.96 -4.01 -46.54
CA LEU B 65 -6.50 -3.89 -46.54
C LEU B 65 -5.85 -5.02 -47.34
N GLN B 66 -6.15 -5.03 -48.64
CA GLN B 66 -5.52 -5.96 -49.57
C GLN B 66 -5.11 -5.21 -50.82
N TRP B 67 -4.00 -5.65 -51.42
CA TRP B 67 -3.43 -4.94 -52.55
C TRP B 67 -2.69 -5.95 -53.43
N ASP B 68 -2.06 -5.43 -54.48
CA ASP B 68 -1.25 -6.24 -55.39
C ASP B 68 0.22 -5.93 -55.15
N PRO B 69 1.00 -6.86 -54.58
CA PRO B 69 2.41 -6.56 -54.33
C PRO B 69 3.22 -6.36 -55.61
N ALA B 70 2.76 -6.88 -56.74
CA ALA B 70 3.50 -6.74 -57.99
C ALA B 70 3.59 -5.28 -58.42
N ALA B 71 2.62 -4.46 -58.03
CA ALA B 71 2.58 -3.05 -58.42
C ALA B 71 3.16 -2.12 -57.37
N TYR B 72 3.72 -2.66 -56.29
CA TYR B 72 4.25 -1.85 -55.20
C TYR B 72 5.64 -2.32 -54.79
N GLU B 73 6.51 -2.56 -55.76
CA GLU B 73 7.90 -2.95 -55.52
C GLU B 73 7.99 -4.24 -54.71
N GLY B 74 7.03 -5.13 -54.91
CA GLY B 74 7.09 -6.45 -54.28
C GLY B 74 7.05 -6.43 -52.77
N ILE B 75 6.18 -5.64 -52.17
CA ILE B 75 6.03 -5.59 -50.73
C ILE B 75 4.81 -6.44 -50.35
N LYS B 76 5.02 -7.40 -49.46
CA LYS B 76 3.99 -8.37 -49.13
C LYS B 76 3.26 -8.06 -47.83
N ASP B 77 3.90 -7.39 -46.88
CA ASP B 77 3.25 -7.09 -45.62
C ASP B 77 3.69 -5.71 -45.12
N LEU B 78 2.87 -5.13 -44.28
CA LEU B 78 3.11 -3.80 -43.71
C LEU B 78 2.86 -3.82 -42.22
N ARG B 79 3.51 -2.89 -41.52
CA ARG B 79 3.31 -2.71 -40.08
C ARG B 79 2.55 -1.41 -39.88
N ILE B 80 1.25 -1.52 -39.64
CA ILE B 80 0.38 -0.36 -39.49
C ILE B 80 0.03 -0.21 -38.02
N PRO B 81 0.08 1.01 -37.46
CA PRO B 81 -0.29 1.19 -36.06
C PRO B 81 -1.72 0.72 -35.80
N SER B 82 -1.94 0.13 -34.62
CA SER B 82 -3.21 -0.50 -34.31
C SER B 82 -4.37 0.47 -34.31
N SER B 83 -4.12 1.77 -34.12
CA SER B 83 -5.19 2.75 -34.10
C SER B 83 -5.68 3.12 -35.50
N ASP B 84 -4.94 2.74 -36.54
CA ASP B 84 -5.32 3.03 -37.91
C ASP B 84 -6.05 1.89 -38.60
N VAL B 85 -6.30 0.78 -37.89
CA VAL B 85 -6.95 -0.39 -38.44
C VAL B 85 -8.02 -0.86 -37.47
N TRP B 86 -9.17 -1.28 -38.01
CA TRP B 86 -10.22 -1.87 -37.19
C TRP B 86 -9.71 -3.14 -36.51
N GLN B 87 -9.98 -3.28 -35.21
CA GLN B 87 -9.72 -4.52 -34.51
C GLN B 87 -10.93 -4.85 -33.65
N PRO B 88 -11.24 -6.13 -33.47
CA PRO B 88 -12.30 -6.51 -32.53
C PRO B 88 -11.89 -6.21 -31.11
N ASP B 89 -12.89 -5.90 -30.27
CA ASP B 89 -12.65 -5.56 -28.88
C ASP B 89 -12.47 -6.83 -28.03
N ILE B 90 -11.46 -7.61 -28.41
CA ILE B 90 -11.12 -8.81 -27.67
C ILE B 90 -10.51 -8.40 -26.34
N VAL B 91 -11.28 -8.52 -25.26
CA VAL B 91 -10.88 -8.02 -23.95
C VAL B 91 -11.08 -9.11 -22.91
N LEU B 92 -10.41 -8.95 -21.78
CA LEU B 92 -10.57 -9.85 -20.65
C LEU B 92 -11.85 -9.48 -19.90
N MET B 93 -12.71 -10.47 -19.67
CA MET B 93 -14.01 -10.19 -19.06
C MET B 93 -13.99 -10.36 -17.55
N ASN B 94 -13.33 -11.40 -17.05
CA ASN B 94 -13.30 -11.67 -15.62
C ASN B 94 -12.05 -11.05 -14.98
N ASN B 95 -11.94 -9.74 -15.13
CA ASN B 95 -10.81 -8.98 -14.59
C ASN B 95 -11.20 -8.37 -13.25
N ASN B 96 -10.34 -8.54 -12.25
CA ASN B 96 -10.65 -8.04 -10.91
C ASN B 96 -10.78 -6.52 -10.90
N ASP B 97 -9.85 -5.83 -11.56
CA ASP B 97 -9.90 -4.37 -11.65
C ASP B 97 -10.69 -3.97 -12.88
N GLY B 98 -10.63 -2.69 -13.23
CA GLY B 98 -11.35 -2.15 -14.38
C GLY B 98 -10.61 -2.17 -15.69
N SER B 99 -9.43 -2.79 -15.75
CA SER B 99 -8.64 -2.82 -16.98
C SER B 99 -9.15 -3.93 -17.88
N PHE B 100 -9.94 -3.55 -18.88
CA PHE B 100 -10.47 -4.51 -19.86
C PHE B 100 -9.58 -4.60 -21.09
N GLU B 101 -9.10 -3.46 -21.57
CA GLU B 101 -8.41 -3.40 -22.86
C GLU B 101 -6.93 -3.75 -22.68
N ILE B 102 -6.31 -4.12 -23.80
CA ILE B 102 -4.91 -4.55 -23.79
C ILE B 102 -4.01 -3.37 -23.41
N THR B 103 -2.99 -3.65 -22.60
CA THR B 103 -2.11 -2.59 -22.12
C THR B 103 -1.26 -2.01 -23.24
N LEU B 104 -0.62 -2.87 -24.03
CA LEU B 104 0.33 -2.43 -25.04
C LEU B 104 -0.29 -2.54 -26.43
N HIS B 105 -0.26 -1.44 -27.18
CA HIS B 105 -0.84 -1.39 -28.52
C HIS B 105 0.28 -1.48 -29.55
N VAL B 106 0.70 -2.72 -29.83
CA VAL B 106 1.68 -2.94 -30.89
C VAL B 106 0.99 -2.78 -32.24
N ASN B 107 1.76 -2.36 -33.25
CA ASN B 107 1.21 -2.17 -34.57
C ASN B 107 0.87 -3.51 -35.22
N VAL B 108 -0.20 -3.51 -36.02
CA VAL B 108 -0.69 -4.74 -36.62
C VAL B 108 0.18 -5.10 -37.82
N LEU B 109 0.04 -6.35 -38.27
CA LEU B 109 0.72 -6.85 -39.46
C LEU B 109 -0.34 -7.31 -40.46
N VAL B 110 -0.35 -6.71 -41.64
CA VAL B 110 -1.33 -7.00 -42.67
C VAL B 110 -0.62 -7.56 -43.89
N GLN B 111 -1.07 -8.71 -44.36
CA GLN B 111 -0.56 -9.30 -45.59
C GLN B 111 -1.28 -8.69 -46.80
N HIS B 112 -0.77 -9.00 -47.99
CA HIS B 112 -1.38 -8.48 -49.21
C HIS B 112 -2.70 -9.15 -49.54
N THR B 113 -3.05 -10.23 -48.85
CA THR B 113 -4.33 -10.90 -49.04
C THR B 113 -5.42 -10.38 -48.12
N GLY B 114 -5.10 -9.43 -47.24
CA GLY B 114 -6.04 -8.91 -46.29
C GLY B 114 -5.95 -9.48 -44.90
N ALA B 115 -5.21 -10.57 -44.72
CA ALA B 115 -5.05 -11.17 -43.40
C ALA B 115 -4.36 -10.20 -42.46
N VAL B 116 -4.90 -10.06 -41.25
CA VAL B 116 -4.39 -9.14 -40.25
C VAL B 116 -3.98 -9.95 -39.03
N SER B 117 -2.83 -9.64 -38.47
CA SER B 117 -2.31 -10.29 -37.28
C SER B 117 -2.02 -9.24 -36.21
N TRP B 118 -2.14 -9.64 -34.96
CA TRP B 118 -1.93 -8.72 -33.84
C TRP B 118 -1.44 -9.51 -32.64
N GLN B 119 -0.34 -9.06 -32.04
CA GLN B 119 0.23 -9.68 -30.85
C GLN B 119 0.47 -8.61 -29.79
N PRO B 120 -0.59 -8.05 -29.23
CA PRO B 120 -0.40 -6.99 -28.22
C PRO B 120 -0.20 -7.56 -26.82
N SER B 121 0.86 -7.12 -26.15
CA SER B 121 1.15 -7.58 -24.80
C SER B 121 0.26 -6.86 -23.79
N ALA B 122 -0.04 -7.54 -22.70
CA ALA B 122 -0.89 -6.96 -21.67
C ALA B 122 -0.52 -7.55 -20.31
N ILE B 123 -0.72 -6.74 -19.27
CA ILE B 123 -0.57 -7.20 -17.89
C ILE B 123 -1.99 -7.36 -17.37
N TYR B 124 -2.52 -8.58 -17.47
CA TYR B 124 -3.91 -8.86 -17.16
C TYR B 124 -4.03 -9.34 -15.72
N ARG B 125 -4.96 -8.72 -14.98
CA ARG B 125 -5.25 -9.07 -13.60
C ARG B 125 -6.67 -9.63 -13.56
N SER B 126 -6.77 -10.95 -13.67
CA SER B 126 -8.05 -11.65 -13.75
C SER B 126 -8.45 -12.18 -12.38
N SER B 127 -9.76 -12.17 -12.11
CA SER B 127 -10.31 -12.68 -10.88
C SER B 127 -10.72 -14.14 -11.05
N CYS B 128 -10.39 -14.97 -10.06
CA CYS B 128 -10.66 -16.39 -10.14
C CYS B 128 -10.86 -16.96 -8.75
N THR B 129 -11.88 -17.81 -8.61
CA THR B 129 -12.23 -18.37 -7.31
C THR B 129 -11.13 -19.29 -6.81
N ILE B 130 -10.88 -19.24 -5.50
CA ILE B 130 -9.81 -20.00 -4.86
C ILE B 130 -10.45 -21.07 -3.99
N LYS B 131 -10.19 -22.33 -4.30
CA LYS B 131 -10.73 -23.47 -3.55
C LYS B 131 -9.82 -23.72 -2.35
N VAL B 132 -10.02 -22.90 -1.31
CA VAL B 132 -9.17 -22.99 -0.11
C VAL B 132 -9.87 -23.93 0.86
N MET B 133 -9.64 -25.23 0.64
CA MET B 133 -9.94 -26.24 1.65
C MET B 133 -8.82 -27.26 1.81
N TYR B 134 -7.91 -27.38 0.83
CA TYR B 134 -6.65 -28.09 1.01
C TYR B 134 -5.46 -27.14 1.09
N PHE B 135 -5.70 -25.86 1.35
CA PHE B 135 -4.60 -24.91 1.42
C PHE B 135 -3.65 -25.29 2.56
N PRO B 136 -2.33 -25.19 2.34
CA PRO B 136 -1.66 -24.75 1.11
C PRO B 136 -1.40 -25.87 0.12
N PHE B 137 -1.78 -27.10 0.46
CA PHE B 137 -1.50 -28.25 -0.40
C PHE B 137 -2.58 -28.38 -1.46
N ASP B 138 -2.83 -27.31 -2.22
CA ASP B 138 -3.97 -27.24 -3.11
C ASP B 138 -3.54 -26.90 -4.52
N TRP B 139 -4.45 -27.16 -5.46
CA TRP B 139 -4.31 -26.75 -6.85
C TRP B 139 -5.51 -25.89 -7.21
N GLN B 140 -5.28 -24.85 -7.99
CA GLN B 140 -6.31 -23.90 -8.34
C GLN B 140 -6.64 -23.98 -9.83
N ASN B 141 -7.94 -23.93 -10.14
CA ASN B 141 -8.39 -23.92 -11.53
C ASN B 141 -8.12 -22.57 -12.17
N CYS B 142 -8.75 -21.52 -11.64
CA CYS B 142 -8.40 -20.13 -11.93
C CYS B 142 -8.44 -19.84 -13.43
N THR B 143 -9.66 -19.87 -13.96
CA THR B 143 -9.91 -19.69 -15.38
C THR B 143 -9.56 -18.27 -15.84
N MET B 144 -9.70 -18.05 -17.15
CA MET B 144 -9.40 -16.76 -17.76
C MET B 144 -10.16 -16.71 -19.09
N VAL B 145 -11.14 -15.83 -19.20
CA VAL B 145 -12.09 -15.82 -20.31
C VAL B 145 -11.85 -14.59 -21.19
N PHE B 146 -11.87 -14.80 -22.51
CA PHE B 146 -11.68 -13.74 -23.49
C PHE B 146 -12.83 -13.74 -24.47
N LYS B 147 -13.35 -12.54 -24.77
CA LYS B 147 -14.41 -12.41 -25.77
C LYS B 147 -14.46 -10.97 -26.24
N SER B 148 -15.11 -10.77 -27.38
CA SER B 148 -15.30 -9.44 -27.94
C SER B 148 -16.39 -8.72 -27.16
N TYR B 149 -16.05 -7.59 -26.54
CA TYR B 149 -16.98 -6.93 -25.64
C TYR B 149 -18.21 -6.42 -26.38
N THR B 150 -18.03 -5.81 -27.55
CA THR B 150 -19.14 -5.16 -28.25
C THR B 150 -19.77 -6.02 -29.34
N TYR B 151 -18.99 -6.79 -30.09
CA TYR B 151 -19.52 -7.65 -31.13
C TYR B 151 -19.94 -8.99 -30.54
N ASP B 152 -21.08 -9.48 -31.00
CA ASP B 152 -21.63 -10.76 -30.55
C ASP B 152 -21.47 -11.80 -31.65
N THR B 153 -22.06 -12.98 -31.43
CA THR B 153 -21.88 -14.10 -32.35
C THR B 153 -22.50 -13.84 -33.72
N SER B 154 -23.34 -12.81 -33.86
CA SER B 154 -23.92 -12.48 -35.15
C SER B 154 -23.05 -11.56 -35.99
N GLU B 155 -21.95 -11.06 -35.43
CA GLU B 155 -21.09 -10.13 -36.15
C GLU B 155 -19.66 -10.65 -36.23
N VAL B 156 -19.22 -11.40 -35.20
CA VAL B 156 -17.92 -12.04 -35.20
C VAL B 156 -18.10 -13.48 -34.73
N THR B 157 -17.16 -14.34 -35.16
CA THR B 157 -17.15 -15.75 -34.78
C THR B 157 -15.76 -16.07 -34.26
N LEU B 158 -15.63 -16.20 -32.94
CA LEU B 158 -14.33 -16.50 -32.34
C LEU B 158 -13.91 -17.93 -32.67
N GLN B 159 -12.60 -18.11 -32.87
CA GLN B 159 -12.04 -19.42 -33.21
C GLN B 159 -10.74 -19.60 -32.44
N HIS B 160 -10.19 -20.81 -32.53
CA HIS B 160 -8.90 -21.09 -31.92
C HIS B 160 -7.76 -20.66 -32.82
N ALA B 161 -6.67 -20.23 -32.21
CA ALA B 161 -5.52 -19.73 -32.95
C ALA B 161 -4.84 -20.88 -33.70
N LEU B 162 -3.88 -20.51 -34.54
CA LEU B 162 -3.11 -21.46 -35.32
C LEU B 162 -1.65 -21.42 -34.89
N ASP B 163 -0.98 -22.57 -35.04
CA ASP B 163 0.43 -22.69 -34.65
C ASP B 163 1.32 -21.93 -35.64
N ALA B 164 2.63 -22.00 -35.42
CA ALA B 164 3.57 -21.29 -36.29
C ALA B 164 3.43 -21.76 -37.73
N LYS B 165 3.73 -23.03 -37.98
CA LYS B 165 3.42 -23.64 -39.27
C LYS B 165 1.95 -24.01 -39.25
N GLY B 166 1.12 -23.22 -39.92
CA GLY B 166 -0.31 -23.32 -39.73
C GLY B 166 -1.04 -24.32 -40.60
N GLU B 167 -1.26 -25.51 -40.05
CA GLU B 167 -2.20 -26.47 -40.60
C GLU B 167 -3.28 -26.89 -39.61
N ARG B 168 -2.94 -26.99 -38.33
CA ARG B 168 -3.89 -27.40 -37.29
C ARG B 168 -3.89 -26.38 -36.17
N GLU B 169 -5.06 -26.17 -35.58
CA GLU B 169 -5.23 -25.20 -34.52
C GLU B 169 -4.65 -25.71 -33.20
N VAL B 170 -4.22 -24.78 -32.35
CA VAL B 170 -3.72 -25.09 -31.02
C VAL B 170 -4.83 -24.83 -30.02
N LYS B 171 -5.05 -25.79 -29.12
CA LYS B 171 -6.12 -25.72 -28.13
C LYS B 171 -5.57 -25.58 -26.71
N GLU B 172 -4.44 -24.90 -26.55
CA GLU B 172 -3.81 -24.78 -25.24
C GLU B 172 -2.89 -23.56 -25.25
N ILE B 173 -2.63 -23.05 -24.05
CA ILE B 173 -1.77 -21.87 -23.89
C ILE B 173 -0.35 -22.27 -24.21
N VAL B 174 0.18 -21.78 -25.33
CA VAL B 174 1.53 -22.10 -25.75
C VAL B 174 2.52 -21.19 -25.03
N ILE B 175 3.69 -21.72 -24.69
CA ILE B 175 4.72 -21.00 -23.95
C ILE B 175 5.97 -20.91 -24.81
N ASN B 176 6.51 -19.70 -24.93
CA ASN B 176 7.81 -19.48 -25.55
C ASN B 176 8.87 -19.79 -24.49
N LYS B 177 9.63 -20.87 -24.69
CA LYS B 177 10.64 -21.26 -23.72
C LYS B 177 11.74 -20.23 -23.61
N ASP B 178 12.00 -19.47 -24.67
CA ASP B 178 13.00 -18.43 -24.62
C ASP B 178 12.62 -17.32 -23.64
N ALA B 179 11.34 -16.95 -23.61
CA ALA B 179 10.83 -15.90 -22.73
C ALA B 179 9.77 -16.51 -21.83
N PHE B 180 10.21 -17.09 -20.71
CA PHE B 180 9.30 -17.63 -19.71
C PHE B 180 10.06 -17.84 -18.42
N THR B 181 9.46 -17.42 -17.31
CA THR B 181 10.03 -17.59 -15.99
C THR B 181 9.03 -18.29 -15.10
N GLU B 182 9.43 -19.42 -14.52
CA GLU B 182 8.56 -20.13 -13.60
C GLU B 182 8.33 -19.30 -12.34
N ASN B 183 7.13 -19.41 -11.77
CA ASN B 183 6.76 -18.55 -10.66
C ASN B 183 7.59 -18.83 -9.41
N GLY B 184 7.96 -20.09 -9.19
CA GLY B 184 8.68 -20.48 -7.99
C GLY B 184 7.81 -21.07 -6.90
N GLN B 185 6.50 -20.82 -6.95
CA GLN B 185 5.56 -21.44 -6.02
C GLN B 185 4.36 -22.06 -6.74
N TRP B 186 4.31 -22.01 -8.06
CA TRP B 186 3.23 -22.59 -8.84
C TRP B 186 3.81 -23.32 -10.04
N SER B 187 3.24 -24.49 -10.35
CA SER B 187 3.64 -25.28 -11.50
C SER B 187 2.45 -25.50 -12.41
N ILE B 188 2.62 -25.21 -13.69
CA ILE B 188 1.54 -25.28 -14.67
C ILE B 188 1.46 -26.73 -15.16
N GLU B 189 0.46 -27.47 -14.67
CA GLU B 189 0.28 -28.85 -15.09
C GLU B 189 -0.57 -28.94 -16.36
N HIS B 190 -1.76 -28.36 -16.34
CA HIS B 190 -2.63 -28.33 -17.50
C HIS B 190 -2.94 -26.89 -17.88
N LYS B 191 -3.08 -26.65 -19.18
CA LYS B 191 -3.31 -25.31 -19.70
C LYS B 191 -4.22 -25.34 -20.91
N PRO B 192 -5.41 -25.91 -20.81
CA PRO B 192 -6.26 -26.12 -21.99
C PRO B 192 -6.94 -24.82 -22.42
N SER B 193 -7.61 -24.89 -23.57
CA SER B 193 -8.38 -23.78 -24.10
C SER B 193 -9.62 -24.33 -24.77
N ARG B 194 -10.77 -23.75 -24.48
CA ARG B 194 -12.03 -24.25 -25.00
C ARG B 194 -13.01 -23.10 -25.20
N LYS B 195 -13.77 -23.15 -26.29
CA LYS B 195 -14.80 -22.17 -26.56
C LYS B 195 -16.07 -22.52 -25.79
N ASN B 196 -16.72 -21.49 -25.24
CA ASN B 196 -17.89 -21.69 -24.40
C ASN B 196 -19.09 -20.96 -24.99
N TRP B 197 -20.25 -21.60 -24.93
CA TRP B 197 -21.53 -21.01 -25.27
C TRP B 197 -22.41 -21.02 -24.02
N ARG B 198 -23.60 -20.44 -24.15
CA ARG B 198 -24.64 -20.55 -23.13
C ARG B 198 -25.97 -20.83 -23.81
N SER B 199 -26.67 -21.86 -23.34
CA SER B 199 -27.95 -22.22 -23.95
C SER B 199 -28.98 -21.12 -23.77
N ASP B 200 -28.99 -20.47 -22.61
CA ASP B 200 -29.95 -19.39 -22.37
C ASP B 200 -29.69 -18.19 -23.25
N ASP B 201 -28.45 -17.99 -23.69
CA ASP B 201 -28.06 -16.83 -24.49
C ASP B 201 -27.48 -17.30 -25.82
N PRO B 202 -28.29 -17.39 -26.88
CA PRO B 202 -27.76 -17.84 -28.17
C PRO B 202 -26.79 -16.86 -28.81
N SER B 203 -26.74 -15.61 -28.32
CA SER B 203 -25.85 -14.59 -28.87
C SER B 203 -24.57 -14.43 -28.07
N TYR B 204 -24.03 -15.54 -27.54
CA TYR B 204 -22.85 -15.50 -26.68
C TYR B 204 -21.86 -16.57 -27.11
N GLU B 205 -20.58 -16.20 -27.11
CA GLU B 205 -19.49 -17.11 -27.41
C GLU B 205 -18.16 -16.50 -27.00
N ASP B 206 -17.32 -17.27 -26.30
CA ASP B 206 -16.03 -16.77 -25.84
C ASP B 206 -14.98 -17.86 -26.03
N VAL B 207 -13.72 -17.45 -25.91
CA VAL B 207 -12.59 -18.37 -25.88
C VAL B 207 -11.99 -18.29 -24.48
N THR B 208 -11.88 -19.42 -23.81
CA THR B 208 -11.51 -19.49 -22.40
C THR B 208 -10.19 -20.22 -22.25
N PHE B 209 -9.28 -19.65 -21.47
CA PHE B 209 -7.98 -20.25 -21.20
C PHE B 209 -7.87 -20.54 -19.71
N TYR B 210 -7.65 -21.80 -19.37
CA TYR B 210 -7.53 -22.23 -17.99
C TYR B 210 -6.07 -22.44 -17.62
N LEU B 211 -5.81 -22.52 -16.31
CA LEU B 211 -4.48 -22.77 -15.78
C LEU B 211 -4.62 -23.67 -14.55
N ILE B 212 -4.57 -24.99 -14.76
CA ILE B 212 -4.61 -25.94 -13.66
C ILE B 212 -3.20 -25.98 -13.07
N ILE B 213 -2.98 -25.19 -12.02
CA ILE B 213 -1.66 -25.03 -11.42
C ILE B 213 -1.71 -25.50 -9.98
N GLN B 214 -0.71 -26.28 -9.58
CA GLN B 214 -0.64 -26.86 -8.25
C GLN B 214 0.47 -26.17 -7.47
N ARG B 215 0.15 -25.71 -6.27
CA ARG B 215 1.08 -24.91 -5.49
C ARG B 215 2.23 -25.76 -4.97
N LYS B 216 3.41 -25.15 -4.86
CA LYS B 216 4.55 -25.80 -4.22
C LYS B 216 4.61 -25.31 -2.78
N PRO B 217 4.27 -26.13 -1.79
CA PRO B 217 4.08 -25.65 -0.42
C PRO B 217 5.30 -25.69 0.48
N LEU B 218 6.50 -25.89 -0.06
CA LEU B 218 7.69 -26.10 0.76
C LEU B 218 7.86 -25.00 1.81
N PHE B 219 7.64 -23.74 1.42
CA PHE B 219 7.73 -22.64 2.38
C PHE B 219 6.75 -22.84 3.53
N TYR B 220 5.47 -23.07 3.21
CA TYR B 220 4.47 -23.28 4.25
C TYR B 220 4.77 -24.56 5.04
N ILE B 221 5.10 -25.65 4.34
CA ILE B 221 5.43 -26.91 5.01
C ILE B 221 6.46 -26.65 6.10
N VAL B 222 7.62 -26.14 5.72
CA VAL B 222 8.65 -25.85 6.71
C VAL B 222 8.11 -24.94 7.80
N TYR B 223 7.76 -23.70 7.41
CA TYR B 223 7.58 -22.61 8.37
C TYR B 223 6.39 -22.83 9.31
N THR B 224 5.45 -23.70 8.98
CA THR B 224 4.34 -23.95 9.88
C THR B 224 4.31 -25.38 10.39
N ILE B 225 4.46 -26.37 9.51
CA ILE B 225 4.39 -27.76 9.93
C ILE B 225 5.51 -28.08 10.92
N ILE B 226 6.76 -27.71 10.60
CA ILE B 226 7.87 -28.13 11.46
C ILE B 226 7.75 -27.54 12.86
N PRO B 227 7.53 -26.24 13.06
CA PRO B 227 7.29 -25.74 14.42
C PRO B 227 6.07 -26.34 15.07
N CYS B 228 5.02 -26.63 14.31
CA CYS B 228 3.84 -27.27 14.88
C CYS B 228 4.16 -28.69 15.36
N ILE B 229 5.00 -29.40 14.61
CA ILE B 229 5.44 -30.73 15.05
C ILE B 229 6.24 -30.61 16.33
N LEU B 230 7.12 -29.60 16.43
CA LEU B 230 7.86 -29.40 17.66
C LEU B 230 6.95 -29.08 18.84
N ILE B 231 5.92 -28.26 18.60
CA ILE B 231 4.96 -27.93 19.64
C ILE B 231 4.20 -29.17 20.09
N SER B 232 3.81 -30.01 19.13
CA SER B 232 3.16 -31.28 19.48
C SER B 232 4.08 -32.16 20.31
N ILE B 233 5.37 -32.18 19.97
CA ILE B 233 6.33 -32.96 20.75
C ILE B 233 6.42 -32.42 22.17
N LEU B 234 6.43 -31.10 22.33
CA LEU B 234 6.46 -30.52 23.67
C LEU B 234 5.19 -30.89 24.45
N ALA B 235 4.04 -30.82 23.79
CA ALA B 235 2.77 -31.12 24.46
C ALA B 235 2.66 -32.59 24.83
N ILE B 236 3.26 -33.48 24.04
CA ILE B 236 3.25 -34.89 24.41
C ILE B 236 4.30 -35.19 25.47
N LEU B 237 5.37 -34.38 25.52
CA LEU B 237 6.41 -34.58 26.52
C LEU B 237 5.99 -34.11 27.90
N VAL B 238 5.19 -33.04 27.98
CA VAL B 238 4.93 -32.40 29.27
C VAL B 238 4.36 -33.39 30.28
N PHE B 239 3.70 -34.45 29.81
CA PHE B 239 3.26 -35.49 30.74
C PHE B 239 4.45 -36.21 31.36
N TYR B 240 5.45 -36.56 30.55
CA TYR B 240 6.55 -37.40 31.03
C TYR B 240 7.33 -36.72 32.15
N LEU B 241 7.23 -35.39 32.27
CA LEU B 241 7.86 -34.69 33.38
C LEU B 241 7.25 -35.15 34.71
N PRO B 242 8.05 -35.19 35.77
CA PRO B 242 7.52 -35.58 37.08
C PRO B 242 6.68 -34.46 37.67
N PRO B 243 5.58 -34.79 38.35
CA PRO B 243 4.78 -33.73 39.00
C PRO B 243 5.55 -32.97 40.05
N ASP B 244 6.50 -33.61 40.73
CA ASP B 244 7.26 -32.95 41.79
C ASP B 244 8.11 -31.80 41.28
N ALA B 245 8.45 -31.80 39.98
CA ALA B 245 9.20 -30.69 39.42
C ALA B 245 8.40 -29.39 39.49
N GLY B 246 7.08 -29.48 39.47
CA GLY B 246 6.24 -28.29 39.55
C GLY B 246 6.46 -27.33 38.40
N GLU B 247 6.63 -27.86 37.18
CA GLU B 247 6.91 -27.01 36.04
C GLU B 247 6.15 -27.47 34.80
N LYS B 248 5.12 -28.30 34.95
CA LYS B 248 4.36 -28.77 33.80
C LYS B 248 3.60 -27.62 33.12
N MET B 249 2.98 -26.75 33.92
CA MET B 249 2.19 -25.67 33.33
C MET B 249 3.08 -24.69 32.58
N SER B 250 4.31 -24.47 33.05
CA SER B 250 5.22 -23.59 32.32
C SER B 250 5.41 -24.08 30.90
N LEU B 251 5.78 -25.36 30.74
CA LEU B 251 5.99 -25.92 29.40
C LEU B 251 4.70 -25.93 28.59
N SER B 252 3.59 -26.35 29.21
CA SER B 252 2.34 -26.47 28.48
C SER B 252 1.87 -25.12 27.96
N ILE B 253 1.83 -24.12 28.83
CA ILE B 253 1.30 -22.83 28.41
C ILE B 253 2.30 -22.08 27.55
N SER B 254 3.61 -22.36 27.69
CA SER B 254 4.56 -21.78 26.74
C SER B 254 4.36 -22.37 25.36
N ALA B 255 4.08 -23.68 25.27
CA ALA B 255 3.76 -24.27 23.98
C ALA B 255 2.48 -23.68 23.40
N LEU B 256 1.47 -23.45 24.25
CA LEU B 256 0.24 -22.86 23.77
C LEU B 256 0.45 -21.42 23.30
N LEU B 257 1.28 -20.66 24.04
CA LEU B 257 1.59 -19.30 23.61
C LEU B 257 2.34 -19.31 22.28
N ALA B 258 3.23 -20.28 22.11
CA ALA B 258 3.94 -20.41 20.84
C ALA B 258 2.97 -20.70 19.70
N VAL B 259 2.03 -21.63 19.92
CA VAL B 259 1.10 -21.97 18.84
C VAL B 259 0.19 -20.78 18.53
N THR B 260 -0.15 -19.97 19.54
CA THR B 260 -0.86 -18.73 19.24
C THR B 260 0.02 -17.77 18.45
N VAL B 261 1.33 -17.77 18.71
CA VAL B 261 2.24 -16.95 17.91
C VAL B 261 2.24 -17.39 16.46
N PHE B 262 2.22 -18.70 16.22
CA PHE B 262 2.15 -19.15 14.82
C PHE B 262 0.77 -18.89 14.21
N LEU B 263 -0.28 -18.88 15.02
CA LEU B 263 -1.58 -18.41 14.53
C LEU B 263 -1.48 -16.97 14.07
N LEU B 264 -0.80 -16.12 14.85
CA LEU B 264 -0.56 -14.74 14.44
C LEU B 264 0.26 -14.68 13.15
N LEU B 265 1.26 -15.55 13.05
CA LEU B 265 2.10 -15.60 11.84
C LEU B 265 1.26 -15.93 10.61
N LEU B 266 0.39 -16.93 10.72
CA LEU B 266 -0.33 -17.44 9.57
C LEU B 266 -1.59 -16.64 9.24
N ALA B 267 -2.16 -15.92 10.20
CA ALA B 267 -3.37 -15.16 9.93
C ALA B 267 -3.16 -14.12 8.84
N ASP B 268 -1.93 -13.64 8.67
CA ASP B 268 -1.62 -12.71 7.60
C ASP B 268 -1.68 -13.41 6.24
N LYS B 269 -1.15 -14.63 6.16
CA LYS B 269 -0.95 -15.30 4.88
C LYS B 269 -2.11 -16.19 4.45
N VAL B 270 -3.14 -16.33 5.27
CA VAL B 270 -4.28 -17.17 4.88
C VAL B 270 -5.37 -16.30 4.27
N PRO B 271 -6.03 -16.76 3.21
CA PRO B 271 -7.14 -15.98 2.64
C PRO B 271 -8.32 -15.90 3.59
N GLU B 272 -9.02 -14.79 3.52
CA GLU B 272 -10.20 -14.55 4.36
C GLU B 272 -11.49 -14.98 3.68
N THR B 273 -11.52 -16.22 3.21
CA THR B 273 -12.70 -16.79 2.57
C THR B 273 -13.39 -17.73 3.55
N SER B 274 -14.71 -17.59 3.68
CA SER B 274 -15.48 -18.33 4.67
C SER B 274 -16.17 -19.55 4.08
N LEU B 275 -15.85 -19.93 2.83
CA LEU B 275 -16.47 -21.11 2.24
C LEU B 275 -16.10 -22.38 3.00
N SER B 276 -14.83 -22.52 3.35
CA SER B 276 -14.39 -23.70 4.09
C SER B 276 -13.06 -23.38 4.78
N VAL B 277 -12.70 -24.23 5.74
CA VAL B 277 -11.47 -24.09 6.50
C VAL B 277 -10.34 -24.82 5.78
N PRO B 278 -9.20 -24.19 5.56
CA PRO B 278 -8.07 -24.88 4.93
C PRO B 278 -7.48 -25.94 5.86
N ILE B 279 -6.66 -26.81 5.26
CA ILE B 279 -6.01 -27.87 6.03
C ILE B 279 -5.06 -27.28 7.08
N ILE B 280 -4.33 -26.23 6.72
CA ILE B 280 -3.32 -25.70 7.64
C ILE B 280 -3.99 -25.08 8.87
N ILE B 281 -5.11 -24.37 8.68
CA ILE B 281 -5.80 -23.76 9.82
C ILE B 281 -6.43 -24.85 10.69
N ARG B 282 -7.01 -25.87 10.06
CA ARG B 282 -7.56 -26.99 10.83
C ARG B 282 -6.48 -27.69 11.63
N TYR B 283 -5.30 -27.86 11.04
CA TYR B 283 -4.19 -28.48 11.76
C TYR B 283 -3.73 -27.61 12.93
N LEU B 284 -3.63 -26.30 12.71
CA LEU B 284 -3.25 -25.40 13.81
C LEU B 284 -4.27 -25.47 14.95
N MET B 285 -5.56 -25.47 14.62
CA MET B 285 -6.56 -25.54 15.66
C MET B 285 -6.58 -26.90 16.35
N PHE B 286 -6.31 -27.97 15.60
CA PHE B 286 -6.19 -29.30 16.21
C PHE B 286 -5.04 -29.34 17.20
N ILE B 287 -3.89 -28.78 16.82
CA ILE B 287 -2.75 -28.74 17.74
C ILE B 287 -3.08 -27.88 18.96
N MET B 288 -3.77 -26.76 18.75
CA MET B 288 -4.10 -25.89 19.88
C MET B 288 -5.05 -26.58 20.85
N ILE B 289 -6.06 -27.28 20.33
CA ILE B 289 -6.98 -28.01 21.20
C ILE B 289 -6.26 -29.15 21.90
N LEU B 290 -5.32 -29.81 21.21
CA LEU B 290 -4.55 -30.86 21.84
C LEU B 290 -3.72 -30.31 22.99
N VAL B 291 -3.11 -29.15 22.79
CA VAL B 291 -2.32 -28.53 23.86
C VAL B 291 -3.23 -28.10 25.01
N ALA B 292 -4.44 -27.61 24.71
CA ALA B 292 -5.37 -27.23 25.76
C ALA B 292 -5.78 -28.44 26.60
N PHE B 293 -6.10 -29.56 25.94
CA PHE B 293 -6.42 -30.78 26.67
C PHE B 293 -5.22 -31.29 27.45
N SER B 294 -4.00 -31.11 26.91
CA SER B 294 -2.80 -31.45 27.66
C SER B 294 -2.70 -30.62 28.93
N VAL B 295 -2.99 -29.32 28.83
CA VAL B 295 -2.97 -28.45 30.01
C VAL B 295 -4.01 -28.91 31.02
N ILE B 296 -5.22 -29.22 30.56
CA ILE B 296 -6.28 -29.63 31.48
C ILE B 296 -5.92 -30.93 32.18
N LEU B 297 -5.44 -31.91 31.42
CA LEU B 297 -5.09 -33.20 32.01
C LEU B 297 -3.88 -33.08 32.93
N SER B 298 -2.94 -32.19 32.62
CA SER B 298 -1.81 -31.99 33.52
C SER B 298 -2.23 -31.28 34.79
N VAL B 299 -3.22 -30.38 34.71
CA VAL B 299 -3.81 -29.81 35.93
C VAL B 299 -4.45 -30.90 36.76
N VAL B 300 -5.16 -31.82 36.10
CA VAL B 300 -5.75 -32.95 36.81
C VAL B 300 -4.67 -33.78 37.48
N VAL B 301 -3.55 -34.01 36.78
CA VAL B 301 -2.47 -34.80 37.33
C VAL B 301 -1.87 -34.11 38.56
N LEU B 302 -1.63 -32.81 38.46
CA LEU B 302 -1.10 -32.08 39.62
C LEU B 302 -2.07 -32.11 40.79
N ASN B 303 -3.37 -31.96 40.52
CA ASN B 303 -4.36 -32.01 41.59
C ASN B 303 -4.37 -33.37 42.26
N LEU B 304 -4.31 -34.44 41.48
CA LEU B 304 -4.25 -35.78 42.07
C LEU B 304 -2.93 -36.02 42.79
N HIS B 305 -1.86 -35.34 42.37
CA HIS B 305 -0.56 -35.53 43.01
C HIS B 305 -0.52 -34.84 44.37
N HIS B 306 -1.09 -33.65 44.47
CA HIS B 306 -1.00 -32.86 45.70
C HIS B 306 -2.08 -33.19 46.72
N ARG B 307 -3.01 -34.10 46.40
CA ARG B 307 -4.04 -34.46 47.35
C ARG B 307 -3.44 -35.18 48.55
N SER B 308 -4.04 -34.97 49.72
CA SER B 308 -3.55 -35.52 50.98
C SER B 308 -4.70 -36.19 51.72
N PRO B 309 -4.41 -37.21 52.53
CA PRO B 309 -5.47 -37.83 53.34
C PRO B 309 -6.16 -36.87 54.28
N ASN B 310 -5.46 -35.84 54.77
CA ASN B 310 -6.08 -34.87 55.66
C ASN B 310 -7.12 -34.01 54.94
N THR B 311 -7.10 -33.99 53.61
CA THR B 311 -8.06 -33.23 52.82
C THR B 311 -8.95 -34.09 51.95
N HIS B 312 -8.39 -35.09 51.27
CA HIS B 312 -9.13 -35.97 50.38
C HIS B 312 -9.04 -37.40 50.86
N THR B 313 -10.15 -38.12 50.79
CA THR B 313 -10.20 -39.53 51.10
C THR B 313 -10.34 -40.33 49.81
N MET B 314 -9.52 -41.36 49.67
CA MET B 314 -9.50 -42.13 48.43
C MET B 314 -10.82 -42.87 48.23
N PRO B 315 -11.53 -42.64 47.13
CA PRO B 315 -12.69 -43.48 46.83
C PRO B 315 -12.25 -44.87 46.40
N ASN B 316 -13.19 -45.82 46.53
CA ASN B 316 -12.87 -47.21 46.22
C ASN B 316 -12.67 -47.43 44.72
N TRP B 317 -13.36 -46.65 43.88
CA TRP B 317 -13.31 -46.92 42.45
C TRP B 317 -11.96 -46.54 41.85
N ILE B 318 -11.36 -45.42 42.28
CA ILE B 318 -10.05 -45.07 41.75
C ILE B 318 -8.99 -46.03 42.26
N ARG B 319 -9.15 -46.56 43.48
CA ARG B 319 -8.14 -47.45 44.04
C ARG B 319 -8.01 -48.73 43.20
N GLN B 320 -9.14 -49.29 42.79
CA GLN B 320 -9.09 -50.53 42.02
C GLN B 320 -8.68 -50.29 40.58
N ILE B 321 -9.11 -49.17 39.99
CA ILE B 321 -8.83 -48.93 38.58
C ILE B 321 -7.39 -48.46 38.38
N PHE B 322 -6.89 -47.61 39.26
CA PHE B 322 -5.57 -47.02 39.09
C PHE B 322 -4.47 -47.74 39.87
N ILE B 323 -4.83 -48.70 40.73
CA ILE B 323 -3.83 -49.48 41.44
C ILE B 323 -4.19 -50.96 41.38
N THR B 325 -5.25 -52.35 38.03
CA THR B 325 -5.96 -52.65 36.79
C THR B 325 -5.20 -52.09 35.59
N LEU B 326 -4.92 -50.79 35.64
CA LEU B 326 -4.16 -50.12 34.60
C LEU B 326 -2.65 -50.38 34.68
N PRO B 327 -2.04 -50.36 35.87
CA PRO B 327 -0.59 -50.65 35.93
C PRO B 327 -0.24 -52.00 35.33
N PRO B 328 -1.08 -53.04 35.51
CA PRO B 328 -0.73 -54.22 34.71
C PRO B 328 -0.94 -54.01 33.21
N LEU B 424 -0.24 -42.80 53.38
CA LEU B 424 -1.34 -43.01 52.45
C LEU B 424 -1.18 -42.09 51.25
N LYS B 425 -0.35 -41.06 51.41
CA LYS B 425 -0.08 -40.13 50.31
C LYS B 425 0.60 -40.85 49.15
N LYS B 426 1.49 -41.81 49.47
CA LYS B 426 2.17 -42.59 48.44
C LYS B 426 1.18 -43.17 47.43
N ASP B 427 0.00 -43.57 47.91
CA ASP B 427 -1.07 -43.97 47.00
C ASP B 427 -1.46 -42.82 46.08
N TRP B 428 -1.49 -41.60 46.62
CA TRP B 428 -1.86 -40.45 45.79
C TRP B 428 -0.82 -40.21 44.69
N GLN B 429 0.48 -40.21 45.02
CA GLN B 429 1.46 -40.06 43.96
C GLN B 429 1.44 -41.23 42.98
N TYR B 430 1.16 -42.45 43.47
CA TYR B 430 1.12 -43.59 42.56
C TYR B 430 -0.04 -43.46 41.57
N VAL B 431 -1.22 -43.05 42.05
CA VAL B 431 -2.35 -42.84 41.15
C VAL B 431 -2.05 -41.69 40.19
N ALA B 432 -1.38 -40.65 40.68
CA ALA B 432 -1.01 -39.55 39.78
C ALA B 432 -0.08 -40.03 38.67
N MET B 433 0.92 -40.85 39.01
CA MET B 433 1.85 -41.36 38.00
C MET B 433 1.14 -42.28 37.02
N VAL B 434 0.25 -43.15 37.50
CA VAL B 434 -0.47 -44.05 36.61
C VAL B 434 -1.35 -43.26 35.64
N ALA B 435 -2.08 -42.27 36.16
CA ALA B 435 -2.90 -41.43 35.30
C ALA B 435 -2.04 -40.66 34.31
N ASP B 436 -0.86 -40.22 34.74
CA ASP B 436 0.05 -39.53 33.84
C ASP B 436 0.49 -40.43 32.70
N ARG B 437 0.86 -41.67 33.00
CA ARG B 437 1.29 -42.59 31.94
C ARG B 437 0.14 -42.91 31.00
N LEU B 438 -1.07 -43.09 31.55
CA LEU B 438 -2.23 -43.32 30.70
C LEU B 438 -2.48 -42.14 29.77
N PHE B 439 -2.38 -40.91 30.30
CA PHE B 439 -2.54 -39.72 29.48
C PHE B 439 -1.47 -39.64 28.41
N LEU B 440 -0.23 -39.99 28.76
CA LEU B 440 0.85 -39.98 27.79
C LEU B 440 0.55 -40.91 26.63
N TYR B 441 0.15 -42.15 26.93
CA TYR B 441 -0.17 -43.08 25.85
C TYR B 441 -1.36 -42.60 25.03
N VAL B 442 -2.41 -42.10 25.70
CA VAL B 442 -3.62 -41.67 25.01
C VAL B 442 -3.30 -40.52 24.06
N PHE B 443 -2.53 -39.54 24.54
CA PHE B 443 -2.20 -38.40 23.69
C PHE B 443 -1.21 -38.77 22.60
N PHE B 444 -0.34 -39.76 22.85
CA PHE B 444 0.50 -40.26 21.76
C PHE B 444 -0.38 -40.82 20.64
N VAL B 445 -1.35 -41.66 21.00
CA VAL B 445 -2.24 -42.23 19.99
C VAL B 445 -2.98 -41.11 19.26
N ILE B 446 -3.58 -40.19 20.01
CA ILE B 446 -4.40 -39.14 19.40
C ILE B 446 -3.56 -38.27 18.48
N CYS B 447 -2.41 -37.79 18.96
CA CYS B 447 -1.59 -36.90 18.16
C CYS B 447 -1.09 -37.59 16.90
N SER B 448 -0.54 -38.80 17.04
CA SER B 448 -0.02 -39.49 15.87
C SER B 448 -1.12 -39.77 14.85
N ILE B 449 -2.26 -40.30 15.31
CA ILE B 449 -3.34 -40.65 14.39
C ILE B 449 -3.89 -39.41 13.71
N GLY B 450 -4.12 -38.34 14.48
CA GLY B 450 -4.67 -37.12 13.88
C GLY B 450 -3.72 -36.49 12.88
N THR B 451 -2.43 -36.40 13.23
CA THR B 451 -1.45 -35.82 12.32
C THR B 451 -1.35 -36.65 11.04
N PHE B 452 -1.27 -37.97 11.18
CA PHE B 452 -1.16 -38.83 10.00
C PHE B 452 -2.40 -38.74 9.13
N SER B 453 -3.59 -38.70 9.75
CA SER B 453 -4.82 -38.59 8.97
C SER B 453 -4.89 -37.26 8.24
N ILE B 454 -4.53 -36.17 8.91
CA ILE B 454 -4.57 -34.86 8.27
C ILE B 454 -3.59 -34.80 7.10
N PHE B 455 -2.37 -35.29 7.30
CA PHE B 455 -1.40 -35.24 6.22
C PHE B 455 -1.76 -36.19 5.08
N LEU B 456 -2.40 -37.32 5.38
CA LEU B 456 -2.83 -38.20 4.31
C LEU B 456 -3.99 -37.60 3.52
N ASP B 457 -4.92 -36.93 4.22
CA ASP B 457 -6.00 -36.24 3.53
C ASP B 457 -5.47 -35.13 2.64
N ALA B 458 -4.51 -34.36 3.14
CA ALA B 458 -3.95 -33.25 2.37
C ALA B 458 -2.89 -33.71 1.36
N SER B 459 -2.48 -34.97 1.41
CA SER B 459 -1.50 -35.50 0.46
C SER B 459 -2.12 -36.21 -0.73
N HIS B 460 -3.35 -36.71 -0.59
CA HIS B 460 -4.08 -37.33 -1.69
C HIS B 460 -4.82 -36.31 -2.54
N ASN B 461 -4.46 -35.04 -2.45
CA ASN B 461 -5.06 -33.99 -3.25
C ASN B 461 -4.14 -33.73 -4.44
N VAL B 462 -4.52 -34.25 -5.61
CA VAL B 462 -3.74 -34.09 -6.83
C VAL B 462 -4.69 -33.61 -7.93
N PRO B 463 -4.27 -32.67 -8.78
CA PRO B 463 -5.12 -32.25 -9.90
C PRO B 463 -5.39 -33.42 -10.83
N PRO B 464 -6.58 -33.50 -11.41
CA PRO B 464 -6.90 -34.63 -12.28
C PRO B 464 -6.11 -34.57 -13.58
N ASP B 465 -5.86 -35.76 -14.14
CA ASP B 465 -5.11 -35.83 -15.40
C ASP B 465 -5.87 -35.13 -16.52
N ASN B 466 -7.19 -35.33 -16.58
CA ASN B 466 -8.02 -34.63 -17.55
C ASN B 466 -8.60 -33.38 -16.88
N PRO B 467 -8.29 -32.18 -17.36
CA PRO B 467 -8.79 -30.97 -16.69
C PRO B 467 -10.26 -30.71 -16.97
N PHE B 468 -10.93 -31.64 -17.67
CA PHE B 468 -12.34 -31.50 -18.03
C PHE B 468 -12.59 -30.21 -18.80
N ALA B 469 -11.66 -29.85 -19.67
CA ALA B 469 -11.79 -28.64 -20.47
C ALA B 469 -11.27 -28.85 -21.88
N ASN C 2 15.23 33.39 -37.87
CA ASN C 2 15.60 32.04 -37.44
C ASN C 2 15.50 31.04 -38.59
N GLU C 3 16.65 30.52 -39.02
CA GLU C 3 16.67 29.50 -40.06
C GLU C 3 16.09 28.17 -39.60
N GLU C 4 15.92 27.99 -38.28
CA GLU C 4 15.30 26.77 -37.77
C GLU C 4 13.90 26.60 -38.32
N GLU C 5 13.14 27.70 -38.45
CA GLU C 5 11.80 27.63 -39.01
C GLU C 5 11.83 27.01 -40.41
N ARG C 6 12.67 27.56 -41.28
CA ARG C 6 12.76 27.07 -42.65
C ARG C 6 13.24 25.62 -42.68
N LEU C 7 14.22 25.28 -41.85
CA LEU C 7 14.76 23.92 -41.86
C LEU C 7 13.69 22.92 -41.44
N ILE C 8 12.98 23.20 -40.34
CA ILE C 8 11.95 22.28 -39.87
C ILE C 8 10.82 22.17 -40.87
N ASN C 9 10.39 23.30 -41.44
CA ASN C 9 9.31 23.27 -42.41
C ASN C 9 9.69 22.46 -43.64
N ASP C 10 10.92 22.61 -44.11
CA ASP C 10 11.37 21.83 -45.26
C ASP C 10 11.44 20.34 -44.92
N LEU C 11 11.96 20.00 -43.73
CA LEU C 11 12.16 18.60 -43.40
C LEU C 11 10.84 17.87 -43.19
N LEU C 12 9.92 18.46 -42.41
CA LEU C 12 8.74 17.73 -41.95
C LEU C 12 7.52 17.96 -42.82
N ILE C 13 7.28 19.18 -43.30
CA ILE C 13 6.05 19.52 -44.00
C ILE C 13 6.23 19.52 -45.51
N VAL C 14 7.28 20.19 -46.00
CA VAL C 14 7.48 20.30 -47.45
C VAL C 14 7.71 18.93 -48.06
N ASN C 15 8.54 18.10 -47.42
CA ASN C 15 8.85 16.78 -47.94
C ASN C 15 7.80 15.73 -47.59
N LYS C 16 6.76 16.11 -46.85
CA LYS C 16 5.69 15.20 -46.44
C LYS C 16 6.25 14.03 -45.63
N TYR C 17 6.85 14.38 -44.49
CA TYR C 17 7.39 13.38 -43.59
C TYR C 17 6.27 12.59 -42.95
N ASN C 18 6.39 11.27 -42.98
CA ASN C 18 5.42 10.36 -42.35
C ASN C 18 6.12 9.64 -41.22
N LYS C 19 5.62 9.81 -40.01
CA LYS C 19 6.25 9.23 -38.83
C LYS C 19 5.88 7.76 -38.62
N HIS C 20 4.97 7.22 -39.42
CA HIS C 20 4.53 5.83 -39.28
C HIS C 20 5.19 4.89 -40.28
N VAL C 21 6.19 5.37 -41.02
CA VAL C 21 6.93 4.55 -41.98
C VAL C 21 8.40 4.55 -41.59
N ARG C 22 8.98 3.36 -41.48
CA ARG C 22 10.38 3.25 -41.08
C ARG C 22 11.28 3.80 -42.18
N PRO C 23 12.41 4.40 -41.81
CA PRO C 23 13.28 5.12 -42.77
C PRO C 23 14.21 4.21 -43.57
N VAL C 24 13.70 3.67 -44.66
CA VAL C 24 14.50 2.86 -45.58
C VAL C 24 14.27 3.35 -47.00
N LYS C 25 15.27 3.16 -47.85
CA LYS C 25 15.14 3.54 -49.25
C LYS C 25 14.19 2.59 -49.98
N HIS C 26 14.34 1.30 -49.75
CA HIS C 26 13.44 0.28 -50.29
C HIS C 26 13.00 -0.63 -49.16
N ASN C 27 11.85 -1.28 -49.35
CA ASN C 27 11.31 -2.12 -48.29
C ASN C 27 11.96 -3.50 -48.31
N ASN C 28 13.29 -3.52 -48.33
CA ASN C 28 14.06 -4.73 -48.08
C ASN C 28 15.27 -4.49 -47.20
N GLU C 29 15.68 -3.25 -47.00
CA GLU C 29 16.79 -2.92 -46.12
C GLU C 29 16.34 -2.98 -44.66
N VAL C 30 17.31 -2.96 -43.76
CA VAL C 30 17.04 -3.01 -42.33
C VAL C 30 17.48 -1.70 -41.70
N VAL C 31 16.86 -1.36 -40.57
CA VAL C 31 17.19 -0.16 -39.82
C VAL C 31 18.07 -0.56 -38.65
N ASN C 32 19.32 -0.11 -38.65
CA ASN C 32 20.25 -0.45 -37.59
C ASN C 32 20.00 0.45 -36.39
N ILE C 33 19.55 -0.14 -35.29
CA ILE C 33 19.20 0.61 -34.09
C ILE C 33 20.14 0.16 -32.97
N ALA C 34 20.97 1.08 -32.51
CA ALA C 34 21.98 0.77 -31.49
C ALA C 34 21.49 1.24 -30.13
N LEU C 35 21.62 0.38 -29.13
CA LEU C 35 21.09 0.63 -27.80
C LEU C 35 22.20 0.69 -26.75
N SER C 36 21.93 1.47 -25.71
CA SER C 36 22.74 1.51 -24.50
C SER C 36 21.79 1.59 -23.32
N LEU C 37 22.34 1.60 -22.12
CA LEU C 37 21.52 1.73 -20.92
C LEU C 37 22.36 2.32 -19.81
N THR C 38 21.95 3.49 -19.30
CA THR C 38 22.63 4.15 -18.20
C THR C 38 21.76 4.02 -16.96
N LEU C 39 22.29 3.37 -15.94
CA LEU C 39 21.54 3.14 -14.70
C LEU C 39 21.76 4.35 -13.79
N SER C 40 20.74 5.21 -13.71
CA SER C 40 20.84 6.39 -12.85
C SER C 40 20.96 5.97 -11.38
N ASN C 41 20.13 5.02 -10.96
CA ASN C 41 20.17 4.51 -9.59
C ASN C 41 19.30 3.28 -9.51
N LEU C 42 19.63 2.42 -8.55
CA LEU C 42 18.84 1.23 -8.24
C LEU C 42 17.94 1.55 -7.05
N ILE C 43 16.63 1.66 -7.31
CA ILE C 43 15.71 2.09 -6.25
C ILE C 43 15.59 1.02 -5.18
N SER C 44 15.08 -0.15 -5.56
CA SER C 44 14.93 -1.25 -4.62
C SER C 44 14.68 -2.54 -5.38
N LEU C 45 14.87 -3.66 -4.68
CA LEU C 45 14.58 -5.00 -5.18
C LEU C 45 13.85 -5.78 -4.08
N LYS C 46 12.83 -5.16 -3.50
CA LYS C 46 12.12 -5.79 -2.40
C LYS C 46 11.50 -7.11 -2.85
N GLU C 47 11.70 -8.15 -2.04
CA GLU C 47 11.56 -9.53 -2.49
C GLU C 47 10.13 -10.04 -2.48
N THR C 48 9.19 -9.31 -1.88
CA THR C 48 7.82 -9.82 -1.79
C THR C 48 7.20 -9.97 -3.17
N ASP C 49 7.42 -9.00 -4.06
CA ASP C 49 6.88 -9.04 -5.41
C ASP C 49 7.94 -9.30 -6.46
N GLU C 50 9.20 -9.49 -6.07
CA GLU C 50 10.29 -9.81 -7.00
C GLU C 50 10.46 -8.74 -8.07
N THR C 51 10.19 -7.49 -7.69
CA THR C 51 10.31 -6.36 -8.61
C THR C 51 11.70 -5.76 -8.55
N LEU C 52 12.23 -5.39 -9.71
CA LEU C 52 13.47 -4.65 -9.82
C LEU C 52 13.09 -3.27 -10.35
N THR C 53 12.78 -2.35 -9.45
CA THR C 53 12.48 -0.97 -9.82
C THR C 53 13.78 -0.19 -9.90
N SER C 54 14.03 0.44 -11.05
CA SER C 54 15.28 1.15 -11.29
C SER C 54 15.05 2.25 -12.30
N ASN C 55 15.66 3.40 -12.06
CA ASN C 55 15.64 4.51 -12.99
C ASN C 55 16.81 4.36 -13.95
N VAL C 56 16.51 4.31 -15.25
CA VAL C 56 17.52 4.07 -16.27
C VAL C 56 17.39 5.14 -17.35
N TRP C 57 18.49 5.34 -18.08
CA TRP C 57 18.55 6.27 -19.20
C TRP C 57 18.92 5.47 -20.44
N MET C 58 17.90 4.92 -21.11
CA MET C 58 18.13 4.11 -22.29
C MET C 58 18.35 5.01 -23.51
N ASP C 59 19.44 4.77 -24.23
CA ASP C 59 19.89 5.64 -25.30
C ASP C 59 19.76 4.94 -26.64
N HIS C 60 19.18 5.63 -27.62
CA HIS C 60 18.99 5.12 -28.96
C HIS C 60 19.90 5.85 -29.94
N ALA C 61 20.12 5.22 -31.10
CA ALA C 61 20.88 5.85 -32.17
C ALA C 61 20.54 5.12 -33.46
N TRP C 62 19.92 5.82 -34.40
CA TRP C 62 19.56 5.22 -35.68
C TRP C 62 19.70 6.27 -36.77
N TYR C 63 19.68 5.80 -38.02
CA TYR C 63 19.86 6.66 -39.18
C TYR C 63 18.53 6.86 -39.89
N ASP C 64 18.16 8.11 -40.12
CA ASP C 64 16.95 8.46 -40.84
C ASP C 64 17.34 9.29 -42.06
N HIS C 65 17.28 8.67 -43.24
CA HIS C 65 17.67 9.37 -44.46
C HIS C 65 16.74 10.52 -44.79
N ARG C 66 15.51 10.51 -44.29
CA ARG C 66 14.58 11.60 -44.58
C ARG C 66 14.93 12.86 -43.80
N LEU C 67 15.55 12.71 -42.62
CA LEU C 67 15.89 13.85 -41.78
C LEU C 67 17.34 14.29 -42.04
N THR C 68 17.60 14.63 -43.30
CA THR C 68 18.91 15.10 -43.71
C THR C 68 18.78 16.42 -44.46
N TRP C 69 19.84 17.22 -44.42
CA TRP C 69 19.84 18.52 -45.07
C TRP C 69 21.28 18.95 -45.31
N ASN C 70 21.44 19.95 -46.17
CA ASN C 70 22.75 20.54 -46.43
C ASN C 70 22.95 21.72 -45.50
N ALA C 71 23.96 21.62 -44.62
CA ALA C 71 24.20 22.68 -43.65
C ALA C 71 24.59 23.98 -44.33
N SER C 72 25.42 23.91 -45.37
CA SER C 72 25.89 25.12 -46.04
C SER C 72 24.76 25.84 -46.78
N GLU C 73 23.76 25.10 -47.27
CA GLU C 73 22.66 25.74 -47.98
C GLU C 73 21.89 26.68 -47.06
N TYR C 74 21.60 26.24 -45.84
CA TYR C 74 21.03 27.10 -44.82
C TYR C 74 22.16 27.76 -44.04
N SER C 75 21.85 28.38 -42.92
CA SER C 75 22.90 28.78 -42.01
C SER C 75 23.58 27.54 -41.44
N ASP C 76 24.74 27.73 -40.83
CA ASP C 76 25.53 26.60 -40.38
C ASP C 76 24.89 25.92 -39.18
N ILE C 77 23.72 25.32 -39.39
CA ILE C 77 22.99 24.61 -38.34
C ILE C 77 23.52 23.19 -38.29
N SER C 78 24.30 22.87 -37.26
CA SER C 78 24.92 21.57 -37.13
C SER C 78 24.10 20.58 -36.32
N ILE C 79 23.29 21.05 -35.38
CA ILE C 79 22.49 20.18 -34.53
C ILE C 79 21.04 20.66 -34.57
N LEU C 80 20.11 19.71 -34.59
CA LEU C 80 18.69 20.00 -34.67
C LEU C 80 17.94 19.19 -33.62
N ARG C 81 16.84 19.76 -33.12
CA ARG C 81 16.06 19.17 -32.05
C ARG C 81 14.59 19.08 -32.47
N LEU C 82 13.98 17.91 -32.29
CA LEU C 82 12.61 17.66 -32.73
C LEU C 82 11.86 16.79 -31.72
N PRO C 83 10.64 17.15 -31.35
CA PRO C 83 9.88 16.31 -30.42
C PRO C 83 9.62 14.95 -31.03
N PRO C 84 9.53 13.91 -30.20
CA PRO C 84 9.38 12.54 -30.76
C PRO C 84 8.12 12.35 -31.58
N GLU C 85 7.03 13.08 -31.28
CA GLU C 85 5.79 12.88 -32.02
C GLU C 85 5.84 13.45 -33.42
N LEU C 86 6.96 13.99 -33.87
CA LEU C 86 7.11 14.48 -35.23
C LEU C 86 8.07 13.64 -36.08
N VAL C 87 8.84 12.75 -35.46
CA VAL C 87 9.82 11.94 -36.16
C VAL C 87 9.55 10.47 -35.87
N TRP C 88 10.03 9.62 -36.77
CA TRP C 88 9.85 8.17 -36.62
C TRP C 88 10.65 7.69 -35.42
N ILE C 89 9.96 7.26 -34.38
CA ILE C 89 10.58 6.79 -33.14
C ILE C 89 10.42 5.27 -33.09
N PRO C 90 11.51 4.51 -33.09
CA PRO C 90 11.40 3.05 -32.93
C PRO C 90 11.10 2.69 -31.48
N ASP C 91 9.86 2.28 -31.23
CA ASP C 91 9.41 1.98 -29.87
C ASP C 91 9.85 0.57 -29.50
N ILE C 92 10.88 0.47 -28.65
CA ILE C 92 11.25 -0.79 -28.03
C ILE C 92 10.76 -0.74 -26.60
N VAL C 93 10.33 -1.90 -26.09
CA VAL C 93 9.69 -1.99 -24.79
C VAL C 93 10.37 -3.04 -23.95
N LEU C 94 10.25 -2.88 -22.63
CA LEU C 94 10.74 -3.86 -21.68
C LEU C 94 9.72 -4.99 -21.61
N GLN C 95 10.11 -6.18 -22.09
CA GLN C 95 9.14 -7.27 -22.21
C GLN C 95 8.71 -7.79 -20.85
N ASN C 96 9.61 -7.81 -19.87
CA ASN C 96 9.32 -8.33 -18.55
C ASN C 96 9.20 -7.16 -17.57
N ASN C 97 7.97 -6.90 -17.11
CA ASN C 97 7.74 -5.89 -16.10
C ASN C 97 6.44 -6.20 -15.36
N ASN C 98 6.45 -5.99 -14.05
CA ASN C 98 5.26 -6.29 -13.25
C ASN C 98 4.12 -5.33 -13.58
N ASP C 99 4.40 -4.04 -13.61
CA ASP C 99 3.37 -3.06 -13.93
C ASP C 99 3.16 -2.98 -15.44
N GLY C 100 2.26 -2.09 -15.85
CA GLY C 100 1.92 -1.95 -17.25
C GLY C 100 2.71 -0.90 -18.00
N GLN C 101 3.81 -0.43 -17.41
CA GLN C 101 4.65 0.57 -18.05
C GLN C 101 5.65 -0.14 -18.96
N TYR C 102 5.42 -0.08 -20.27
CA TYR C 102 6.28 -0.68 -21.27
C TYR C 102 7.24 0.31 -21.90
N HIS C 103 6.80 1.55 -22.13
CA HIS C 103 7.61 2.55 -22.79
C HIS C 103 8.44 3.31 -21.77
N VAL C 104 9.09 4.39 -22.20
CA VAL C 104 9.91 5.19 -21.32
C VAL C 104 9.04 6.20 -20.57
N ALA C 105 9.61 6.78 -19.52
CA ALA C 105 8.86 7.71 -18.68
C ALA C 105 8.65 9.05 -19.38
N TYR C 106 9.74 9.72 -19.73
CA TYR C 106 9.69 11.05 -20.35
C TYR C 106 10.10 10.92 -21.81
N PHE C 107 9.20 11.30 -22.72
CA PHE C 107 9.45 11.26 -24.16
C PHE C 107 10.21 12.52 -24.55
N CYS C 108 11.51 12.50 -24.27
CA CYS C 108 12.31 13.70 -24.40
C CYS C 108 12.64 13.99 -25.85
N ASN C 109 13.13 15.21 -26.08
CA ASN C 109 13.49 15.70 -27.41
C ASN C 109 14.68 14.92 -27.97
N VAL C 110 14.70 14.77 -29.29
CA VAL C 110 15.76 14.02 -29.97
C VAL C 110 16.77 15.01 -30.53
N LEU C 111 17.90 14.47 -30.99
CA LEU C 111 18.93 15.25 -31.67
C LEU C 111 19.22 14.61 -33.02
N VAL C 112 19.13 15.40 -34.09
CA VAL C 112 19.35 14.90 -35.44
C VAL C 112 20.41 15.78 -36.11
N ARG C 113 21.35 15.14 -36.78
CA ARG C 113 22.47 15.80 -37.44
C ARG C 113 22.18 15.96 -38.93
N PRO C 114 22.99 16.75 -39.64
CA PRO C 114 22.74 16.91 -41.08
C PRO C 114 22.80 15.60 -41.87
N ASN C 115 23.53 14.61 -41.39
CA ASN C 115 23.59 13.32 -42.08
C ASN C 115 22.44 12.40 -41.72
N GLY C 116 21.54 12.82 -40.82
CA GLY C 116 20.41 12.02 -40.42
C GLY C 116 20.61 11.19 -39.18
N TYR C 117 21.76 11.31 -38.50
CA TYR C 117 22.03 10.53 -37.30
C TYR C 117 21.19 11.05 -36.16
N VAL C 118 20.22 10.25 -35.72
CA VAL C 118 19.29 10.63 -34.66
C VAL C 118 19.69 9.91 -33.38
N THR C 119 19.73 10.64 -32.27
CA THR C 119 20.04 10.07 -30.96
C THR C 119 18.94 10.45 -29.99
N TRP C 120 18.40 9.45 -29.30
CA TRP C 120 17.32 9.63 -28.33
C TRP C 120 17.72 8.99 -27.01
N LEU C 121 17.62 9.74 -25.92
CA LEU C 121 17.97 9.26 -24.59
C LEU C 121 16.84 9.63 -23.64
N PRO C 122 15.74 8.89 -23.67
CA PRO C 122 14.63 9.18 -22.75
C PRO C 122 14.80 8.45 -21.43
N PRO C 123 14.69 9.17 -20.31
CA PRO C 123 14.72 8.50 -19.00
C PRO C 123 13.49 7.65 -18.80
N ALA C 124 13.63 6.62 -17.95
CA ALA C 124 12.54 5.70 -17.71
C ALA C 124 12.69 5.05 -16.35
N ILE C 125 11.55 4.79 -15.72
CA ILE C 125 11.48 4.01 -14.49
C ILE C 125 10.86 2.66 -14.83
N PHE C 126 11.63 1.59 -14.65
CA PHE C 126 11.22 0.25 -15.04
C PHE C 126 11.12 -0.64 -13.81
N ARG C 127 10.00 -1.34 -13.69
CA ARG C 127 9.77 -2.29 -12.60
C ARG C 127 9.68 -3.68 -13.23
N SER C 128 10.82 -4.32 -13.42
CA SER C 128 10.87 -5.58 -14.14
C SER C 128 10.61 -6.75 -13.20
N SER C 129 10.25 -7.88 -13.80
CA SER C 129 10.02 -9.12 -13.06
C SER C 129 11.27 -9.98 -13.15
N CYS C 130 11.83 -10.33 -11.99
CA CYS C 130 13.01 -11.14 -12.02
C CYS C 130 13.05 -12.09 -10.82
N PRO C 131 13.26 -13.38 -11.05
CA PRO C 131 13.17 -14.35 -9.96
C PRO C 131 14.28 -14.16 -8.93
N ILE C 132 13.98 -14.58 -7.70
CA ILE C 132 14.88 -14.42 -6.57
C ILE C 132 15.13 -15.79 -5.95
N ASN C 133 16.40 -16.17 -5.86
CA ASN C 133 16.79 -17.41 -5.18
C ASN C 133 17.19 -17.06 -3.74
N VAL C 134 16.40 -17.53 -2.79
CA VAL C 134 16.60 -17.21 -1.38
C VAL C 134 17.46 -18.28 -0.70
N LEU C 135 18.12 -19.14 -1.46
CA LEU C 135 18.81 -20.29 -0.88
C LEU C 135 19.89 -19.86 0.09
N TYR C 136 20.65 -18.82 -0.25
CA TYR C 136 21.75 -18.34 0.59
C TYR C 136 21.42 -17.00 1.25
N PHE C 137 20.15 -16.75 1.52
CA PHE C 137 19.74 -15.53 2.19
C PHE C 137 20.35 -15.48 3.59
N PRO C 138 20.81 -14.30 4.06
CA PRO C 138 20.83 -13.03 3.37
C PRO C 138 22.15 -12.77 2.63
N PHE C 139 23.03 -13.76 2.61
CA PHE C 139 24.32 -13.64 1.96
C PHE C 139 24.24 -13.94 0.46
N ASP C 140 23.05 -13.85 -0.12
CA ASP C 140 22.81 -14.25 -1.50
C ASP C 140 23.07 -13.09 -2.46
N TRP C 141 23.43 -13.44 -3.68
CA TRP C 141 23.55 -12.49 -4.77
C TRP C 141 22.47 -12.79 -5.82
N GLN C 142 21.79 -11.74 -6.26
CA GLN C 142 20.69 -11.88 -7.20
C GLN C 142 21.16 -11.55 -8.61
N ASN C 143 20.81 -12.42 -9.55
CA ASN C 143 21.19 -12.28 -10.96
C ASN C 143 19.89 -12.18 -11.76
N CYS C 144 19.39 -10.97 -11.92
CA CYS C 144 18.18 -10.75 -12.71
C CYS C 144 18.32 -9.47 -13.52
N SER C 145 17.67 -9.44 -14.66
CA SER C 145 18.03 -8.55 -15.75
C SER C 145 16.82 -7.76 -16.26
N LEU C 146 17.09 -6.89 -17.21
CA LEU C 146 16.08 -6.15 -17.97
C LEU C 146 16.14 -6.60 -19.42
N LYS C 147 15.01 -7.02 -19.97
CA LYS C 147 14.93 -7.56 -21.31
C LYS C 147 14.19 -6.59 -22.21
N PHE C 148 14.86 -6.12 -23.26
CA PHE C 148 14.31 -5.14 -24.19
C PHE C 148 14.13 -5.78 -25.55
N THR C 149 12.93 -5.67 -26.11
CA THR C 149 12.62 -6.25 -27.41
C THR C 149 11.84 -5.23 -28.23
N ALA C 150 11.94 -5.38 -29.55
CA ALA C 150 11.24 -4.52 -30.50
C ALA C 150 10.02 -5.28 -31.03
N LEU C 151 8.86 -4.99 -30.45
CA LEU C 151 7.63 -5.66 -30.82
C LEU C 151 6.91 -5.01 -31.99
N ASN C 152 7.36 -3.83 -32.43
CA ASN C 152 6.70 -3.16 -33.53
C ASN C 152 7.19 -3.64 -34.89
N TYR C 153 8.46 -4.02 -34.99
CA TYR C 153 9.01 -4.52 -36.23
C TYR C 153 9.82 -5.78 -35.95
N ASP C 154 9.85 -6.67 -36.93
CA ASP C 154 10.58 -7.92 -36.81
C ASP C 154 12.05 -7.71 -37.14
N ALA C 155 12.86 -8.75 -36.88
CA ALA C 155 14.28 -8.67 -37.16
C ALA C 155 14.57 -8.53 -38.64
N ASN C 156 13.60 -8.86 -39.50
CA ASN C 156 13.75 -8.66 -40.93
C ASN C 156 13.65 -7.19 -41.32
N GLU C 157 13.16 -6.33 -40.43
CA GLU C 157 13.00 -4.91 -40.71
C GLU C 157 13.90 -4.01 -39.89
N ILE C 158 14.04 -4.26 -38.58
CA ILE C 158 14.93 -3.48 -37.74
C ILE C 158 15.79 -4.43 -36.92
N THR C 159 16.99 -3.98 -36.59
CA THR C 159 17.96 -4.76 -35.82
C THR C 159 18.40 -3.95 -34.61
N MET C 160 18.38 -4.58 -33.44
CA MET C 160 18.75 -3.93 -32.18
C MET C 160 20.19 -4.29 -31.86
N ASP C 161 21.11 -3.41 -32.24
CA ASP C 161 22.53 -3.60 -31.98
C ASP C 161 22.92 -2.93 -30.67
N LEU C 162 24.22 -2.83 -30.41
CA LEU C 162 24.77 -2.15 -29.25
C LEU C 162 25.50 -0.89 -29.69
N MET C 163 25.52 0.11 -28.80
CA MET C 163 26.27 1.33 -29.08
C MET C 163 27.75 1.04 -29.23
N THR C 164 28.38 1.70 -30.19
CA THR C 164 29.81 1.60 -30.44
C THR C 164 30.42 2.99 -30.29
N ASP C 165 31.54 3.06 -29.58
CA ASP C 165 32.26 4.31 -29.35
C ASP C 165 33.69 4.18 -29.85
N THR C 166 34.48 5.22 -29.63
CA THR C 166 35.85 5.29 -30.14
C THR C 166 36.80 5.69 -29.03
N ILE C 167 37.97 5.04 -28.98
CA ILE C 167 39.05 5.41 -28.08
C ILE C 167 40.33 5.74 -28.82
N ASP C 168 40.72 4.90 -29.79
CA ASP C 168 41.92 5.10 -30.59
C ASP C 168 41.62 4.91 -32.07
N GLY C 169 40.49 5.42 -32.53
CA GLY C 169 40.09 5.28 -33.90
C GLY C 169 39.42 3.96 -34.25
N LYS C 170 39.18 3.10 -33.26
CA LYS C 170 38.54 1.82 -33.47
C LYS C 170 37.22 1.75 -32.70
N ASP C 171 36.27 1.02 -33.26
CA ASP C 171 34.93 0.90 -32.69
C ASP C 171 34.82 -0.38 -31.88
N TYR C 172 34.33 -0.26 -30.65
CA TYR C 172 34.08 -1.41 -29.78
C TYR C 172 32.69 -1.28 -29.18
N PRO C 173 31.90 -2.34 -29.17
CA PRO C 173 30.53 -2.23 -28.66
C PRO C 173 30.49 -1.97 -27.17
N ILE C 174 29.46 -1.23 -26.74
CA ILE C 174 29.21 -1.00 -25.32
C ILE C 174 28.47 -2.23 -24.80
N GLU C 175 29.22 -3.16 -24.21
CA GLU C 175 28.67 -4.43 -23.74
C GLU C 175 28.43 -4.42 -22.23
N TRP C 176 28.02 -3.27 -21.69
CA TRP C 176 27.77 -3.16 -20.26
C TRP C 176 26.78 -2.03 -20.01
N ILE C 177 26.21 -2.03 -18.81
CA ILE C 177 25.36 -0.92 -18.38
C ILE C 177 26.26 0.23 -17.95
N ILE C 178 26.09 1.39 -18.56
CA ILE C 178 26.95 2.53 -18.26
C ILE C 178 26.56 3.11 -16.90
N ILE C 179 27.54 3.23 -16.01
CA ILE C 179 27.35 3.77 -14.67
C ILE C 179 28.21 5.02 -14.56
N ASP C 180 27.59 6.12 -14.11
CA ASP C 180 28.31 7.37 -13.89
C ASP C 180 28.99 7.32 -12.52
N PRO C 181 30.31 7.13 -12.48
CA PRO C 181 30.98 6.94 -11.18
C PRO C 181 30.80 8.11 -10.22
N GLU C 182 30.72 9.34 -10.74
CA GLU C 182 30.57 10.50 -9.86
C GLU C 182 29.13 10.65 -9.37
N ALA C 183 28.16 10.54 -10.28
CA ALA C 183 26.76 10.77 -9.93
C ALA C 183 26.16 9.59 -9.17
N PHE C 184 26.53 8.37 -9.54
CA PHE C 184 25.90 7.18 -8.97
C PHE C 184 26.26 7.05 -7.50
N THR C 185 25.25 6.93 -6.65
CA THR C 185 25.43 6.65 -5.23
C THR C 185 24.91 5.23 -4.96
N GLU C 186 25.75 4.42 -4.33
CA GLU C 186 25.46 3.00 -4.18
C GLU C 186 24.20 2.80 -3.34
N ASN C 187 23.44 1.77 -3.67
CA ASN C 187 22.21 1.46 -2.94
C ASN C 187 22.54 1.06 -1.51
N GLY C 188 21.58 1.27 -0.62
CA GLY C 188 21.77 0.97 0.79
C GLY C 188 21.70 -0.49 1.17
N GLU C 189 21.32 -1.36 0.23
CA GLU C 189 21.20 -2.78 0.54
C GLU C 189 21.88 -3.65 -0.51
N TRP C 190 22.01 -3.13 -1.74
CA TRP C 190 22.48 -3.93 -2.86
C TRP C 190 23.76 -3.32 -3.44
N GLU C 191 24.72 -4.18 -3.74
CA GLU C 191 25.99 -3.80 -4.34
C GLU C 191 26.10 -4.40 -5.72
N ILE C 192 26.41 -3.57 -6.71
CA ILE C 192 26.51 -4.03 -8.09
C ILE C 192 27.88 -4.66 -8.30
N ILE C 193 27.89 -5.92 -8.73
CA ILE C 193 29.12 -6.64 -8.98
C ILE C 193 29.41 -6.68 -10.47
N HIS C 194 28.48 -7.24 -11.24
CA HIS C 194 28.61 -7.34 -12.68
C HIS C 194 27.42 -6.67 -13.35
N LYS C 195 27.68 -5.98 -14.45
CA LYS C 195 26.65 -5.29 -15.23
C LYS C 195 26.84 -5.59 -16.71
N PRO C 196 26.67 -6.84 -17.11
CA PRO C 196 26.89 -7.19 -18.52
C PRO C 196 25.68 -6.91 -19.39
N ALA C 197 25.96 -6.56 -20.64
CA ALA C 197 24.94 -6.30 -21.64
C ALA C 197 25.17 -7.23 -22.82
N LYS C 198 24.09 -7.80 -23.35
CA LYS C 198 24.19 -8.81 -24.38
C LYS C 198 23.04 -8.68 -25.37
N LYS C 199 23.33 -8.97 -26.63
CA LYS C 199 22.33 -9.03 -27.68
C LYS C 199 22.01 -10.50 -27.95
N ASN C 200 20.74 -10.86 -27.82
CA ASN C 200 20.33 -12.25 -27.90
C ASN C 200 19.60 -12.50 -29.22
N ILE C 201 20.03 -13.54 -29.93
CA ILE C 201 19.37 -14.00 -31.14
C ILE C 201 18.93 -15.44 -30.91
N TYR C 202 17.66 -15.74 -31.16
CA TYR C 202 17.12 -17.05 -30.89
C TYR C 202 16.96 -17.81 -32.21
N PRO C 203 17.82 -18.78 -32.50
CA PRO C 203 17.69 -19.52 -33.78
C PRO C 203 16.45 -20.39 -33.86
N ASP C 204 15.76 -20.62 -32.73
CA ASP C 204 14.56 -21.45 -32.76
C ASP C 204 13.48 -20.83 -33.65
N LYS C 205 13.32 -19.52 -33.58
CA LYS C 205 12.27 -18.82 -34.30
C LYS C 205 12.81 -18.18 -35.57
N PHE C 206 11.89 -17.62 -36.35
CA PHE C 206 12.22 -17.12 -37.68
C PHE C 206 12.45 -15.61 -37.65
N PRO C 207 13.26 -15.08 -38.58
CA PRO C 207 13.48 -13.63 -38.61
C PRO C 207 12.22 -12.82 -38.84
N ASN C 208 11.26 -13.33 -39.61
CA ASN C 208 10.01 -12.61 -39.84
C ASN C 208 9.12 -12.84 -38.63
N GLY C 209 9.50 -12.20 -37.51
CA GLY C 209 8.77 -12.34 -36.28
C GLY C 209 9.29 -11.39 -35.21
N THR C 210 8.40 -10.90 -34.36
CA THR C 210 8.77 -9.89 -33.36
C THR C 210 9.63 -10.46 -32.24
N ASN C 211 9.79 -11.78 -32.15
CA ASN C 211 10.50 -12.43 -31.06
C ASN C 211 11.72 -13.20 -31.57
N TYR C 212 12.47 -12.61 -32.50
CA TYR C 212 13.69 -13.22 -32.99
C TYR C 212 14.95 -12.57 -32.45
N GLN C 213 14.89 -11.30 -32.06
CA GLN C 213 16.04 -10.59 -31.53
C GLN C 213 15.73 -10.06 -30.13
N ASP C 214 16.79 -9.83 -29.36
CA ASP C 214 16.63 -9.36 -27.99
C ASP C 214 17.92 -8.69 -27.57
N VAL C 215 17.79 -7.67 -26.71
CA VAL C 215 18.93 -7.03 -26.07
C VAL C 215 18.66 -7.05 -24.57
N THR C 216 19.53 -7.72 -23.83
CA THR C 216 19.35 -7.94 -22.39
C THR C 216 20.44 -7.21 -21.63
N PHE C 217 20.05 -6.49 -20.59
CA PHE C 217 20.97 -5.75 -19.73
C PHE C 217 20.96 -6.41 -18.36
N TYR C 218 21.91 -7.32 -18.14
CA TYR C 218 21.96 -8.10 -16.92
C TYR C 218 22.47 -7.26 -15.76
N LEU C 219 22.13 -7.69 -14.54
CA LEU C 219 22.54 -6.99 -13.33
C LEU C 219 22.71 -8.02 -12.22
N ILE C 220 23.95 -8.42 -11.97
CA ILE C 220 24.28 -9.33 -10.87
C ILE C 220 24.68 -8.48 -9.68
N ILE C 221 23.83 -8.46 -8.65
CA ILE C 221 24.03 -7.62 -7.48
C ILE C 221 24.03 -8.50 -6.24
N ARG C 222 24.97 -8.23 -5.34
CA ARG C 222 25.12 -8.98 -4.09
C ARG C 222 24.63 -8.13 -2.93
N ARG C 223 23.74 -8.69 -2.13
CA ARG C 223 23.20 -7.97 -0.98
C ARG C 223 24.28 -7.72 0.05
N LYS C 224 24.16 -6.60 0.77
CA LYS C 224 25.06 -6.30 1.86
C LYS C 224 24.50 -6.92 3.13
N PRO C 225 25.12 -7.95 3.69
CA PRO C 225 24.58 -8.60 4.89
C PRO C 225 25.06 -7.92 6.17
N LEU C 226 24.46 -6.76 6.45
CA LEU C 226 24.74 -6.05 7.69
C LEU C 226 23.51 -5.87 8.56
N PHE C 227 22.37 -5.52 7.97
CA PHE C 227 21.14 -5.39 8.76
C PHE C 227 20.75 -6.73 9.38
N TYR C 228 20.84 -7.81 8.60
CA TYR C 228 20.38 -9.11 9.07
C TYR C 228 21.37 -9.76 10.03
N VAL C 229 22.67 -9.50 9.87
CA VAL C 229 23.64 -10.04 10.81
C VAL C 229 23.67 -9.26 12.12
N ILE C 230 22.92 -8.17 12.21
CA ILE C 230 22.83 -7.38 13.42
C ILE C 230 21.48 -7.55 14.12
N ASN C 231 20.41 -7.67 13.35
CA ASN C 231 19.08 -7.79 13.93
C ASN C 231 18.47 -9.19 13.81
N PHE C 232 19.12 -10.11 13.10
CA PHE C 232 18.56 -11.45 12.93
C PHE C 232 19.53 -12.56 13.26
N ILE C 233 20.82 -12.40 12.98
CA ILE C 233 21.78 -13.50 13.15
C ILE C 233 22.34 -13.52 14.56
N THR C 234 22.88 -12.39 15.01
CA THR C 234 23.55 -12.36 16.32
C THR C 234 22.62 -12.68 17.48
N PRO C 235 21.45 -12.05 17.63
CA PRO C 235 20.59 -12.41 18.77
C PRO C 235 20.12 -13.85 18.73
N CYS C 236 19.81 -14.37 17.53
CA CYS C 236 19.40 -15.76 17.42
C CYS C 236 20.53 -16.70 17.83
N VAL C 237 21.75 -16.40 17.40
CA VAL C 237 22.89 -17.23 17.80
C VAL C 237 23.09 -17.18 19.30
N LEU C 238 22.96 -15.99 19.90
CA LEU C 238 23.17 -15.87 21.35
C LEU C 238 22.10 -16.63 22.14
N ILE C 239 20.83 -16.54 21.72
CA ILE C 239 19.80 -17.27 22.45
C ILE C 239 19.93 -18.77 22.22
N SER C 240 20.40 -19.19 21.05
CA SER C 240 20.72 -20.60 20.86
C SER C 240 21.83 -21.04 21.80
N PHE C 241 22.85 -20.19 21.98
CA PHE C 241 23.93 -20.50 22.91
C PHE C 241 23.38 -20.64 24.33
N LEU C 242 22.43 -19.79 24.70
CA LEU C 242 21.80 -19.93 26.02
C LEU C 242 21.03 -21.24 26.12
N ALA C 243 20.35 -21.64 25.05
CA ALA C 243 19.67 -22.94 25.04
C ALA C 243 20.66 -24.06 25.30
N SER C 244 21.81 -24.01 24.64
CA SER C 244 22.84 -25.03 24.87
C SER C 244 23.35 -25.00 26.30
N LEU C 245 23.58 -23.79 26.84
CA LEU C 245 24.10 -23.62 28.19
C LEU C 245 23.08 -23.98 29.26
N ALA C 246 21.80 -24.13 28.90
CA ALA C 246 20.78 -24.48 29.89
C ALA C 246 21.09 -25.78 30.62
N PHE C 247 21.82 -26.70 29.98
CA PHE C 247 22.24 -27.93 30.66
C PHE C 247 23.16 -27.69 31.84
N TYR C 248 23.87 -26.56 31.88
CA TYR C 248 24.79 -26.30 32.98
C TYR C 248 24.05 -25.74 34.20
N LEU C 249 22.73 -25.83 34.23
CA LEU C 249 21.90 -25.38 35.33
C LEU C 249 21.50 -26.55 36.21
N PRO C 250 21.70 -26.48 37.52
CA PRO C 250 21.36 -27.61 38.39
C PRO C 250 19.87 -27.91 38.36
N ALA C 251 19.55 -29.20 38.51
CA ALA C 251 18.16 -29.65 38.53
C ALA C 251 17.49 -29.47 39.88
N GLU C 252 18.23 -29.09 40.92
CA GLU C 252 17.61 -28.89 42.23
C GLU C 252 16.57 -27.78 42.19
N SER C 253 16.89 -26.68 41.52
CA SER C 253 15.90 -25.64 41.23
C SER C 253 15.14 -26.07 39.98
N GLY C 254 13.91 -26.52 40.16
CA GLY C 254 13.13 -27.01 39.05
C GLY C 254 12.67 -25.88 38.14
N GLU C 255 13.63 -25.26 37.46
CA GLU C 255 13.34 -24.11 36.62
C GLU C 255 14.15 -24.14 35.33
N LYS C 256 14.68 -25.31 34.94
CA LYS C 256 15.38 -25.46 33.67
C LYS C 256 14.42 -25.50 32.49
N MET C 257 13.29 -26.19 32.66
CA MET C 257 12.27 -26.21 31.63
C MET C 257 11.91 -24.80 31.19
N SER C 258 11.80 -23.89 32.15
CA SER C 258 11.43 -22.50 31.83
C SER C 258 12.44 -21.88 30.88
N THR C 259 13.74 -22.02 31.18
CA THR C 259 14.76 -21.44 30.32
C THR C 259 14.71 -22.04 28.92
N ALA C 260 14.60 -23.38 28.85
CA ALA C 260 14.62 -24.03 27.54
C ALA C 260 13.42 -23.62 26.70
N ILE C 261 12.21 -23.69 27.28
CA ILE C 261 11.00 -23.38 26.54
C ILE C 261 10.94 -21.91 26.17
N SER C 262 11.45 -21.03 27.04
CA SER C 262 11.46 -19.61 26.71
C SER C 262 12.43 -19.31 25.58
N VAL C 263 13.58 -20.00 25.55
CA VAL C 263 14.47 -19.84 24.41
C VAL C 263 13.80 -20.33 23.13
N LEU C 264 13.08 -21.45 23.21
CA LEU C 264 12.34 -21.93 22.04
C LEU C 264 11.28 -20.91 21.60
N LEU C 265 10.65 -20.25 22.56
CA LEU C 265 9.62 -19.28 22.22
C LEU C 265 10.24 -18.03 21.57
N ALA C 266 11.42 -17.64 22.04
CA ALA C 266 12.17 -16.57 21.36
C ALA C 266 12.55 -16.99 19.95
N GLN C 267 12.92 -18.25 19.76
CA GLN C 267 13.15 -18.78 18.42
C GLN C 267 11.90 -18.65 17.56
N ALA C 268 10.73 -18.94 18.15
CA ALA C 268 9.48 -18.78 17.42
C ALA C 268 9.23 -17.33 17.05
N VAL C 269 9.57 -16.40 17.94
CA VAL C 269 9.44 -14.98 17.63
C VAL C 269 10.34 -14.59 16.47
N PHE C 270 11.57 -15.10 16.47
CA PHE C 270 12.48 -14.82 15.35
C PHE C 270 11.96 -15.42 14.05
N LEU C 271 11.34 -16.60 14.13
CA LEU C 271 10.71 -17.19 12.96
C LEU C 271 9.57 -16.31 12.45
N LEU C 272 8.76 -15.78 13.36
CA LEU C 272 7.75 -14.80 13.00
C LEU C 272 8.36 -13.61 12.28
N LEU C 273 9.48 -13.10 12.80
CA LEU C 273 10.10 -11.94 12.19
C LEU C 273 10.62 -12.23 10.80
N THR C 274 11.24 -13.39 10.60
CA THR C 274 11.83 -13.71 9.32
C THR C 274 10.81 -14.22 8.30
N SER C 275 9.61 -14.60 8.75
CA SER C 275 8.60 -15.09 7.82
C SER C 275 8.08 -13.99 6.90
N GLN C 276 8.23 -12.72 7.27
CA GLN C 276 7.75 -11.61 6.47
C GLN C 276 8.88 -10.87 5.77
N ARG C 277 10.04 -11.49 5.64
CA ARG C 277 11.19 -10.89 4.97
C ARG C 277 11.55 -11.57 3.66
N LEU C 278 10.81 -12.61 3.27
CA LEU C 278 11.14 -13.41 2.10
C LEU C 278 9.88 -13.71 1.30
N PRO C 279 10.03 -13.94 0.00
CA PRO C 279 8.88 -14.41 -0.79
C PRO C 279 8.56 -15.86 -0.48
N GLU C 280 7.33 -16.25 -0.80
CA GLU C 280 6.88 -17.63 -0.59
C GLU C 280 7.37 -18.54 -1.72
N THR C 281 8.67 -18.50 -1.94
CA THR C 281 9.32 -19.29 -2.98
C THR C 281 9.67 -20.66 -2.43
N ALA C 282 9.31 -21.70 -3.18
CA ALA C 282 9.54 -23.08 -2.75
C ALA C 282 10.63 -23.78 -3.54
N LEU C 283 11.46 -23.04 -4.28
CA LEU C 283 12.56 -23.67 -5.01
C LEU C 283 13.58 -24.28 -4.04
N ALA C 284 13.94 -23.53 -3.00
CA ALA C 284 14.91 -24.03 -2.04
C ALA C 284 14.66 -23.35 -0.70
N VAL C 285 15.03 -24.05 0.37
CA VAL C 285 14.85 -23.50 1.72
C VAL C 285 15.87 -22.38 1.94
N PRO C 286 15.47 -21.23 2.48
CA PRO C 286 16.45 -20.18 2.76
C PRO C 286 17.45 -20.62 3.81
N LEU C 287 18.67 -20.06 3.73
CA LEU C 287 19.69 -20.37 4.71
C LEU C 287 19.23 -19.98 6.11
N ILE C 288 18.52 -18.85 6.23
CA ILE C 288 17.91 -18.49 7.51
C ILE C 288 16.88 -19.51 7.92
N GLY C 289 16.07 -19.98 6.97
CA GLY C 289 15.08 -21.01 7.28
C GLY C 289 15.73 -22.31 7.71
N LYS C 290 16.76 -22.75 6.98
CA LYS C 290 17.46 -23.98 7.36
C LYS C 290 18.07 -23.85 8.74
N TYR C 291 18.74 -22.73 9.00
CA TYR C 291 19.36 -22.52 10.31
C TYR C 291 18.32 -22.49 11.42
N LEU C 292 17.20 -21.80 11.18
CA LEU C 292 16.19 -21.66 12.21
C LEU C 292 15.53 -23.00 12.52
N MET C 293 15.19 -23.78 11.49
CA MET C 293 14.58 -25.08 11.77
C MET C 293 15.57 -26.05 12.39
N PHE C 294 16.84 -26.00 11.97
CA PHE C 294 17.85 -26.83 12.61
C PHE C 294 17.99 -26.48 14.09
N ILE C 295 18.05 -25.19 14.40
CA ILE C 295 18.24 -24.78 15.79
C ILE C 295 17.00 -25.04 16.62
N MET C 296 15.79 -24.93 16.03
CA MET C 296 14.59 -25.22 16.80
C MET C 296 14.42 -26.71 17.04
N SER C 297 14.80 -27.54 16.06
CA SER C 297 14.82 -28.97 16.29
C SER C 297 15.82 -29.33 17.38
N LEU C 298 16.99 -28.68 17.36
CA LEU C 298 17.98 -28.94 18.39
C LEU C 298 17.49 -28.48 19.76
N VAL C 299 16.80 -27.34 19.82
CA VAL C 299 16.27 -26.85 21.09
C VAL C 299 15.15 -27.74 21.60
N THR C 300 14.33 -28.29 20.69
CA THR C 300 13.35 -29.28 21.10
C THR C 300 14.02 -30.52 21.66
N GLY C 301 15.12 -30.96 21.03
CA GLY C 301 15.88 -32.06 21.60
C GLY C 301 16.46 -31.72 22.95
N VAL C 302 16.91 -30.48 23.12
CA VAL C 302 17.37 -30.01 24.43
C VAL C 302 16.26 -30.13 25.46
N ILE C 303 15.05 -29.68 25.10
CA ILE C 303 13.93 -29.71 26.03
C ILE C 303 13.61 -31.15 26.42
N VAL C 304 13.55 -32.04 25.41
CA VAL C 304 13.23 -33.44 25.68
C VAL C 304 14.30 -34.06 26.56
N ASN C 305 15.56 -33.78 26.29
CA ASN C 305 16.64 -34.42 27.03
C ASN C 305 16.70 -33.93 28.48
N CYS C 306 16.50 -32.62 28.70
CA CYS C 306 16.49 -32.15 30.07
C CYS C 306 15.22 -32.57 30.80
N GLY C 307 14.13 -32.82 30.06
CA GLY C 307 12.97 -33.44 30.67
C GLY C 307 13.25 -34.87 31.12
N ILE C 308 14.00 -35.62 30.29
CA ILE C 308 14.45 -36.94 30.70
C ILE C 308 15.30 -36.84 31.96
N VAL C 309 16.18 -35.84 32.01
CA VAL C 309 17.04 -35.65 33.18
C VAL C 309 16.20 -35.36 34.42
N LEU C 310 15.21 -34.48 34.28
CA LEU C 310 14.37 -34.14 35.42
C LEU C 310 13.57 -35.35 35.90
N ASN C 311 13.05 -36.15 34.96
CA ASN C 311 12.30 -37.34 35.35
C ASN C 311 13.19 -38.35 36.04
N PHE C 312 14.44 -38.48 35.59
CA PHE C 312 15.37 -39.40 36.24
C PHE C 312 15.77 -38.91 37.62
N HIS C 313 15.88 -37.58 37.80
CA HIS C 313 16.31 -37.03 39.08
C HIS C 313 15.31 -37.31 40.18
N PHE C 314 14.01 -37.22 39.87
CA PHE C 314 12.96 -37.34 40.87
C PHE C 314 12.43 -38.76 41.02
N ARG C 315 13.22 -39.76 40.65
CA ARG C 315 12.83 -41.15 40.88
C ARG C 315 12.93 -41.50 42.36
N THR C 316 12.13 -42.48 42.78
CA THR C 316 12.08 -42.92 44.15
C THR C 316 12.03 -44.44 44.21
N PRO C 317 12.55 -45.05 45.28
CA PRO C 317 12.40 -46.50 45.43
C PRO C 317 10.95 -46.95 45.48
N SER C 318 10.07 -46.12 46.02
CA SER C 318 8.66 -46.47 46.15
C SER C 318 7.88 -46.10 44.90
N GLU C 442 19.64 -42.95 49.19
CA GLU C 442 19.42 -43.53 47.87
C GLU C 442 19.12 -42.43 46.85
N VAL C 443 18.43 -41.38 47.31
CA VAL C 443 18.05 -40.29 46.42
C VAL C 443 19.30 -39.58 45.91
N GLY C 444 20.37 -39.55 46.71
CA GLY C 444 21.62 -38.98 46.23
C GLY C 444 22.16 -39.71 45.02
N ASN C 445 21.96 -41.03 44.96
CA ASN C 445 22.39 -41.78 43.79
C ASN C 445 21.65 -41.32 42.54
N TRP C 446 20.34 -41.10 42.65
CA TRP C 446 19.57 -40.59 41.53
C TRP C 446 20.02 -39.18 41.15
N ASN C 447 20.34 -38.35 42.15
CA ASN C 447 20.83 -37.01 41.87
C ASN C 447 22.14 -37.04 41.08
N LEU C 448 23.07 -37.91 41.49
CA LEU C 448 24.33 -38.02 40.76
C LEU C 448 24.11 -38.62 39.38
N VAL C 449 23.15 -39.54 39.23
CA VAL C 449 22.83 -40.06 37.91
C VAL C 449 22.33 -38.94 37.00
N GLY C 450 21.45 -38.10 37.52
CA GLY C 450 20.96 -36.97 36.75
C GLY C 450 22.07 -36.00 36.38
N GLN C 451 22.96 -35.70 37.33
CA GLN C 451 24.07 -34.80 37.05
C GLN C 451 24.99 -35.39 35.97
N THR C 452 25.27 -36.69 36.05
CA THR C 452 26.14 -37.33 35.08
C THR C 452 25.52 -37.31 33.69
N ILE C 453 24.24 -37.66 33.60
CA ILE C 453 23.60 -37.65 32.28
C ILE C 453 23.49 -36.23 31.75
N ASP C 454 23.29 -35.24 32.63
CA ASP C 454 23.25 -33.85 32.19
C ASP C 454 24.59 -33.40 31.62
N ARG C 455 25.68 -33.73 32.33
CA ARG C 455 27.01 -33.37 31.83
C ARG C 455 27.31 -34.07 30.51
N LEU C 456 26.97 -35.36 30.41
CA LEU C 456 27.21 -36.10 29.18
C LEU C 456 26.42 -35.50 28.02
N SER C 457 25.16 -35.15 28.27
CA SER C 457 24.33 -34.56 27.23
C SER C 457 24.87 -33.20 26.79
N MET C 458 25.32 -32.39 27.75
CA MET C 458 25.94 -31.11 27.41
C MET C 458 27.16 -31.33 26.52
N PHE C 459 28.06 -32.22 26.93
CA PHE C 459 29.27 -32.47 26.15
C PHE C 459 28.94 -33.03 24.77
N ILE C 460 27.84 -33.79 24.65
CA ILE C 460 27.46 -34.32 23.35
C ILE C 460 26.91 -33.22 22.45
N ILE C 461 26.04 -32.35 22.98
CA ILE C 461 25.19 -31.55 22.12
C ILE C 461 25.71 -30.12 21.91
N THR C 462 26.43 -29.57 22.88
CA THR C 462 26.95 -28.21 22.71
C THR C 462 27.92 -28.11 21.53
N PRO C 463 28.90 -29.00 21.38
CA PRO C 463 29.72 -28.96 20.16
C PRO C 463 28.90 -29.12 18.90
N VAL C 464 27.83 -29.93 18.92
CA VAL C 464 27.00 -30.09 17.73
C VAL C 464 26.39 -28.76 17.32
N MET C 465 25.83 -28.03 18.29
CA MET C 465 25.22 -26.74 17.97
C MET C 465 26.26 -25.74 17.48
N VAL C 466 27.39 -25.66 18.18
CA VAL C 466 28.41 -24.68 17.80
C VAL C 466 28.92 -24.96 16.40
N LEU C 467 29.25 -26.23 16.13
CA LEU C 467 29.77 -26.60 14.81
C LEU C 467 28.72 -26.39 13.73
N GLY C 468 27.45 -26.71 14.02
CA GLY C 468 26.41 -26.52 13.02
C GLY C 468 26.22 -25.06 12.66
N THR C 469 26.15 -24.19 13.68
CA THR C 469 25.99 -22.77 13.40
C THR C 469 27.20 -22.21 12.65
N ILE C 470 28.41 -22.58 13.07
CA ILE C 470 29.61 -22.09 12.40
C ILE C 470 29.63 -22.56 10.95
N PHE C 471 29.34 -23.85 10.72
CA PHE C 471 29.36 -24.39 9.37
C PHE C 471 28.32 -23.70 8.49
N ILE C 472 27.11 -23.51 9.00
CA ILE C 472 26.06 -22.87 8.21
C ILE C 472 26.45 -21.45 7.86
N PHE C 473 26.97 -20.70 8.83
CA PHE C 473 27.24 -19.29 8.60
C PHE C 473 28.59 -19.02 7.96
N VAL C 474 29.42 -20.05 7.75
CA VAL C 474 30.61 -19.86 6.91
C VAL C 474 30.31 -20.38 5.51
N MET C 475 29.37 -21.33 5.40
CA MET C 475 28.90 -21.74 4.08
C MET C 475 28.13 -20.62 3.41
N GLY C 476 27.29 -19.91 4.17
CA GLY C 476 26.62 -18.74 3.63
C GLY C 476 27.59 -17.61 3.32
N ASN C 477 28.57 -17.40 4.21
CA ASN C 477 29.52 -16.30 4.05
C ASN C 477 30.50 -16.50 2.89
N PHE C 478 30.58 -17.70 2.33
CA PHE C 478 31.49 -18.02 1.24
C PHE C 478 30.78 -17.99 -0.11
N ASN C 479 29.88 -17.03 -0.29
CA ASN C 479 29.02 -17.00 -1.48
C ASN C 479 29.30 -15.79 -2.36
N HIS C 480 30.57 -15.51 -2.61
CA HIS C 480 30.91 -14.48 -3.58
C HIS C 480 30.40 -14.89 -4.97
N PRO C 481 29.97 -13.93 -5.77
CA PRO C 481 29.59 -14.25 -7.15
C PRO C 481 30.80 -14.76 -7.91
N PRO C 482 30.58 -15.53 -8.98
CA PRO C 482 31.70 -16.25 -9.61
C PRO C 482 32.71 -15.36 -10.31
N ALA C 483 32.56 -14.05 -10.18
CA ALA C 483 33.47 -13.05 -10.73
C ALA C 483 33.56 -13.09 -12.25
N LYS C 484 32.69 -13.86 -12.90
CA LYS C 484 32.72 -13.99 -14.35
C LYS C 484 31.33 -14.36 -14.86
N PRO C 485 30.52 -13.39 -15.28
CA PRO C 485 29.20 -13.72 -15.81
C PRO C 485 29.30 -14.52 -17.10
N PHE C 486 28.26 -15.30 -17.37
CA PHE C 486 28.22 -16.17 -18.54
C PHE C 486 29.39 -17.16 -18.51
N GLU C 487 29.31 -18.07 -17.54
CA GLU C 487 30.39 -18.98 -17.18
C GLU C 487 31.12 -19.56 -18.38
N GLY C 488 30.41 -19.77 -19.50
CA GLY C 488 31.06 -20.24 -20.71
C GLY C 488 31.61 -19.13 -21.58
N ASP C 489 32.00 -18.01 -20.98
CA ASP C 489 32.55 -16.85 -21.68
C ASP C 489 33.68 -16.23 -20.87
N PRO C 490 34.92 -16.27 -21.37
CA PRO C 490 36.04 -15.70 -20.61
C PRO C 490 35.96 -14.18 -20.43
N PHE C 491 35.18 -13.48 -21.24
CA PHE C 491 35.10 -12.03 -21.13
C PHE C 491 34.39 -11.63 -19.84
N ASP C 492 34.96 -10.66 -19.13
CA ASP C 492 34.41 -10.21 -17.86
C ASP C 492 33.36 -9.12 -18.00
N TYR C 493 33.18 -8.57 -19.21
CA TYR C 493 32.17 -7.54 -19.47
C TYR C 493 32.35 -6.34 -18.54
N SER C 494 33.59 -5.86 -18.46
CA SER C 494 33.92 -4.73 -17.61
C SER C 494 34.33 -3.54 -18.46
N SER C 495 33.90 -2.34 -18.05
CA SER C 495 34.23 -1.13 -18.79
C SER C 495 35.72 -0.83 -18.80
N ASP C 496 36.46 -1.32 -17.81
CA ASP C 496 37.90 -1.06 -17.75
C ASP C 496 38.63 -1.70 -18.92
N HIS C 497 38.21 -2.90 -19.32
CA HIS C 497 38.85 -3.65 -20.40
C HIS C 497 37.82 -3.98 -21.48
N PRO C 498 37.65 -3.10 -22.46
CA PRO C 498 36.71 -3.40 -23.56
C PRO C 498 37.25 -4.50 -24.47
N ARG C 499 36.37 -4.98 -25.34
CA ARG C 499 36.72 -6.08 -26.24
C ARG C 499 37.57 -5.60 -27.42
N CYS C 500 37.02 -4.71 -28.24
CA CYS C 500 37.74 -4.23 -29.42
C CYS C 500 38.35 -2.87 -29.17
N SER D 1 -12.32 39.51 -23.10
CA SER D 1 -12.09 40.76 -23.80
C SER D 1 -11.75 40.50 -25.26
N GLU D 2 -12.34 41.29 -26.16
CA GLU D 2 -12.07 41.12 -27.58
C GLU D 2 -10.64 41.52 -27.93
N HIS D 3 -10.08 42.50 -27.22
CA HIS D 3 -8.70 42.88 -27.47
C HIS D 3 -7.74 41.74 -27.13
N GLU D 4 -7.95 41.10 -25.97
CA GLU D 4 -7.09 39.96 -25.62
C GLU D 4 -7.33 38.78 -26.55
N THR D 5 -8.54 38.62 -27.06
CA THR D 5 -8.79 37.62 -28.10
C THR D 5 -7.95 37.93 -29.34
N ARG D 6 -7.86 39.20 -29.71
CA ARG D 6 -7.02 39.59 -30.84
C ARG D 6 -5.54 39.29 -30.55
N LEU D 7 -5.10 39.55 -29.32
CA LEU D 7 -3.73 39.16 -28.94
C LEU D 7 -3.51 37.67 -29.14
N VAL D 8 -4.40 36.84 -28.59
CA VAL D 8 -4.18 35.40 -28.62
C VAL D 8 -4.24 34.89 -30.05
N ALA D 9 -5.09 35.49 -30.88
CA ALA D 9 -5.15 35.08 -32.29
C ALA D 9 -3.89 35.49 -33.03
N ASN D 10 -3.46 36.75 -32.90
CA ASN D 10 -2.37 37.27 -33.70
C ASN D 10 -1.02 36.69 -33.28
N LEU D 11 -0.79 36.53 -31.98
CA LEU D 11 0.50 36.06 -31.51
C LEU D 11 0.77 34.63 -31.92
N LEU D 12 -0.28 33.83 -32.12
CA LEU D 12 -0.14 32.41 -32.42
C LEU D 12 -0.50 32.05 -33.85
N GLU D 13 -0.61 33.03 -34.75
CA GLU D 13 -0.85 32.72 -36.15
C GLU D 13 0.31 31.94 -36.76
N ASN D 14 1.55 32.36 -36.46
CA ASN D 14 2.75 31.78 -37.05
C ASN D 14 3.76 31.45 -35.96
N TYR D 15 3.29 30.80 -34.91
CA TYR D 15 4.11 30.45 -33.76
C TYR D 15 4.34 28.96 -33.72
N ASN D 16 5.59 28.54 -33.59
CA ASN D 16 5.98 27.14 -33.47
C ASN D 16 6.57 26.91 -32.09
N LYS D 17 5.87 26.14 -31.25
CA LYS D 17 6.41 25.77 -29.95
C LYS D 17 7.56 24.78 -30.07
N VAL D 18 7.75 24.17 -31.24
CA VAL D 18 8.86 23.25 -31.44
C VAL D 18 10.19 23.99 -31.42
N ILE D 19 10.20 25.21 -31.96
CA ILE D 19 11.42 25.96 -32.20
C ILE D 19 11.67 26.91 -31.04
N ARG D 20 12.90 26.91 -30.53
CA ARG D 20 13.26 27.78 -29.43
C ARG D 20 13.20 29.24 -29.85
N PRO D 21 12.79 30.14 -28.96
CA PRO D 21 12.55 31.56 -29.30
C PRO D 21 13.79 32.45 -29.22
N VAL D 22 14.62 32.39 -30.26
CA VAL D 22 15.82 33.19 -30.34
C VAL D 22 15.87 33.86 -31.70
N GLU D 23 16.47 35.05 -31.75
CA GLU D 23 16.54 35.78 -33.01
C GLU D 23 17.39 35.05 -34.04
N HIS D 24 18.53 34.54 -33.62
CA HIS D 24 19.42 33.77 -34.49
C HIS D 24 19.85 32.51 -33.76
N HIS D 25 19.97 31.42 -34.52
CA HIS D 25 20.26 30.12 -33.91
C HIS D 25 21.62 30.08 -33.21
N THR D 26 22.52 31.01 -33.55
CA THR D 26 23.80 31.06 -32.86
C THR D 26 23.62 31.52 -31.41
N HIS D 27 22.71 32.45 -31.16
CA HIS D 27 22.50 32.98 -29.83
C HIS D 27 21.85 31.92 -28.94
N PHE D 28 21.73 32.26 -27.65
CA PHE D 28 21.21 31.35 -26.65
C PHE D 28 20.04 31.99 -25.92
N VAL D 29 19.11 31.16 -25.48
CA VAL D 29 17.95 31.61 -24.72
C VAL D 29 18.31 31.58 -23.24
N ASP D 30 18.30 32.74 -22.59
CA ASP D 30 18.65 32.84 -21.18
C ASP D 30 17.42 32.62 -20.31
N ILE D 31 17.54 31.73 -19.34
CA ILE D 31 16.44 31.36 -18.46
C ILE D 31 16.89 31.51 -17.02
N THR D 32 16.09 32.21 -16.22
CA THR D 32 16.36 32.34 -14.80
C THR D 32 15.48 31.35 -14.05
N VAL D 33 16.10 30.32 -13.48
CA VAL D 33 15.39 29.22 -12.83
C VAL D 33 15.36 29.49 -11.33
N GLY D 34 14.19 29.34 -10.74
CA GLY D 34 14.04 29.50 -9.31
C GLY D 34 13.21 28.39 -8.71
N LEU D 35 13.53 28.05 -7.47
CA LEU D 35 12.84 27.00 -6.73
C LEU D 35 12.15 27.58 -5.52
N GLN D 36 10.94 27.12 -5.25
CA GLN D 36 10.14 27.59 -4.12
C GLN D 36 9.67 26.36 -3.33
N LEU D 37 10.35 26.09 -2.22
CA LEU D 37 9.97 24.98 -1.36
C LEU D 37 8.64 25.28 -0.68
N ILE D 38 7.82 24.25 -0.51
CA ILE D 38 6.52 24.36 0.15
C ILE D 38 6.42 23.44 1.36
N GLN D 39 6.69 22.15 1.17
CA GLN D 39 6.64 21.20 2.28
C GLN D 39 7.41 19.94 1.90
N LEU D 40 7.81 19.19 2.93
CA LEU D 40 8.38 17.87 2.76
C LEU D 40 7.28 16.84 2.96
N ILE D 41 6.96 16.09 1.90
CA ILE D 41 5.96 15.05 2.02
C ILE D 41 6.47 13.92 2.91
N SER D 42 7.70 13.47 2.68
CA SER D 42 8.28 12.38 3.45
C SER D 42 9.77 12.31 3.12
N VAL D 43 10.48 11.51 3.93
CA VAL D 43 11.89 11.20 3.70
C VAL D 43 12.04 9.70 3.93
N ASP D 44 12.34 8.97 2.87
CA ASP D 44 12.42 7.51 2.91
C ASP D 44 13.88 7.10 3.03
N GLU D 45 14.27 6.65 4.23
CA GLU D 45 15.66 6.30 4.48
C GLU D 45 16.05 4.96 3.85
N VAL D 46 15.15 3.98 3.90
CA VAL D 46 15.49 2.65 3.38
C VAL D 46 15.59 2.69 1.86
N ASN D 47 14.72 3.44 1.20
CA ASN D 47 14.77 3.59 -0.25
C ASN D 47 15.62 4.77 -0.69
N GLN D 48 16.13 5.56 0.24
CA GLN D 48 17.01 6.70 -0.07
C GLN D 48 16.32 7.71 -0.99
N ILE D 49 15.02 7.93 -0.77
CA ILE D 49 14.22 8.82 -1.59
C ILE D 49 13.62 9.90 -0.70
N VAL D 50 13.75 11.15 -1.12
CA VAL D 50 13.11 12.28 -0.46
C VAL D 50 12.06 12.85 -1.40
N GLU D 51 10.81 12.89 -0.95
CA GLU D 51 9.70 13.41 -1.72
C GLU D 51 9.31 14.77 -1.16
N THR D 52 9.20 15.76 -2.04
CA THR D 52 8.91 17.12 -1.64
C THR D 52 7.91 17.75 -2.59
N ASN D 53 7.22 18.77 -2.10
CA ASN D 53 6.23 19.53 -2.88
C ASN D 53 6.82 20.89 -3.18
N VAL D 54 7.14 21.14 -4.46
CA VAL D 54 7.79 22.37 -4.87
C VAL D 54 7.05 22.93 -6.09
N ARG D 55 7.27 24.22 -6.33
CA ARG D 55 6.87 24.87 -7.58
C ARG D 55 8.10 25.53 -8.18
N LEU D 56 8.32 25.26 -9.47
CA LEU D 56 9.55 25.67 -10.15
C LEU D 56 9.32 27.01 -10.86
N ARG D 57 10.02 28.04 -10.40
CA ARG D 57 9.87 29.37 -10.96
C ARG D 57 10.83 29.52 -12.13
N GLN D 58 10.29 29.72 -13.34
CA GLN D 58 11.09 29.86 -14.55
C GLN D 58 10.71 31.15 -15.24
N GLN D 59 11.72 31.95 -15.61
CA GLN D 59 11.52 33.20 -16.32
C GLN D 59 12.45 33.26 -17.51
N TRP D 60 11.91 33.68 -18.65
CA TRP D 60 12.70 33.80 -19.88
C TRP D 60 11.97 34.70 -20.85
N ILE D 61 12.72 35.18 -21.85
CA ILE D 61 12.23 36.20 -22.78
C ILE D 61 11.98 35.55 -24.13
N ASP D 62 10.78 35.78 -24.67
CA ASP D 62 10.40 35.31 -25.99
C ASP D 62 10.40 36.49 -26.95
N VAL D 63 11.11 36.36 -28.07
CA VAL D 63 11.19 37.44 -29.04
C VAL D 63 10.02 37.44 -30.02
N ARG D 64 9.29 36.34 -30.14
CA ARG D 64 8.19 36.22 -31.09
C ARG D 64 6.83 36.54 -30.47
N LEU D 65 6.79 36.91 -29.19
CA LEU D 65 5.55 37.17 -28.48
C LEU D 65 5.55 38.60 -27.92
N ARG D 66 5.97 39.55 -28.74
CA ARG D 66 5.94 40.96 -28.38
C ARG D 66 4.72 41.63 -29.01
N TRP D 67 4.24 42.70 -28.36
CA TRP D 67 3.15 43.48 -28.91
C TRP D 67 3.21 44.88 -28.32
N ASN D 68 2.51 45.80 -28.97
CA ASN D 68 2.42 47.17 -28.49
C ASN D 68 1.13 47.34 -27.71
N PRO D 69 1.18 47.62 -26.39
CA PRO D 69 -0.06 47.76 -25.62
C PRO D 69 -1.00 48.83 -26.14
N ALA D 70 -0.45 49.94 -26.65
CA ALA D 70 -1.30 51.01 -27.15
C ALA D 70 -2.13 50.56 -28.35
N ASP D 71 -1.63 49.57 -29.09
CA ASP D 71 -2.35 49.05 -30.25
C ASP D 71 -3.47 48.09 -29.88
N TYR D 72 -3.57 47.69 -28.62
CA TYR D 72 -4.51 46.64 -28.22
C TYR D 72 -5.23 47.02 -26.93
N GLY D 73 -5.64 48.29 -26.82
CA GLY D 73 -6.45 48.72 -25.70
C GLY D 73 -5.70 48.98 -24.42
N GLY D 74 -4.39 48.81 -24.40
CA GLY D 74 -3.59 49.12 -23.22
C GLY D 74 -3.27 47.96 -22.30
N ILE D 75 -3.60 46.73 -22.69
CA ILE D 75 -3.28 45.59 -21.84
C ILE D 75 -1.80 45.26 -21.97
N LYS D 76 -1.22 44.74 -20.88
CA LYS D 76 0.20 44.45 -20.84
C LYS D 76 0.53 43.05 -20.36
N LYS D 77 -0.46 42.25 -19.96
CA LYS D 77 -0.21 40.89 -19.49
C LYS D 77 -1.31 39.97 -19.99
N ILE D 78 -0.91 38.77 -20.41
CA ILE D 78 -1.84 37.72 -20.83
C ILE D 78 -1.45 36.43 -20.14
N ARG D 79 -2.27 35.40 -20.35
CA ARG D 79 -2.20 34.15 -19.59
C ARG D 79 -2.28 32.95 -20.52
N LEU D 80 -1.43 32.91 -21.54
CA LEU D 80 -1.44 31.81 -22.48
C LEU D 80 -1.17 30.48 -21.77
N PRO D 81 -1.78 29.39 -22.21
CA PRO D 81 -1.49 28.08 -21.63
C PRO D 81 -0.09 27.61 -21.98
N SER D 82 0.39 26.64 -21.21
CA SER D 82 1.72 26.10 -21.43
C SER D 82 1.82 25.41 -22.78
N ASP D 83 0.82 24.63 -23.16
CA ASP D 83 0.89 23.88 -24.41
C ASP D 83 0.78 24.75 -25.65
N ASP D 84 0.83 26.07 -25.54
CA ASP D 84 0.77 26.95 -26.71
C ASP D 84 2.08 27.68 -27.00
N VAL D 85 3.07 27.59 -26.11
CA VAL D 85 4.34 28.29 -26.28
C VAL D 85 5.48 27.29 -26.15
N TRP D 86 6.69 27.79 -26.38
CA TRP D 86 7.89 26.99 -26.16
C TRP D 86 8.17 26.83 -24.68
N LEU D 87 8.67 25.66 -24.29
CA LEU D 87 8.95 25.35 -22.89
C LEU D 87 10.36 24.77 -22.76
N PRO D 88 11.16 25.27 -21.82
CA PRO D 88 12.40 24.56 -21.47
C PRO D 88 12.06 23.30 -20.69
N ASP D 89 12.71 22.20 -21.06
CA ASP D 89 12.43 20.90 -20.44
C ASP D 89 13.35 20.69 -19.25
N LEU D 90 13.11 21.49 -18.20
CA LEU D 90 13.82 21.33 -16.95
C LEU D 90 13.41 20.01 -16.30
N VAL D 91 14.39 19.19 -15.97
CA VAL D 91 14.15 17.86 -15.42
C VAL D 91 15.08 17.62 -14.24
N LEU D 92 14.69 16.66 -13.41
CA LEU D 92 15.52 16.22 -12.30
C LEU D 92 16.55 15.23 -12.82
N TYR D 93 17.83 15.52 -12.58
CA TYR D 93 18.89 14.60 -12.96
C TYR D 93 19.06 13.45 -11.97
N ASN D 94 18.40 13.52 -10.82
CA ASN D 94 18.47 12.49 -9.79
C ASN D 94 17.08 12.08 -9.33
N ASN D 95 16.14 12.00 -10.27
CA ASN D 95 14.80 11.53 -9.94
C ASN D 95 14.85 10.04 -9.58
N ALA D 96 14.07 9.67 -8.56
CA ALA D 96 14.05 8.27 -8.13
C ALA D 96 12.92 7.49 -8.77
N ASP D 97 11.66 7.87 -8.49
CA ASP D 97 10.53 7.21 -9.11
C ASP D 97 9.40 8.18 -9.44
N GLY D 98 9.70 9.47 -9.54
CA GLY D 98 8.70 10.48 -9.85
C GLY D 98 8.64 10.80 -11.33
N ASP D 99 8.25 12.04 -11.63
CA ASP D 99 8.20 12.52 -13.00
C ASP D 99 9.41 13.41 -13.25
N PHE D 100 10.15 13.11 -14.32
CA PHE D 100 11.36 13.87 -14.62
C PHE D 100 11.03 15.31 -14.96
N ALA D 101 10.12 15.52 -15.90
CA ALA D 101 9.71 16.85 -16.30
C ALA D 101 8.53 17.31 -15.45
N ILE D 102 7.91 18.41 -15.84
CA ILE D 102 6.76 18.96 -15.13
C ILE D 102 5.50 18.60 -15.91
N VAL D 103 4.55 17.97 -15.22
CA VAL D 103 3.33 17.47 -15.87
C VAL D 103 2.12 18.34 -15.57
N HIS D 104 2.33 19.53 -15.01
CA HIS D 104 1.25 20.47 -14.73
C HIS D 104 1.41 21.69 -15.62
N MET D 105 0.29 22.15 -16.20
CA MET D 105 0.38 23.19 -17.23
C MET D 105 0.39 24.58 -16.61
N THR D 106 -0.69 24.95 -15.91
CA THR D 106 -0.70 26.14 -15.05
C THR D 106 -0.34 27.40 -15.84
N LYS D 107 -1.29 27.80 -16.69
CA LYS D 107 -1.13 28.87 -17.68
C LYS D 107 -0.19 29.98 -17.22
N LEU D 108 0.78 30.31 -18.07
CA LEU D 108 1.88 31.19 -17.69
C LEU D 108 1.58 32.65 -17.99
N LEU D 109 2.18 33.53 -17.19
CA LEU D 109 2.05 34.97 -17.36
C LEU D 109 3.03 35.45 -18.41
N LEU D 110 2.58 36.37 -19.27
CA LEU D 110 3.36 36.81 -20.42
C LEU D 110 3.27 38.33 -20.53
N ASP D 111 4.42 39.00 -20.40
CA ASP D 111 4.47 40.45 -20.49
C ASP D 111 4.49 40.90 -21.94
N TYR D 112 4.30 42.21 -22.14
CA TYR D 112 4.24 42.76 -23.49
C TYR D 112 5.62 42.90 -24.12
N THR D 113 6.68 42.85 -23.32
CA THR D 113 8.04 42.90 -23.85
C THR D 113 8.57 41.53 -24.23
N GLY D 114 7.76 40.48 -24.08
CA GLY D 114 8.18 39.14 -24.39
C GLY D 114 8.57 38.28 -23.19
N LYS D 115 8.75 38.90 -22.03
CA LYS D 115 9.13 38.13 -20.84
C LYS D 115 7.99 37.20 -20.43
N ILE D 116 8.36 35.99 -20.03
CA ILE D 116 7.39 34.96 -19.65
C ILE D 116 7.73 34.49 -18.24
N MET D 117 6.71 34.41 -17.40
CA MET D 117 6.84 34.00 -16.01
C MET D 117 6.00 32.74 -15.80
N TRP D 118 6.67 31.60 -15.64
CA TRP D 118 6.01 30.31 -15.48
C TRP D 118 6.32 29.76 -14.09
N THR D 119 5.28 29.35 -13.36
CA THR D 119 5.41 28.78 -12.02
C THR D 119 4.52 27.55 -11.91
N PRO D 120 4.93 26.42 -12.48
CA PRO D 120 4.15 25.19 -12.34
C PRO D 120 4.59 24.42 -11.10
N PRO D 121 3.67 23.71 -10.44
CA PRO D 121 4.05 22.89 -9.30
C PRO D 121 4.59 21.54 -9.75
N ALA D 122 5.20 20.85 -8.80
CA ALA D 122 5.75 19.52 -9.06
C ALA D 122 5.90 18.77 -7.74
N ILE D 123 5.98 17.46 -7.84
CA ILE D 123 6.23 16.60 -6.69
C ILE D 123 7.57 15.92 -6.96
N PHE D 124 8.65 16.54 -6.48
CA PHE D 124 10.00 16.06 -6.79
C PHE D 124 10.36 14.92 -5.85
N LYS D 125 10.56 13.73 -6.41
CA LYS D 125 11.05 12.57 -5.67
C LYS D 125 12.53 12.42 -6.00
N SER D 126 13.36 13.22 -5.33
CA SER D 126 14.79 13.25 -5.61
C SER D 126 15.50 12.13 -4.85
N TYR D 127 16.45 11.50 -5.53
CA TYR D 127 17.23 10.46 -4.88
C TYR D 127 18.15 11.08 -3.84
N CYS D 128 18.12 10.55 -2.63
CA CYS D 128 18.75 11.18 -1.47
C CYS D 128 19.73 10.22 -0.84
N GLU D 129 20.96 10.69 -0.62
CA GLU D 129 21.97 9.88 0.04
C GLU D 129 21.75 9.93 1.53
N ILE D 130 21.18 8.87 2.09
CA ILE D 130 20.88 8.79 3.52
C ILE D 130 22.08 8.19 4.23
N ILE D 131 22.59 8.89 5.24
CA ILE D 131 23.73 8.45 6.03
C ILE D 131 23.20 8.08 7.40
N VAL D 132 22.98 6.78 7.62
CA VAL D 132 22.48 6.29 8.91
C VAL D 132 23.71 5.93 9.75
N THR D 133 24.26 6.95 10.38
CA THR D 133 25.38 6.76 11.30
C THR D 133 25.12 7.38 12.66
N HIS D 134 24.42 8.51 12.72
CA HIS D 134 24.03 9.13 13.98
C HIS D 134 22.51 9.10 14.16
N PHE D 135 21.83 8.22 13.45
CA PHE D 135 20.38 8.10 13.55
C PHE D 135 19.98 7.81 15.00
N PRO D 136 18.95 8.49 15.54
CA PRO D 136 18.11 9.49 14.88
C PRO D 136 18.65 10.92 14.96
N PHE D 137 19.77 11.12 15.64
CA PHE D 137 20.34 12.45 15.76
C PHE D 137 21.23 12.76 14.57
N ASP D 138 20.71 12.59 13.36
CA ASP D 138 21.51 12.65 12.15
C ASP D 138 21.16 13.90 11.34
N GLN D 139 22.05 14.21 10.40
CA GLN D 139 21.90 15.34 9.50
C GLN D 139 21.91 14.83 8.07
N GLN D 140 20.99 15.37 7.25
CA GLN D 140 20.87 14.97 5.85
C GLN D 140 21.19 16.17 4.96
N ASN D 141 22.03 15.95 3.96
CA ASN D 141 22.43 16.98 3.01
C ASN D 141 22.28 16.47 1.58
N CYS D 142 21.10 15.94 1.27
CA CYS D 142 20.81 15.46 -0.07
C CYS D 142 20.00 16.50 -0.84
N THR D 143 20.25 16.56 -2.15
CA THR D 143 19.87 17.68 -2.99
C THR D 143 18.99 17.23 -4.14
N MET D 144 18.61 18.20 -4.97
CA MET D 144 17.90 17.96 -6.22
C MET D 144 18.63 18.69 -7.33
N LYS D 145 18.96 17.98 -8.39
CA LYS D 145 19.77 18.50 -9.48
C LYS D 145 18.88 18.76 -10.69
N LEU D 146 18.86 20.01 -11.16
CA LEU D 146 18.02 20.43 -12.25
C LEU D 146 18.88 20.86 -13.44
N GLY D 147 18.36 20.62 -14.65
CA GLY D 147 19.07 21.02 -15.84
C GLY D 147 18.24 20.75 -17.07
N ILE D 148 18.62 21.42 -18.16
CA ILE D 148 17.97 21.20 -19.44
C ILE D 148 18.40 19.85 -20.00
N TRP D 149 17.41 19.01 -20.32
CA TRP D 149 17.72 17.62 -20.66
C TRP D 149 18.40 17.50 -22.02
N THR D 150 17.89 18.19 -23.03
CA THR D 150 18.37 18.00 -24.39
C THR D 150 19.21 19.15 -24.93
N TYR D 151 18.98 20.39 -24.49
CA TYR D 151 19.80 21.51 -24.92
C TYR D 151 21.00 21.67 -24.00
N ASP D 152 22.07 22.23 -24.55
CA ASP D 152 23.30 22.43 -23.83
C ASP D 152 23.48 23.91 -23.49
N GLY D 153 24.65 24.25 -22.93
CA GLY D 153 24.83 25.59 -22.39
C GLY D 153 24.84 26.68 -23.44
N THR D 154 25.44 26.41 -24.60
CA THR D 154 25.50 27.43 -25.63
C THR D 154 24.21 27.57 -26.41
N LYS D 155 23.23 26.70 -26.17
CA LYS D 155 21.92 26.80 -26.79
C LYS D 155 20.87 27.33 -25.83
N VAL D 156 20.72 26.68 -24.66
CA VAL D 156 19.80 27.13 -23.63
C VAL D 156 20.57 27.16 -22.31
N SER D 157 20.65 28.34 -21.70
CA SER D 157 21.39 28.54 -20.47
C SER D 157 20.44 28.84 -19.33
N ILE D 158 20.61 28.14 -18.21
CA ILE D 158 19.78 28.32 -17.03
C ILE D 158 20.63 28.95 -15.93
N SER D 159 20.08 29.95 -15.26
CA SER D 159 20.77 30.62 -14.17
C SER D 159 19.84 30.69 -12.97
N PRO D 160 20.37 30.53 -11.75
CA PRO D 160 19.53 30.66 -10.57
C PRO D 160 19.12 32.11 -10.34
N GLU D 161 17.84 32.30 -10.01
CA GLU D 161 17.34 33.64 -9.74
C GLU D 161 17.81 34.15 -8.38
N SER D 162 18.11 33.26 -7.45
CA SER D 162 18.64 33.64 -6.15
C SER D 162 19.64 32.58 -5.70
N ASP D 163 20.58 33.00 -4.85
CA ASP D 163 21.61 32.09 -4.38
C ASP D 163 21.07 30.99 -3.48
N ARG D 164 19.84 31.12 -3.00
CA ARG D 164 19.21 30.11 -2.16
C ARG D 164 17.77 29.94 -2.58
N PRO D 165 17.18 28.77 -2.32
CA PRO D 165 15.77 28.55 -2.69
C PRO D 165 14.85 29.46 -1.91
N ASP D 166 13.57 29.40 -2.27
CA ASP D 166 12.53 30.22 -1.65
C ASP D 166 11.78 29.37 -0.62
N LEU D 167 11.81 29.81 0.63
CA LEU D 167 11.09 29.13 1.70
C LEU D 167 10.17 30.12 2.45
N SER D 168 9.71 31.15 1.77
CA SER D 168 8.81 32.12 2.40
C SER D 168 7.44 31.53 2.69
N THR D 169 7.08 30.44 2.02
CA THR D 169 5.81 29.76 2.25
C THR D 169 6.01 28.33 2.74
N PHE D 170 7.18 28.03 3.30
CA PHE D 170 7.47 26.68 3.77
C PHE D 170 6.57 26.32 4.95
N MET D 171 6.14 25.06 4.99
CA MET D 171 5.35 24.52 6.07
C MET D 171 6.23 23.57 6.89
N GLU D 172 6.21 23.73 8.21
CA GLU D 172 7.05 22.92 9.07
C GLU D 172 6.76 21.44 8.89
N SER D 173 7.83 20.65 8.75
CA SER D 173 7.66 19.22 8.46
C SER D 173 7.16 18.45 9.68
N GLY D 174 7.55 18.86 10.87
CA GLY D 174 7.20 18.18 12.09
C GLY D 174 8.26 17.20 12.59
N GLU D 175 9.15 16.76 11.72
CA GLU D 175 10.29 15.94 12.14
C GLU D 175 11.58 16.31 11.41
N TRP D 176 11.59 17.42 10.67
CA TRP D 176 12.80 17.89 10.01
C TRP D 176 12.93 19.39 10.17
N VAL D 177 14.17 19.86 10.30
CA VAL D 177 14.48 21.28 10.46
C VAL D 177 15.52 21.65 9.42
N MET D 178 15.31 22.78 8.74
CA MET D 178 16.24 23.28 7.73
C MET D 178 17.28 24.18 8.39
N LYS D 179 18.49 23.65 8.59
CA LYS D 179 19.59 24.50 9.05
C LYS D 179 20.01 25.48 7.97
N ASP D 180 20.22 24.98 6.75
CA ASP D 180 20.72 25.81 5.66
C ASP D 180 20.20 25.26 4.35
N TYR D 181 20.21 26.12 3.33
CA TYR D 181 19.74 25.77 2.00
C TYR D 181 20.28 26.78 1.02
N ARG D 182 20.93 26.30 -0.03
CA ARG D 182 21.56 27.17 -1.03
C ARG D 182 21.38 26.58 -2.41
N GLY D 183 21.83 27.31 -3.41
CA GLY D 183 21.76 26.84 -4.78
C GLY D 183 23.00 27.19 -5.58
N TRP D 184 23.55 26.21 -6.30
CA TRP D 184 24.79 26.41 -7.04
C TRP D 184 24.57 26.00 -8.50
N LYS D 185 25.23 26.73 -9.39
CA LYS D 185 25.18 26.46 -10.83
C LYS D 185 26.53 25.91 -11.27
N HIS D 186 26.51 24.79 -11.98
CA HIS D 186 27.73 24.06 -12.31
C HIS D 186 28.04 24.14 -13.79
N TRP D 187 29.31 24.39 -14.10
CA TRP D 187 29.82 24.31 -15.47
C TRP D 187 30.61 23.02 -15.61
N VAL D 188 30.24 22.20 -16.58
CA VAL D 188 30.95 20.97 -16.88
C VAL D 188 31.24 20.91 -18.37
N TYR D 189 32.49 20.61 -18.72
CA TYR D 189 32.93 20.52 -20.10
C TYR D 189 33.41 19.10 -20.39
N TYR D 190 33.17 18.65 -21.62
CA TYR D 190 33.53 17.31 -22.03
C TYR D 190 34.70 17.35 -23.01
N THR D 191 35.45 16.25 -23.04
CA THR D 191 36.61 16.16 -23.93
C THR D 191 36.21 16.14 -25.40
N CYS D 192 34.95 15.78 -25.69
CA CYS D 192 34.48 15.72 -27.07
C CYS D 192 34.51 17.08 -27.76
N CYS D 193 34.54 18.13 -26.98
CA CYS D 193 33.88 19.36 -27.35
C CYS D 193 34.28 20.50 -26.43
N PRO D 194 35.44 21.13 -26.67
CA PRO D 194 35.99 22.07 -25.67
C PRO D 194 35.11 23.27 -25.38
N ASP D 195 34.26 23.70 -26.31
CA ASP D 195 33.49 24.92 -26.14
C ASP D 195 31.99 24.66 -26.19
N THR D 196 31.55 23.61 -25.50
CA THR D 196 30.13 23.28 -25.36
C THR D 196 29.82 23.09 -23.89
N PRO D 197 29.55 24.18 -23.16
CA PRO D 197 29.24 24.04 -21.73
C PRO D 197 27.94 23.30 -21.51
N TYR D 198 27.87 22.61 -20.38
CA TYR D 198 26.65 21.96 -19.92
C TYR D 198 26.34 22.46 -18.52
N LEU D 199 25.15 23.03 -18.36
CA LEU D 199 24.79 23.74 -17.13
C LEU D 199 23.75 22.95 -16.36
N ASP D 200 23.87 22.99 -15.03
CA ASP D 200 22.89 22.38 -14.14
C ASP D 200 22.88 23.16 -12.83
N ILE D 201 21.78 23.04 -12.10
CA ILE D 201 21.59 23.73 -10.83
C ILE D 201 21.20 22.70 -9.78
N THR D 202 21.94 22.69 -8.67
CA THR D 202 21.69 21.77 -7.57
C THR D 202 21.26 22.56 -6.35
N TYR D 203 20.07 22.26 -5.83
CA TYR D 203 19.51 22.93 -4.66
C TYR D 203 19.60 21.96 -3.47
N HIS D 204 20.53 22.22 -2.56
CA HIS D 204 20.78 21.32 -1.44
C HIS D 204 20.18 21.87 -0.16
N PHE D 205 19.46 21.00 0.55
CA PHE D 205 18.82 21.35 1.81
C PHE D 205 19.43 20.54 2.95
N ILE D 206 19.77 21.22 4.03
CA ILE D 206 20.29 20.58 5.24
C ILE D 206 19.11 20.28 6.15
N MET D 207 18.99 19.04 6.59
CA MET D 207 17.84 18.59 7.37
C MET D 207 18.32 17.96 8.68
N GLN D 208 17.70 18.38 9.78
CA GLN D 208 17.90 17.78 11.09
C GLN D 208 16.66 16.98 11.45
N ARG D 209 16.82 15.67 11.69
CA ARG D 209 15.72 14.89 12.20
C ARG D 209 15.43 15.29 13.64
N ILE D 210 14.16 15.52 13.95
CA ILE D 210 13.78 15.85 15.32
C ILE D 210 13.76 14.56 16.12
N PRO D 211 14.66 14.39 17.09
CA PRO D 211 14.80 13.10 17.79
C PRO D 211 13.88 13.00 19.01
N LEU D 212 12.61 12.83 18.75
CA LEU D 212 11.64 12.65 19.82
C LEU D 212 10.80 11.40 19.67
N TYR D 213 10.39 11.07 18.44
CA TYR D 213 9.59 9.86 18.24
C TYR D 213 10.40 8.61 18.56
N PHE D 214 11.60 8.50 18.00
CA PHE D 214 12.42 7.32 18.23
C PHE D 214 12.94 7.26 19.66
N VAL D 215 13.12 8.42 20.29
CA VAL D 215 13.61 8.44 21.67
C VAL D 215 12.56 7.88 22.62
N VAL D 216 11.31 8.33 22.49
CA VAL D 216 10.27 7.84 23.37
C VAL D 216 9.74 6.49 22.93
N ASN D 217 10.04 6.05 21.72
CA ASN D 217 9.57 4.76 21.23
C ASN D 217 10.63 3.67 21.25
N VAL D 218 11.90 4.01 21.02
CA VAL D 218 12.93 2.98 20.90
C VAL D 218 14.02 3.16 21.95
N ILE D 219 14.33 4.40 22.32
CA ILE D 219 15.46 4.64 23.22
C ILE D 219 15.07 4.37 24.66
N ILE D 220 13.89 4.84 25.08
CA ILE D 220 13.47 4.64 26.47
C ILE D 220 13.39 3.17 26.84
N PRO D 221 12.74 2.29 26.06
CA PRO D 221 12.68 0.89 26.48
C PRO D 221 14.03 0.15 26.42
N CYS D 222 14.94 0.53 25.52
CA CYS D 222 16.27 -0.08 25.56
C CYS D 222 16.95 0.18 26.89
N LEU D 223 17.01 1.45 27.30
CA LEU D 223 17.55 1.80 28.62
C LEU D 223 16.76 1.10 29.72
N LEU D 224 15.46 0.93 29.51
CA LEU D 224 14.60 0.35 30.52
C LEU D 224 14.99 -1.11 30.79
N PHE D 225 15.07 -1.91 29.73
CA PHE D 225 15.49 -3.30 29.85
C PHE D 225 16.93 -3.39 30.32
N SER D 226 17.79 -2.49 29.86
CA SER D 226 19.19 -2.52 30.28
C SER D 226 19.33 -2.33 31.78
N PHE D 227 18.58 -1.40 32.35
CA PHE D 227 18.63 -1.19 33.79
C PHE D 227 17.97 -2.34 34.53
N LEU D 228 16.97 -2.98 33.91
CA LEU D 228 16.41 -4.20 34.50
C LEU D 228 17.46 -5.30 34.63
N THR D 229 18.17 -5.61 33.54
CA THR D 229 18.92 -6.85 33.48
C THR D 229 20.04 -6.90 34.50
N GLY D 230 20.62 -5.75 34.85
CA GLY D 230 21.61 -5.76 35.90
C GLY D 230 21.06 -5.86 37.31
N LEU D 231 19.74 -5.75 37.47
CA LEU D 231 19.13 -5.78 38.79
C LEU D 231 18.87 -7.20 39.30
N VAL D 232 18.83 -8.18 38.41
CA VAL D 232 18.54 -9.56 38.81
C VAL D 232 19.58 -10.09 39.79
N PHE D 233 20.79 -9.54 39.77
CA PHE D 233 21.87 -10.03 40.60
C PHE D 233 21.66 -9.74 42.08
N TYR D 234 20.75 -8.85 42.43
CA TYR D 234 20.48 -8.56 43.82
C TYR D 234 19.42 -9.49 44.41
N LEU D 235 18.76 -10.30 43.58
CA LEU D 235 17.83 -11.29 44.11
C LEU D 235 18.58 -12.41 44.82
N PRO D 236 18.07 -12.91 45.93
CA PRO D 236 18.64 -14.11 46.54
C PRO D 236 18.42 -15.33 45.66
N THR D 237 19.39 -16.23 45.67
CA THR D 237 19.30 -17.44 44.88
C THR D 237 18.26 -18.42 45.44
N ASP D 238 17.89 -18.26 46.72
CA ASP D 238 16.94 -19.19 47.33
C ASP D 238 15.60 -19.17 46.61
N SER D 239 15.12 -17.99 46.25
CA SER D 239 13.87 -17.88 45.50
C SER D 239 14.10 -18.33 44.06
N GLY D 240 13.21 -19.18 43.56
CA GLY D 240 13.33 -19.68 42.20
C GLY D 240 12.80 -18.73 41.15
N GLU D 241 13.25 -17.47 41.19
CA GLU D 241 12.80 -16.45 40.25
C GLU D 241 13.96 -15.79 39.50
N LYS D 242 15.18 -16.32 39.65
CA LYS D 242 16.35 -15.71 39.03
C LYS D 242 16.33 -15.89 37.51
N MET D 243 16.36 -17.15 37.08
CA MET D 243 16.24 -17.44 35.65
C MET D 243 14.94 -16.92 35.07
N THR D 244 13.85 -16.98 35.84
CA THR D 244 12.57 -16.50 35.33
C THR D 244 12.64 -15.01 34.99
N LEU D 245 13.09 -14.18 35.93
CA LEU D 245 13.19 -12.75 35.68
C LEU D 245 14.17 -12.47 34.55
N SER D 246 15.33 -13.13 34.56
CA SER D 246 16.35 -12.84 33.55
C SER D 246 15.87 -13.21 32.15
N ILE D 247 15.37 -14.44 31.97
CA ILE D 247 14.94 -14.85 30.65
C ILE D 247 13.68 -14.11 30.23
N SER D 248 12.82 -13.70 31.17
CA SER D 248 11.63 -12.98 30.77
C SER D 248 11.96 -11.57 30.32
N VAL D 249 12.92 -10.91 30.96
CA VAL D 249 13.35 -9.61 30.44
C VAL D 249 14.06 -9.81 29.10
N LEU D 250 14.75 -10.93 28.91
CA LEU D 250 15.30 -11.23 27.58
C LEU D 250 14.19 -11.36 26.53
N LEU D 251 13.09 -12.04 26.88
CA LEU D 251 12.01 -12.23 25.93
C LEU D 251 11.29 -10.92 25.63
N SER D 252 11.11 -10.08 26.64
CA SER D 252 10.57 -8.75 26.41
C SER D 252 11.50 -7.94 25.50
N LEU D 253 12.81 -8.09 25.70
CA LEU D 253 13.77 -7.45 24.80
C LEU D 253 13.67 -8.00 23.39
N THR D 254 13.35 -9.28 23.24
CA THR D 254 13.17 -9.85 21.91
C THR D 254 11.95 -9.25 21.22
N VAL D 255 10.84 -9.11 21.94
CA VAL D 255 9.66 -8.47 21.36
C VAL D 255 9.96 -7.01 21.02
N PHE D 256 10.74 -6.34 21.88
CA PHE D 256 11.15 -4.98 21.58
C PHE D 256 12.03 -4.93 20.34
N LEU D 257 12.93 -5.91 20.18
CA LEU D 257 13.72 -6.00 18.96
C LEU D 257 12.82 -6.14 17.75
N LEU D 258 11.74 -6.89 17.90
CA LEU D 258 10.76 -7.03 16.82
C LEU D 258 10.14 -5.68 16.46
N VAL D 259 9.73 -4.91 17.48
CA VAL D 259 9.09 -3.63 17.17
C VAL D 259 10.10 -2.65 16.57
N ILE D 260 11.35 -2.67 17.05
CA ILE D 260 12.37 -1.82 16.45
C ILE D 260 12.60 -2.20 15.00
N VAL D 261 12.76 -3.50 14.73
CA VAL D 261 13.11 -3.93 13.37
C VAL D 261 11.95 -3.68 12.42
N GLU D 262 10.71 -3.61 12.92
CA GLU D 262 9.64 -3.18 12.03
C GLU D 262 9.48 -1.66 12.01
N LEU D 263 10.14 -0.94 12.92
CA LEU D 263 9.97 0.51 13.03
C LEU D 263 11.09 1.29 12.35
N ILE D 264 12.34 1.03 12.73
CA ILE D 264 13.49 1.79 12.20
C ILE D 264 13.71 1.41 10.74
N PRO D 265 14.37 2.26 9.95
CA PRO D 265 14.64 1.90 8.55
C PRO D 265 15.50 0.65 8.44
N SER D 266 15.20 -0.16 7.42
CA SER D 266 15.88 -1.42 7.19
C SER D 266 17.11 -1.29 6.31
N THR D 267 17.59 -0.06 6.08
CA THR D 267 18.75 0.13 5.23
C THR D 267 19.98 -0.49 5.86
N SER D 268 20.84 -1.08 5.02
CA SER D 268 22.04 -1.78 5.46
C SER D 268 23.31 -1.02 5.10
N SER D 269 23.20 0.27 4.82
CA SER D 269 24.39 1.05 4.45
C SER D 269 25.39 1.11 5.59
N ALA D 270 24.91 1.33 6.81
CA ALA D 270 25.78 1.36 7.98
C ALA D 270 24.93 1.12 9.22
N VAL D 271 25.56 0.61 10.26
CA VAL D 271 24.85 0.40 11.53
C VAL D 271 24.66 1.74 12.24
N PRO D 272 23.45 2.09 12.67
CA PRO D 272 23.24 3.39 13.31
C PRO D 272 23.42 3.32 14.82
N LEU D 273 23.19 4.44 15.50
CA LEU D 273 23.25 4.43 16.96
C LEU D 273 22.17 3.53 17.55
N ILE D 274 21.00 3.45 16.90
CA ILE D 274 19.96 2.54 17.36
C ILE D 274 20.45 1.11 17.33
N GLY D 275 21.08 0.71 16.22
CA GLY D 275 21.60 -0.64 16.12
C GLY D 275 22.69 -0.92 17.12
N LYS D 276 23.61 0.04 17.30
CA LYS D 276 24.69 -0.14 18.27
C LYS D 276 24.14 -0.31 19.68
N TYR D 277 23.17 0.53 20.06
CA TYR D 277 22.61 0.45 21.40
C TYR D 277 21.81 -0.83 21.59
N MET D 278 21.08 -1.27 20.55
CA MET D 278 20.35 -2.53 20.63
C MET D 278 21.32 -3.69 20.82
N LEU D 279 22.43 -3.70 20.06
CA LEU D 279 23.44 -4.74 20.24
C LEU D 279 24.05 -4.71 21.63
N PHE D 280 24.34 -3.50 22.13
CA PHE D 280 24.92 -3.40 23.46
C PHE D 280 23.98 -3.97 24.52
N THR D 281 22.70 -3.62 24.42
CA THR D 281 21.72 -4.15 25.37
C THR D 281 21.61 -5.66 25.24
N MET D 282 21.59 -6.17 24.01
CA MET D 282 21.44 -7.61 23.81
C MET D 282 22.63 -8.38 24.40
N ILE D 283 23.84 -7.89 24.13
CA ILE D 283 25.04 -8.52 24.69
C ILE D 283 25.02 -8.44 26.21
N PHE D 284 24.59 -7.28 26.74
CA PHE D 284 24.48 -7.14 28.20
C PHE D 284 23.57 -8.21 28.78
N VAL D 285 22.39 -8.41 28.17
CA VAL D 285 21.46 -9.39 28.70
C VAL D 285 22.04 -10.79 28.58
N ILE D 286 22.66 -11.13 27.46
CA ILE D 286 23.20 -12.48 27.27
C ILE D 286 24.29 -12.76 28.30
N SER D 287 25.20 -11.81 28.50
CA SER D 287 26.25 -12.00 29.50
C SER D 287 25.66 -12.10 30.90
N SER D 288 24.62 -11.32 31.18
CA SER D 288 23.95 -11.44 32.48
C SER D 288 23.40 -12.84 32.67
N ILE D 289 22.73 -13.39 31.65
CA ILE D 289 22.18 -14.73 31.76
C ILE D 289 23.27 -15.74 32.04
N ILE D 290 24.36 -15.68 31.27
CA ILE D 290 25.42 -16.68 31.40
C ILE D 290 26.04 -16.61 32.81
N ILE D 291 26.39 -15.40 33.24
CA ILE D 291 27.10 -15.27 34.51
C ILE D 291 26.18 -15.60 35.68
N THR D 292 24.89 -15.27 35.59
CA THR D 292 23.99 -15.62 36.69
C THR D 292 23.64 -17.11 36.70
N VAL D 293 23.69 -17.78 35.54
CA VAL D 293 23.62 -19.24 35.55
C VAL D 293 24.82 -19.81 36.29
N VAL D 294 25.99 -19.25 36.05
CA VAL D 294 27.18 -19.66 36.81
C VAL D 294 26.97 -19.38 38.29
N VAL D 295 26.29 -18.28 38.62
CA VAL D 295 26.01 -17.95 40.02
C VAL D 295 25.15 -19.03 40.67
N ILE D 296 24.08 -19.45 39.98
CA ILE D 296 23.23 -20.50 40.52
C ILE D 296 24.03 -21.80 40.67
N ASN D 297 24.91 -22.09 39.71
CA ASN D 297 25.75 -23.27 39.83
C ASN D 297 26.63 -23.20 41.06
N THR D 298 27.16 -22.01 41.36
CA THR D 298 27.94 -21.82 42.59
C THR D 298 27.07 -22.06 43.82
N HIS D 299 25.81 -21.60 43.79
CA HIS D 299 24.92 -21.80 44.92
C HIS D 299 24.62 -23.27 45.15
N HIS D 300 24.24 -23.98 44.08
CA HIS D 300 23.89 -25.41 44.18
C HIS D 300 25.11 -26.25 43.83
N ARG D 301 26.16 -26.08 44.61
CA ARG D 301 27.39 -26.84 44.41
C ARG D 301 27.82 -27.53 45.70
N TRP D 399 29.08 -22.30 50.16
CA TRP D 399 28.98 -21.79 48.79
C TRP D 399 28.00 -20.63 48.72
N LYS D 400 27.10 -20.55 49.70
CA LYS D 400 26.12 -19.49 49.74
C LYS D 400 26.79 -18.12 49.87
N TYR D 401 27.79 -18.02 50.76
CA TYR D 401 28.45 -16.74 50.98
C TYR D 401 29.21 -16.28 49.75
N VAL D 402 29.95 -17.18 49.11
CA VAL D 402 30.68 -16.79 47.91
C VAL D 402 29.71 -16.44 46.78
N ALA D 403 28.58 -17.16 46.68
CA ALA D 403 27.59 -16.81 45.69
C ALA D 403 27.03 -15.42 45.93
N MET D 404 26.72 -15.08 47.18
CA MET D 404 26.17 -13.76 47.49
C MET D 404 27.17 -12.66 47.20
N VAL D 405 28.43 -12.83 47.59
CA VAL D 405 29.41 -11.78 47.36
C VAL D 405 29.68 -11.62 45.86
N ILE D 406 29.69 -12.74 45.13
CA ILE D 406 29.79 -12.66 43.67
C ILE D 406 28.62 -11.89 43.10
N ASP D 407 27.41 -12.14 43.62
CA ASP D 407 26.23 -11.44 43.13
C ASP D 407 26.33 -9.93 43.37
N HIS D 408 26.78 -9.52 44.56
CA HIS D 408 26.94 -8.09 44.82
C HIS D 408 27.98 -7.46 43.92
N ILE D 409 29.12 -8.13 43.74
CA ILE D 409 30.17 -7.59 42.87
C ILE D 409 29.66 -7.45 41.44
N LEU D 410 28.95 -8.48 40.95
CA LEU D 410 28.40 -8.43 39.60
C LEU D 410 27.37 -7.32 39.47
N LEU D 411 26.55 -7.12 40.51
CA LEU D 411 25.57 -6.04 40.48
C LEU D 411 26.26 -4.69 40.33
N CYS D 412 27.30 -4.45 41.14
CA CYS D 412 28.01 -3.17 41.04
C CYS D 412 28.64 -3.00 39.66
N VAL D 413 29.33 -4.04 39.17
CA VAL D 413 30.03 -3.94 37.89
C VAL D 413 29.03 -3.70 36.76
N PHE D 414 27.90 -4.40 36.76
CA PHE D 414 26.96 -4.26 35.67
C PHE D 414 26.17 -2.96 35.74
N MET D 415 25.87 -2.45 36.94
CA MET D 415 25.38 -1.08 37.03
C MET D 415 26.36 -0.10 36.39
N LEU D 416 27.65 -0.25 36.71
CA LEU D 416 28.66 0.67 36.16
C LEU D 416 28.71 0.57 34.64
N ILE D 417 28.76 -0.66 34.10
CA ILE D 417 28.93 -0.79 32.66
C ILE D 417 27.64 -0.40 31.94
N CYS D 418 26.47 -0.65 32.53
CA CYS D 418 25.23 -0.19 31.93
C CYS D 418 25.18 1.32 31.85
N ILE D 419 25.60 2.01 32.92
CA ILE D 419 25.60 3.46 32.90
C ILE D 419 26.57 3.98 31.85
N ILE D 420 27.79 3.43 31.81
CA ILE D 420 28.76 3.94 30.85
C ILE D 420 28.34 3.62 29.43
N GLY D 421 27.70 2.47 29.19
CA GLY D 421 27.23 2.14 27.86
C GLY D 421 26.09 3.02 27.40
N THR D 422 25.14 3.31 28.29
CA THR D 422 24.03 4.17 27.91
C THR D 422 24.42 5.63 27.83
N VAL D 423 25.55 6.02 28.44
CA VAL D 423 26.03 7.38 28.29
C VAL D 423 26.88 7.53 27.04
N SER D 424 27.74 6.56 26.76
CA SER D 424 28.62 6.64 25.60
C SER D 424 27.83 6.61 24.29
N VAL D 425 26.81 5.76 24.21
CA VAL D 425 26.00 5.66 23.01
C VAL D 425 24.86 6.67 23.05
N GLU E 1 -36.11 19.81 -34.58
CA GLU E 1 -34.89 20.58 -34.37
C GLU E 1 -34.85 21.15 -32.95
N ASN E 2 -33.76 20.85 -32.24
CA ASN E 2 -33.54 21.37 -30.90
C ASN E 2 -32.78 22.69 -30.99
N GLU E 3 -33.43 23.78 -30.57
CA GLU E 3 -32.83 25.11 -30.68
C GLU E 3 -31.63 25.28 -29.77
N GLU E 4 -31.45 24.42 -28.78
CA GLU E 4 -30.21 24.44 -27.99
C GLU E 4 -29.00 24.23 -28.89
N GLY E 5 -29.15 23.47 -29.96
CA GLY E 5 -28.08 23.37 -30.94
C GLY E 5 -27.75 24.70 -31.58
N ARG E 6 -28.77 25.47 -31.93
CA ARG E 6 -28.55 26.79 -32.50
C ARG E 6 -27.85 27.70 -31.50
N LEU E 7 -28.29 27.67 -30.24
CA LEU E 7 -27.62 28.49 -29.22
C LEU E 7 -26.17 28.08 -29.03
N ILE E 8 -25.88 26.78 -28.95
CA ILE E 8 -24.51 26.34 -28.74
C ILE E 8 -23.63 26.74 -29.92
N GLU E 9 -24.13 26.53 -31.14
CA GLU E 9 -23.32 26.85 -32.31
C GLU E 9 -23.13 28.35 -32.48
N LYS E 10 -24.09 29.16 -32.04
CA LYS E 10 -23.92 30.61 -32.10
C LYS E 10 -22.97 31.10 -31.02
N LEU E 11 -23.11 30.61 -29.79
CA LEU E 11 -22.30 31.12 -28.68
C LEU E 11 -20.84 30.66 -28.81
N LEU E 12 -20.63 29.36 -29.08
CA LEU E 12 -19.27 28.85 -29.12
C LEU E 12 -18.54 29.24 -30.39
N GLY E 13 -19.25 29.76 -31.39
CA GLY E 13 -18.58 30.32 -32.55
C GLY E 13 -17.85 31.61 -32.18
N ASP E 14 -16.58 31.69 -32.55
CA ASP E 14 -15.72 32.84 -32.22
C ASP E 14 -15.70 33.06 -30.71
N TYR E 15 -15.55 31.97 -29.96
CA TYR E 15 -15.43 32.02 -28.51
C TYR E 15 -14.13 31.32 -28.13
N ASP E 16 -13.25 32.04 -27.44
CA ASP E 16 -11.94 31.53 -27.05
C ASP E 16 -11.94 31.23 -25.56
N LYS E 17 -11.61 29.99 -25.21
CA LYS E 17 -11.63 29.55 -23.82
C LYS E 17 -10.38 29.93 -23.06
N ARG E 18 -9.41 30.56 -23.72
CA ARG E 18 -8.16 30.98 -23.08
C ARG E 18 -8.17 32.45 -22.70
N ILE E 19 -9.33 33.11 -22.76
CA ILE E 19 -9.45 34.55 -22.55
C ILE E 19 -10.18 34.81 -21.26
N ILE E 20 -9.67 35.74 -20.45
CA ILE E 20 -10.43 36.20 -19.29
C ILE E 20 -11.72 36.86 -19.77
N PRO E 21 -12.87 36.57 -19.16
CA PRO E 21 -14.13 37.18 -19.63
C PRO E 21 -14.31 38.64 -19.25
N ALA E 22 -13.25 39.33 -18.84
CA ALA E 22 -13.37 40.74 -18.47
C ALA E 22 -13.84 41.55 -19.66
N LYS E 23 -14.86 42.40 -19.43
CA LYS E 23 -15.39 43.25 -20.49
C LYS E 23 -14.32 44.21 -21.00
N THR E 24 -13.63 44.88 -20.08
CA THR E 24 -12.54 45.79 -20.40
C THR E 24 -11.45 45.59 -19.35
N LEU E 25 -10.50 46.52 -19.31
CA LEU E 25 -9.54 46.53 -18.22
C LEU E 25 -10.22 46.97 -16.94
N ASP E 26 -9.55 46.68 -15.81
CA ASP E 26 -10.04 47.01 -14.48
C ASP E 26 -11.36 46.31 -14.15
N HIS E 27 -11.72 45.29 -14.94
CA HIS E 27 -12.89 44.47 -14.66
C HIS E 27 -12.42 43.18 -14.01
N ILE E 28 -12.87 42.92 -12.79
CA ILE E 28 -12.45 41.77 -12.01
C ILE E 28 -13.62 40.79 -11.96
N ILE E 29 -13.35 39.55 -12.37
CA ILE E 29 -14.38 38.50 -12.39
C ILE E 29 -14.63 38.06 -10.96
N ASP E 30 -15.79 38.40 -10.41
CA ASP E 30 -16.14 38.02 -9.05
C ASP E 30 -16.58 36.56 -9.06
N VAL E 31 -15.74 35.69 -8.49
CA VAL E 31 -16.02 34.26 -8.44
C VAL E 31 -16.52 33.91 -7.05
N THR E 32 -17.74 33.39 -6.99
CA THR E 32 -18.37 33.01 -5.73
C THR E 32 -18.41 31.48 -5.65
N LEU E 33 -17.86 30.93 -4.57
CA LEU E 33 -17.79 29.48 -4.43
C LEU E 33 -18.18 29.09 -3.01
N LYS E 34 -18.94 27.99 -2.91
CA LYS E 34 -19.29 27.40 -1.63
C LYS E 34 -19.06 25.90 -1.72
N LEU E 35 -18.68 25.31 -0.59
CA LEU E 35 -18.27 23.91 -0.54
C LEU E 35 -19.34 23.10 0.17
N THR E 36 -19.66 21.93 -0.37
CA THR E 36 -20.66 21.03 0.20
C THR E 36 -20.00 19.67 0.42
N LEU E 37 -19.60 19.39 1.66
CA LEU E 37 -18.99 18.11 1.99
C LEU E 37 -20.03 17.00 1.88
N THR E 38 -19.65 15.91 1.21
CA THR E 38 -20.52 14.74 1.07
C THR E 38 -20.08 13.58 1.96
N ASN E 39 -18.81 13.22 1.93
CA ASN E 39 -18.28 12.14 2.76
C ASN E 39 -16.90 12.52 3.25
N LEU E 40 -16.67 12.31 4.55
CA LEU E 40 -15.32 12.43 5.12
C LEU E 40 -14.72 11.03 5.07
N ILE E 41 -13.98 10.75 3.99
CA ILE E 41 -13.59 9.37 3.70
C ILE E 41 -12.69 8.82 4.79
N SER E 42 -11.64 9.55 5.15
CA SER E 42 -10.68 9.04 6.12
C SER E 42 -9.76 10.18 6.55
N LEU E 43 -8.90 9.88 7.53
CA LEU E 43 -7.83 10.77 7.94
C LEU E 43 -6.74 9.89 8.54
N ASN E 44 -5.69 9.63 7.75
CA ASN E 44 -4.57 8.82 8.23
C ASN E 44 -3.47 9.71 8.80
N GLU E 45 -3.11 9.44 10.06
CA GLU E 45 -2.10 10.25 10.73
C GLU E 45 -0.68 9.91 10.28
N LYS E 46 -0.46 8.71 9.73
CA LYS E 46 0.86 8.35 9.24
C LYS E 46 1.28 9.25 8.08
N GLU E 47 0.37 9.49 7.14
CA GLU E 47 0.64 10.34 6.00
C GLU E 47 0.20 11.79 6.22
N GLU E 48 -0.47 12.09 7.34
CA GLU E 48 -0.95 13.43 7.66
C GLU E 48 -1.83 13.97 6.53
N ALA E 49 -2.66 13.10 5.98
CA ALA E 49 -3.51 13.44 4.84
C ALA E 49 -4.98 13.24 5.20
N LEU E 50 -5.81 14.18 4.76
CA LEU E 50 -7.25 14.12 4.95
C LEU E 50 -7.92 13.89 3.60
N THR E 51 -8.76 12.87 3.52
CA THR E 51 -9.46 12.51 2.29
C THR E 51 -10.95 12.77 2.47
N THR E 52 -11.52 13.60 1.61
CA THR E 52 -12.94 13.89 1.62
C THR E 52 -13.49 13.93 0.20
N ASN E 53 -14.78 13.63 0.08
CA ASN E 53 -15.51 13.77 -1.16
C ASN E 53 -16.39 15.01 -1.05
N VAL E 54 -16.09 16.02 -1.87
CA VAL E 54 -16.75 17.31 -1.78
C VAL E 54 -17.32 17.67 -3.14
N TRP E 55 -18.41 18.45 -3.11
CA TRP E 55 -19.04 18.99 -4.32
C TRP E 55 -18.93 20.51 -4.25
N ILE E 56 -17.80 21.04 -4.71
CA ILE E 56 -17.61 22.48 -4.74
C ILE E 56 -18.37 23.07 -5.92
N GLU E 57 -19.10 24.15 -5.67
CA GLU E 57 -19.79 24.87 -6.73
C GLU E 57 -19.13 26.22 -6.95
N ILE E 58 -19.00 26.59 -8.22
CA ILE E 58 -18.31 27.81 -8.62
C ILE E 58 -19.26 28.61 -9.51
N GLN E 59 -19.45 29.88 -9.16
CA GLN E 59 -20.31 30.78 -9.91
C GLN E 59 -19.55 32.03 -10.30
N TRP E 60 -19.79 32.49 -11.52
CA TRP E 60 -19.10 33.64 -12.08
C TRP E 60 -19.88 34.10 -13.30
N ASN E 61 -19.45 35.21 -13.89
CA ASN E 61 -20.19 35.85 -14.97
C ASN E 61 -19.35 35.93 -16.23
N ASP E 62 -19.98 35.62 -17.37
CA ASP E 62 -19.34 35.65 -18.68
C ASP E 62 -20.23 36.44 -19.63
N TYR E 63 -19.78 37.63 -20.02
CA TYR E 63 -20.56 38.46 -20.92
C TYR E 63 -20.62 37.91 -22.34
N ARG E 64 -19.67 37.05 -22.72
CA ARG E 64 -19.65 36.51 -24.08
C ARG E 64 -20.73 35.46 -24.31
N LEU E 65 -21.28 34.90 -23.25
CA LEU E 65 -22.20 33.78 -23.34
C LEU E 65 -23.60 34.17 -22.88
N SER E 66 -24.06 35.34 -23.32
CA SER E 66 -25.41 35.81 -23.04
C SER E 66 -26.16 36.00 -24.35
N TRP E 67 -27.45 35.70 -24.33
CA TRP E 67 -28.29 35.81 -25.52
C TRP E 67 -29.60 36.47 -25.11
N ASN E 68 -30.53 36.54 -26.06
CA ASN E 68 -31.87 37.06 -25.82
C ASN E 68 -32.85 35.90 -25.87
N THR E 69 -33.50 35.61 -24.74
CA THR E 69 -34.40 34.47 -24.66
C THR E 69 -35.64 34.64 -25.52
N SER E 70 -36.01 35.87 -25.88
CA SER E 70 -37.21 36.09 -26.68
C SER E 70 -37.05 35.52 -28.09
N GLU E 71 -35.87 35.66 -28.67
CA GLU E 71 -35.63 35.23 -30.05
C GLU E 71 -35.11 33.81 -30.14
N TYR E 72 -35.08 33.05 -29.04
CA TYR E 72 -34.64 31.67 -29.08
C TYR E 72 -35.66 30.74 -28.44
N GLU E 73 -36.94 30.91 -28.81
CA GLU E 73 -38.02 30.04 -28.36
C GLU E 73 -38.16 30.01 -26.84
N GLY E 74 -37.79 31.10 -26.18
CA GLY E 74 -38.10 31.26 -24.77
C GLY E 74 -37.25 30.47 -23.81
N ILE E 75 -36.18 29.83 -24.26
CA ILE E 75 -35.31 29.07 -23.37
C ILE E 75 -34.20 29.97 -22.85
N ASP E 76 -33.86 29.81 -21.58
CA ASP E 76 -32.89 30.67 -20.92
C ASP E 76 -31.75 29.92 -20.24
N LEU E 77 -31.85 28.62 -20.06
CA LEU E 77 -30.80 27.85 -19.40
C LEU E 77 -30.30 26.78 -20.36
N VAL E 78 -28.97 26.70 -20.51
CA VAL E 78 -28.33 25.76 -21.42
C VAL E 78 -27.17 25.10 -20.69
N ARG E 79 -26.95 23.82 -20.96
CA ARG E 79 -25.84 23.08 -20.38
C ARG E 79 -24.73 22.94 -21.42
N ILE E 80 -23.53 23.40 -21.07
CA ILE E 80 -22.37 23.35 -21.94
C ILE E 80 -21.29 22.56 -21.22
N PRO E 81 -20.60 21.62 -21.88
CA PRO E 81 -19.53 20.89 -21.21
C PRO E 81 -18.41 21.80 -20.77
N SER E 82 -17.76 21.44 -19.67
CA SER E 82 -16.77 22.30 -19.05
C SER E 82 -15.49 22.44 -19.86
N GLU E 83 -15.16 21.44 -20.70
CA GLU E 83 -13.91 21.51 -21.43
C GLU E 83 -13.98 22.48 -22.61
N LEU E 84 -15.16 22.99 -22.94
CA LEU E 84 -15.32 23.93 -24.05
C LEU E 84 -15.43 25.38 -23.61
N LEU E 85 -15.40 25.65 -22.31
CA LEU E 85 -15.57 27.00 -21.79
C LEU E 85 -14.33 27.41 -20.98
N TRP E 86 -14.22 28.71 -20.74
CA TRP E 86 -13.21 29.22 -19.83
C TRP E 86 -13.63 28.93 -18.40
N LEU E 87 -12.69 28.47 -17.58
CA LEU E 87 -13.00 28.20 -16.18
C LEU E 87 -11.98 28.87 -15.28
N PRO E 88 -12.39 29.37 -14.12
CA PRO E 88 -11.43 29.87 -13.14
C PRO E 88 -10.69 28.70 -12.50
N ASP E 89 -9.35 28.75 -12.55
CA ASP E 89 -8.53 27.63 -12.14
C ASP E 89 -8.38 27.63 -10.61
N VAL E 90 -9.50 27.37 -9.94
CA VAL E 90 -9.50 27.22 -8.49
C VAL E 90 -9.12 25.78 -8.15
N VAL E 91 -8.07 25.63 -7.35
CA VAL E 91 -7.54 24.31 -7.00
C VAL E 91 -7.26 24.25 -5.51
N LEU E 92 -7.23 23.04 -4.98
CA LEU E 92 -6.84 22.82 -3.59
C LEU E 92 -5.32 22.80 -3.50
N GLU E 93 -4.75 23.87 -2.94
CA GLU E 93 -3.30 24.01 -2.95
C GLU E 93 -2.63 23.08 -1.94
N ASN E 94 -3.22 22.94 -0.75
CA ASN E 94 -2.59 22.13 0.30
C ASN E 94 -3.04 20.66 0.17
N ASN E 95 -2.49 20.01 -0.85
CA ASN E 95 -2.75 18.60 -1.10
C ASN E 95 -1.45 17.82 -1.03
N VAL E 96 -1.51 16.63 -0.41
CA VAL E 96 -0.31 15.80 -0.30
C VAL E 96 0.13 15.29 -1.67
N ASP E 97 -0.82 14.92 -2.52
CA ASP E 97 -0.51 14.45 -3.86
C ASP E 97 -0.65 15.60 -4.85
N GLY E 98 -0.58 15.28 -6.14
CA GLY E 98 -0.60 16.30 -7.17
C GLY E 98 -1.98 16.54 -7.77
N GLN E 99 -3.04 16.11 -7.07
CA GLN E 99 -4.40 16.27 -7.56
C GLN E 99 -4.90 17.67 -7.20
N PHE E 100 -4.53 18.64 -8.04
CA PHE E 100 -4.96 20.01 -7.83
C PHE E 100 -6.41 20.21 -8.25
N GLU E 101 -6.81 19.61 -9.37
CA GLU E 101 -8.09 19.91 -9.99
C GLU E 101 -9.19 18.99 -9.47
N VAL E 102 -10.40 19.17 -10.00
CA VAL E 102 -11.56 18.39 -9.60
C VAL E 102 -11.49 17.01 -10.23
N ALA E 103 -12.33 16.08 -9.75
CA ALA E 103 -12.30 14.72 -10.24
C ALA E 103 -13.18 14.55 -11.48
N TYR E 104 -14.40 15.04 -11.43
CA TYR E 104 -15.35 14.92 -12.52
C TYR E 104 -15.63 16.29 -13.12
N TYR E 105 -15.42 16.43 -14.43
CA TYR E 105 -15.62 17.68 -15.13
C TYR E 105 -17.06 17.73 -15.61
N ALA E 106 -17.96 18.14 -14.71
CA ALA E 106 -19.39 18.17 -15.02
C ALA E 106 -19.71 19.32 -15.97
N ASN E 107 -20.91 19.26 -16.56
CA ASN E 107 -21.36 20.30 -17.46
C ASN E 107 -21.56 21.60 -16.71
N VAL E 108 -21.39 22.71 -17.43
CA VAL E 108 -21.56 24.05 -16.89
C VAL E 108 -22.92 24.58 -17.29
N LEU E 109 -23.70 25.04 -16.31
CA LEU E 109 -25.03 25.58 -16.57
C LEU E 109 -24.90 27.07 -16.83
N VAL E 110 -25.16 27.48 -18.07
CA VAL E 110 -25.16 28.89 -18.45
C VAL E 110 -26.59 29.40 -18.40
N TYR E 111 -26.75 30.67 -18.07
CA TYR E 111 -28.07 31.29 -17.96
C TYR E 111 -28.24 32.35 -19.04
N ASN E 112 -29.41 32.99 -19.02
CA ASN E 112 -29.73 33.99 -20.03
C ASN E 112 -28.78 35.18 -19.97
N ASP E 113 -28.44 35.63 -18.76
CA ASP E 113 -27.61 36.81 -18.57
C ASP E 113 -26.12 36.49 -18.51
N GLY E 114 -25.71 35.30 -18.92
CA GLY E 114 -24.31 34.93 -18.89
C GLY E 114 -23.81 34.42 -17.57
N SER E 115 -24.70 34.19 -16.60
CA SER E 115 -24.27 33.64 -15.32
C SER E 115 -23.80 32.20 -15.49
N MET E 116 -22.97 31.75 -14.55
CA MET E 116 -22.42 30.42 -14.58
C MET E 116 -22.74 29.69 -13.28
N TYR E 117 -22.98 28.38 -13.39
CA TYR E 117 -23.22 27.53 -12.23
C TYR E 117 -22.53 26.20 -12.49
N TRP E 118 -21.30 26.06 -12.02
CA TRP E 118 -20.51 24.86 -12.19
C TRP E 118 -20.42 24.13 -10.86
N LEU E 119 -20.79 22.85 -10.85
CA LEU E 119 -20.76 22.02 -9.65
C LEU E 119 -20.00 20.74 -9.95
N PRO E 120 -18.67 20.80 -10.03
CA PRO E 120 -17.89 19.59 -10.26
C PRO E 120 -17.56 18.90 -8.96
N PRO E 121 -17.93 17.62 -8.82
CA PRO E 121 -17.52 16.86 -7.64
C PRO E 121 -16.03 16.56 -7.69
N ALA E 122 -15.44 16.36 -6.51
CA ALA E 122 -14.01 16.12 -6.43
C ALA E 122 -13.67 15.36 -5.15
N ILE E 123 -12.54 14.66 -5.20
CA ILE E 123 -11.99 13.99 -4.03
C ILE E 123 -10.61 14.59 -3.79
N TYR E 124 -10.37 15.08 -2.58
CA TYR E 124 -9.15 15.82 -2.26
C TYR E 124 -8.38 15.12 -1.14
N ARG E 125 -7.09 14.91 -1.36
CA ARG E 125 -6.18 14.42 -0.32
C ARG E 125 -5.51 15.64 0.31
N SER E 126 -6.31 16.43 1.01
CA SER E 126 -5.78 17.63 1.66
C SER E 126 -4.87 17.25 2.82
N THR E 127 -3.98 18.18 3.16
CA THR E 127 -3.00 17.97 4.22
C THR E 127 -3.36 18.79 5.44
N CYS E 128 -3.09 18.24 6.62
CA CYS E 128 -3.27 18.95 7.87
C CYS E 128 -2.41 18.34 8.96
N PRO E 129 -1.56 19.12 9.62
CA PRO E 129 -0.73 18.57 10.70
C PRO E 129 -1.60 18.02 11.83
N ILE E 130 -1.12 16.95 12.45
CA ILE E 130 -1.86 16.25 13.49
C ILE E 130 -1.32 16.67 14.85
N ALA E 131 -2.21 17.17 15.70
CA ALA E 131 -1.85 17.54 17.07
C ALA E 131 -1.95 16.29 17.94
N VAL E 132 -0.83 15.60 18.09
CA VAL E 132 -0.79 14.31 18.78
C VAL E 132 -0.72 14.44 20.29
N THR E 133 -0.84 15.64 20.84
CA THR E 133 -0.64 15.84 22.27
C THR E 133 -1.63 15.03 23.10
N TYR E 134 -2.90 15.01 22.69
CA TYR E 134 -3.95 14.36 23.45
C TYR E 134 -4.47 13.10 22.76
N PHE E 135 -3.63 12.46 21.95
CA PHE E 135 -4.04 11.22 21.29
C PHE E 135 -4.33 10.14 22.33
N PRO E 136 -5.39 9.33 22.14
CA PRO E 136 -6.37 9.37 21.06
C PRO E 136 -7.57 10.28 21.34
N PHE E 137 -7.56 10.95 22.49
CA PHE E 137 -8.68 11.80 22.88
C PHE E 137 -8.48 13.20 22.32
N ASP E 138 -8.24 13.31 21.01
CA ASP E 138 -7.79 14.55 20.41
C ASP E 138 -8.79 15.05 19.38
N TRP E 139 -8.81 16.36 19.18
CA TRP E 139 -9.57 17.00 18.12
C TRP E 139 -8.58 17.63 17.14
N GLN E 140 -8.80 17.37 15.85
CA GLN E 140 -7.93 17.88 14.80
C GLN E 140 -8.56 19.10 14.14
N ASN E 141 -7.72 20.05 13.77
CA ASN E 141 -8.14 21.28 13.09
C ASN E 141 -7.55 21.23 11.69
N CYS E 142 -8.26 20.58 10.78
CA CYS E 142 -7.80 20.40 9.42
C CYS E 142 -8.47 21.40 8.48
N SER E 143 -7.71 21.86 7.50
CA SER E 143 -8.11 22.96 6.63
C SER E 143 -8.18 22.50 5.18
N LEU E 144 -8.84 23.33 4.37
CA LEU E 144 -8.93 23.14 2.93
C LEU E 144 -8.75 24.51 2.28
N VAL E 145 -7.62 24.74 1.63
CA VAL E 145 -7.27 26.04 1.08
C VAL E 145 -7.58 26.02 -0.42
N PHE E 146 -8.42 26.95 -0.86
CA PHE E 146 -8.77 27.10 -2.26
C PHE E 146 -8.33 28.48 -2.74
N ARG E 147 -7.50 28.50 -3.78
CA ARG E 147 -7.18 29.75 -4.45
C ARG E 147 -7.02 29.49 -5.94
N SER E 148 -7.17 30.54 -6.72
CA SER E 148 -6.99 30.45 -8.16
C SER E 148 -5.55 30.10 -8.48
N GLN E 149 -5.35 29.13 -9.36
CA GLN E 149 -4.01 28.65 -9.68
C GLN E 149 -3.25 29.62 -10.58
N THR E 150 -3.94 30.36 -11.44
CA THR E 150 -3.28 31.23 -12.41
C THR E 150 -3.58 32.70 -12.18
N TYR E 151 -4.85 33.09 -12.14
CA TYR E 151 -5.22 34.49 -12.06
C TYR E 151 -4.99 35.04 -10.67
N ASN E 152 -4.62 36.31 -10.59
CA ASN E 152 -4.35 36.99 -9.34
C ASN E 152 -5.55 37.85 -8.95
N ALA E 153 -5.38 38.65 -7.90
CA ALA E 153 -6.49 39.44 -7.36
C ALA E 153 -6.90 40.58 -8.28
N HIS E 154 -6.06 40.96 -9.24
CA HIS E 154 -6.43 41.98 -10.21
C HIS E 154 -7.28 41.44 -11.35
N GLU E 155 -7.44 40.13 -11.45
CA GLU E 155 -8.21 39.51 -12.52
C GLU E 155 -9.44 38.77 -12.03
N VAL E 156 -9.35 38.03 -10.93
CA VAL E 156 -10.50 37.36 -10.34
C VAL E 156 -10.61 37.78 -8.88
N ASN E 157 -11.82 37.69 -8.35
CA ASN E 157 -12.12 38.06 -6.97
C ASN E 157 -12.85 36.89 -6.33
N LEU E 158 -12.11 36.00 -5.68
CA LEU E 158 -12.72 34.90 -4.96
C LEU E 158 -13.50 35.42 -3.76
N GLN E 159 -14.68 34.85 -3.55
CA GLN E 159 -15.51 35.25 -2.40
C GLN E 159 -16.51 34.13 -2.12
N LEU E 160 -17.07 34.19 -0.93
CA LEU E 160 -18.06 33.19 -0.52
C LEU E 160 -19.41 33.47 -1.17
N SER E 161 -20.16 32.41 -1.42
CA SER E 161 -21.48 32.54 -2.02
C SER E 161 -22.43 33.25 -1.06
N ALA E 162 -23.43 33.92 -1.63
CA ALA E 162 -24.44 34.64 -0.86
C ALA E 162 -25.80 34.04 -1.16
N GLU E 163 -26.42 33.44 -0.15
CA GLU E 163 -27.75 32.86 -0.27
C GLU E 163 -28.70 33.61 0.63
N GLU E 164 -29.83 34.02 0.07
CA GLU E 164 -30.85 34.79 0.79
C GLU E 164 -30.27 36.09 1.36
N GLY E 165 -29.27 36.66 0.69
CA GLY E 165 -28.67 37.90 1.11
C GLY E 165 -27.61 37.78 2.18
N GLU E 166 -27.35 36.57 2.70
CA GLU E 166 -26.35 36.35 3.73
C GLU E 166 -25.32 35.35 3.23
N ALA E 167 -24.05 35.68 3.39
CA ALA E 167 -22.98 34.83 2.90
C ALA E 167 -22.97 33.50 3.65
N VAL E 168 -22.77 32.40 2.91
CA VAL E 168 -22.71 31.06 3.49
C VAL E 168 -21.26 30.83 3.89
N GLU E 169 -20.93 31.21 5.13
CA GLU E 169 -19.58 31.08 5.65
C GLU E 169 -19.42 29.77 6.42
N TRP E 170 -19.71 28.67 5.73
CA TRP E 170 -19.57 27.35 6.31
C TRP E 170 -19.55 26.33 5.18
N ILE E 171 -19.09 25.13 5.51
CA ILE E 171 -19.17 24.01 4.59
C ILE E 171 -20.57 23.41 4.69
N HIS E 172 -21.31 23.44 3.59
CA HIS E 172 -22.69 22.95 3.62
C HIS E 172 -22.70 21.44 3.82
N ILE E 173 -23.54 20.97 4.73
CA ILE E 173 -23.70 19.56 5.02
C ILE E 173 -25.17 19.20 4.86
N ASP E 174 -25.44 18.17 4.06
CA ASP E 174 -26.80 17.67 3.92
C ASP E 174 -27.21 16.97 5.21
N PRO E 175 -28.09 17.55 6.01
CA PRO E 175 -28.39 16.95 7.32
C PRO E 175 -29.01 15.57 7.24
N GLU E 176 -29.71 15.24 6.16
CA GLU E 176 -30.45 13.99 6.06
C GLU E 176 -29.77 12.93 5.19
N ASP E 177 -28.87 13.33 4.29
CA ASP E 177 -28.14 12.39 3.44
C ASP E 177 -26.65 12.37 3.77
N PHE E 178 -26.29 12.63 5.02
CA PHE E 178 -24.91 12.57 5.47
C PHE E 178 -24.77 11.55 6.58
N THR E 179 -23.70 10.76 6.50
CA THR E 179 -23.36 9.80 7.54
C THR E 179 -21.98 10.11 8.10
N GLU E 180 -21.82 9.88 9.40
CA GLU E 180 -20.56 10.18 10.05
C GLU E 180 -19.46 9.25 9.56
N ASN E 181 -18.22 9.72 9.67
CA ASN E 181 -17.08 8.91 9.25
C ASN E 181 -16.99 7.61 10.04
N GLY E 182 -17.53 7.59 11.25
CA GLY E 182 -17.43 6.44 12.12
C GLY E 182 -16.26 6.47 13.07
N GLU E 183 -15.31 7.39 12.87
CA GLU E 183 -14.18 7.55 13.78
C GLU E 183 -14.02 9.02 14.13
N TRP E 184 -14.47 9.89 13.24
CA TRP E 184 -14.38 11.33 13.41
C TRP E 184 -15.77 11.95 13.36
N THR E 185 -16.05 12.85 14.30
CA THR E 185 -17.29 13.63 14.29
C THR E 185 -16.95 15.09 14.02
N ILE E 186 -17.79 15.74 13.24
CA ILE E 186 -17.53 17.11 12.78
C ILE E 186 -18.23 18.08 13.73
N ARG E 187 -17.44 18.89 14.43
CA ARG E 187 -17.97 19.84 15.39
C ARG E 187 -18.16 21.22 14.76
N HIS E 188 -17.09 21.80 14.24
CA HIS E 188 -17.13 23.12 13.61
C HIS E 188 -16.71 23.00 12.16
N ARG E 189 -17.23 23.92 11.34
CA ARG E 189 -16.93 23.89 9.91
C ARG E 189 -17.01 25.30 9.31
N PRO E 190 -16.22 26.25 9.80
CA PRO E 190 -16.30 27.62 9.30
C PRO E 190 -15.61 27.78 7.95
N ALA E 191 -15.93 28.89 7.29
CA ALA E 191 -15.29 29.27 6.04
C ALA E 191 -15.07 30.77 6.05
N LYS E 192 -13.86 31.20 5.72
CA LYS E 192 -13.53 32.61 5.70
C LYS E 192 -12.55 32.89 4.58
N LYS E 193 -12.70 34.07 3.97
CA LYS E 193 -11.74 34.55 2.99
C LYS E 193 -10.49 35.05 3.69
N ASN E 194 -9.33 34.65 3.19
CA ASN E 194 -8.06 35.00 3.81
C ASN E 194 -7.16 35.71 2.80
N TYR E 195 -6.37 36.65 3.32
CA TYR E 195 -5.43 37.44 2.54
C TYR E 195 -4.02 37.22 3.05
N ASN E 196 -3.07 37.12 2.14
CA ASN E 196 -1.65 36.98 2.48
C ASN E 196 -1.02 38.37 2.39
N TRP E 197 -1.02 39.09 3.52
CA TRP E 197 -0.52 40.46 3.53
C TRP E 197 0.99 40.54 3.33
N GLN E 198 1.72 39.44 3.57
CA GLN E 198 3.15 39.42 3.28
C GLN E 198 3.43 39.42 1.79
N LEU E 199 2.43 39.20 0.96
CA LEU E 199 2.58 39.13 -0.49
C LEU E 199 1.65 40.14 -1.14
N THR E 200 2.12 40.74 -2.24
CA THR E 200 1.43 41.89 -2.82
C THR E 200 0.13 41.47 -3.51
N LYS E 201 -0.54 42.45 -4.12
CA LYS E 201 -1.83 42.20 -4.76
C LYS E 201 -1.69 41.22 -5.91
N ASP E 202 -0.52 41.13 -6.53
CA ASP E 202 -0.27 40.22 -7.63
C ASP E 202 0.24 38.89 -7.08
N ASP E 203 0.80 38.05 -7.95
CA ASP E 203 1.51 36.80 -7.63
C ASP E 203 0.59 35.65 -7.27
N THR E 204 -0.72 35.78 -7.49
CA THR E 204 -1.64 34.65 -7.55
C THR E 204 -1.89 34.00 -6.19
N ASP E 205 -1.15 34.42 -5.16
CA ASP E 205 -1.30 33.86 -3.83
C ASP E 205 -1.83 34.87 -2.83
N PHE E 206 -2.31 36.03 -3.30
CA PHE E 206 -2.80 37.05 -2.40
C PHE E 206 -4.09 36.62 -1.71
N GLN E 207 -5.05 36.13 -2.49
CA GLN E 207 -6.37 35.80 -1.97
C GLN E 207 -6.58 34.28 -1.94
N GLU E 208 -7.42 33.84 -1.00
CA GLU E 208 -7.74 32.43 -0.87
C GLU E 208 -9.06 32.30 -0.13
N ILE E 209 -9.70 31.15 -0.30
CA ILE E 209 -10.90 30.77 0.45
C ILE E 209 -10.57 29.50 1.20
N ILE E 210 -10.71 29.54 2.53
CA ILE E 210 -10.30 28.46 3.40
C ILE E 210 -11.54 27.83 4.03
N PHE E 211 -11.66 26.51 3.91
CA PHE E 211 -12.77 25.76 4.49
C PHE E 211 -12.21 24.89 5.61
N PHE E 212 -12.49 25.26 6.85
CA PHE E 212 -11.99 24.53 7.99
C PHE E 212 -12.90 23.35 8.35
N LEU E 213 -12.32 22.39 9.05
CA LEU E 213 -13.07 21.23 9.56
C LEU E 213 -12.46 20.84 10.90
N ILE E 214 -13.05 21.32 11.98
CA ILE E 214 -12.63 20.95 13.33
C ILE E 214 -13.35 19.66 13.70
N ILE E 215 -12.60 18.56 13.74
CA ILE E 215 -13.18 17.23 13.95
C ILE E 215 -12.52 16.59 15.16
N GLN E 216 -13.33 15.91 15.97
CA GLN E 216 -12.86 15.23 17.17
C GLN E 216 -13.00 13.73 16.99
N ARG E 217 -11.93 12.99 17.29
CA ARG E 217 -11.93 11.55 17.10
C ARG E 217 -12.90 10.88 18.08
N LYS E 218 -13.55 9.82 17.62
CA LYS E 218 -14.39 8.99 18.49
C LYS E 218 -13.50 7.93 19.13
N PRO E 219 -13.16 8.04 20.41
CA PRO E 219 -12.20 7.13 21.04
C PRO E 219 -12.86 5.89 21.65
N LEU E 220 -13.68 5.20 20.87
CA LEU E 220 -14.30 3.96 21.31
C LEU E 220 -13.52 2.73 20.91
N PHE E 221 -12.97 2.71 19.68
CA PHE E 221 -12.14 1.59 19.26
C PHE E 221 -10.85 1.52 20.06
N TYR E 222 -10.26 2.68 20.38
CA TYR E 222 -8.99 2.68 21.10
C TYR E 222 -9.16 2.26 22.55
N ILE E 223 -10.25 2.70 23.19
CA ILE E 223 -10.45 2.40 24.61
C ILE E 223 -10.61 0.90 24.82
N ILE E 224 -11.49 0.27 24.05
CA ILE E 224 -11.81 -1.14 24.29
C ILE E 224 -10.73 -2.08 23.81
N ASN E 225 -9.78 -1.62 23.00
CA ASN E 225 -8.75 -2.49 22.47
C ASN E 225 -7.34 -2.13 22.90
N ILE E 226 -7.09 -0.90 23.33
CA ILE E 226 -5.74 -0.50 23.73
C ILE E 226 -5.73 0.07 25.13
N ILE E 227 -6.59 1.06 25.40
CA ILE E 227 -6.53 1.78 26.66
C ILE E 227 -7.00 0.89 27.82
N ALA E 228 -8.24 0.41 27.74
CA ALA E 228 -8.78 -0.42 28.81
C ALA E 228 -7.99 -1.72 29.01
N PRO E 229 -7.63 -2.47 27.97
CA PRO E 229 -6.76 -3.64 28.22
C PRO E 229 -5.45 -3.28 28.89
N CYS E 230 -4.83 -2.18 28.49
CA CYS E 230 -3.56 -1.81 29.09
C CYS E 230 -3.72 -1.47 30.56
N VAL E 231 -4.71 -0.66 30.91
CA VAL E 231 -4.89 -0.27 32.31
C VAL E 231 -5.29 -1.47 33.14
N LEU E 232 -6.15 -2.36 32.60
CA LEU E 232 -6.56 -3.54 33.34
C LEU E 232 -5.39 -4.48 33.59
N ILE E 233 -4.56 -4.70 32.56
CA ILE E 233 -3.44 -5.63 32.71
C ILE E 233 -2.39 -5.06 33.66
N SER E 234 -2.09 -3.76 33.54
CA SER E 234 -1.06 -3.21 34.41
C SER E 234 -1.59 -2.78 35.77
N SER E 235 -2.88 -2.89 36.02
CA SER E 235 -3.38 -2.80 37.38
C SER E 235 -2.98 -4.01 38.22
N LEU E 236 -2.41 -5.04 37.59
CA LEU E 236 -2.07 -6.27 38.28
C LEU E 236 -0.72 -6.21 38.99
N VAL E 237 0.07 -5.16 38.73
CA VAL E 237 1.38 -5.07 39.37
C VAL E 237 1.26 -4.74 40.85
N VAL E 238 0.09 -4.28 41.30
CA VAL E 238 -0.10 -4.02 42.73
C VAL E 238 -0.42 -5.28 43.51
N LEU E 239 -0.80 -6.36 42.82
CA LEU E 239 -1.09 -7.63 43.48
C LEU E 239 0.16 -8.37 43.91
N VAL E 240 1.35 -7.96 43.45
CA VAL E 240 2.59 -8.59 43.88
C VAL E 240 2.83 -8.36 45.36
N TYR E 241 2.16 -7.37 45.94
CA TYR E 241 2.37 -7.03 47.35
C TYR E 241 1.56 -7.93 48.29
N PHE E 242 0.65 -8.73 47.75
CA PHE E 242 -0.10 -9.69 48.57
C PHE E 242 0.42 -11.11 48.44
N LEU E 243 1.30 -11.38 47.49
CA LEU E 243 1.91 -12.69 47.37
C LEU E 243 3.03 -12.86 48.40
N PRO E 244 3.28 -14.08 48.86
CA PRO E 244 4.37 -14.30 49.81
C PRO E 244 5.73 -14.08 49.17
N ALA E 245 6.69 -13.68 50.00
CA ALA E 245 8.05 -13.42 49.54
C ALA E 245 8.94 -14.62 49.85
N GLN E 246 8.72 -15.70 49.09
CA GLN E 246 9.47 -16.93 49.28
C GLN E 246 9.47 -17.70 47.96
N ALA E 247 10.12 -18.86 47.97
CA ALA E 247 10.07 -19.75 46.82
C ALA E 247 8.65 -20.25 46.63
N GLY E 248 8.09 -20.00 45.46
CA GLY E 248 6.69 -20.26 45.19
C GLY E 248 5.79 -19.07 45.41
N GLY E 249 6.24 -18.06 46.16
CA GLY E 249 5.49 -16.82 46.26
C GLY E 249 5.31 -16.17 44.91
N GLN E 250 6.38 -16.13 44.11
CA GLN E 250 6.27 -16.02 42.65
C GLN E 250 5.72 -14.65 42.25
N LYS E 251 6.37 -13.60 42.77
CA LYS E 251 6.03 -12.21 42.46
C LYS E 251 6.76 -11.70 41.23
N CYS E 252 8.03 -12.06 41.09
CA CYS E 252 8.86 -11.50 40.02
C CYS E 252 8.32 -11.86 38.65
N THR E 253 7.84 -13.11 38.47
CA THR E 253 7.32 -13.50 37.17
C THR E 253 6.04 -12.73 36.86
N LEU E 254 5.20 -12.46 37.87
CA LEU E 254 4.01 -11.66 37.63
C LEU E 254 4.37 -10.26 37.17
N SER E 255 5.31 -9.62 37.89
CA SER E 255 5.70 -8.27 37.52
C SER E 255 6.30 -8.23 36.11
N ILE E 256 7.22 -9.15 35.83
CA ILE E 256 7.91 -9.13 34.54
C ILE E 256 6.97 -9.53 33.40
N SER E 257 5.99 -10.38 33.67
CA SER E 257 5.05 -10.76 32.62
C SER E 257 4.08 -9.63 32.32
N VAL E 258 3.66 -8.88 33.34
CA VAL E 258 2.85 -7.70 33.07
C VAL E 258 3.67 -6.68 32.29
N LEU E 259 4.96 -6.55 32.62
CA LEU E 259 5.81 -5.64 31.85
C LEU E 259 5.94 -6.09 30.40
N LEU E 260 6.08 -7.39 30.16
CA LEU E 260 6.19 -7.89 28.80
C LEU E 260 4.88 -7.70 28.03
N ALA E 261 3.75 -7.85 28.72
CA ALA E 261 2.46 -7.53 28.10
C ALA E 261 2.38 -6.06 27.74
N GLN E 262 2.90 -5.19 28.60
CA GLN E 262 2.98 -3.77 28.26
C GLN E 262 3.88 -3.53 27.06
N THR E 263 4.96 -4.31 26.93
CA THR E 263 5.80 -4.21 25.73
C THR E 263 5.04 -4.64 24.48
N ILE E 264 4.24 -5.70 24.59
CA ILE E 264 3.39 -6.11 23.48
C ILE E 264 2.43 -4.99 23.10
N PHE E 265 1.87 -4.31 24.12
CA PHE E 265 1.03 -3.15 23.84
C PHE E 265 1.81 -2.00 23.22
N LEU E 266 3.10 -1.85 23.55
CA LEU E 266 3.92 -0.85 22.88
C LEU E 266 4.05 -1.18 21.40
N PHE E 267 4.26 -2.45 21.07
CA PHE E 267 4.21 -2.87 19.67
C PHE E 267 2.85 -2.56 19.05
N LEU E 268 1.77 -2.84 19.77
CA LEU E 268 0.44 -2.63 19.21
C LEU E 268 0.20 -1.15 18.92
N ILE E 269 0.62 -0.27 19.84
CA ILE E 269 0.43 1.16 19.64
C ILE E 269 1.41 1.71 18.62
N ALA E 270 2.47 0.96 18.30
CA ALA E 270 3.43 1.44 17.30
C ALA E 270 2.79 1.63 15.93
N GLN E 271 1.81 0.80 15.56
CA GLN E 271 1.18 0.96 14.25
C GLN E 271 0.15 2.08 14.20
N LYS E 272 -0.26 2.63 15.35
CA LYS E 272 -1.33 3.61 15.39
C LYS E 272 -0.85 5.04 15.53
N VAL E 273 0.16 5.30 16.35
CA VAL E 273 0.67 6.66 16.54
C VAL E 273 1.38 7.12 15.27
N PRO E 274 1.33 8.41 14.95
CA PRO E 274 2.04 8.91 13.77
C PRO E 274 3.51 9.18 14.07
N GLU E 275 4.22 9.60 13.03
CA GLU E 275 5.66 9.80 13.10
C GLU E 275 6.05 11.22 13.47
N THR E 276 5.09 12.09 13.77
CA THR E 276 5.41 13.46 14.18
C THR E 276 6.23 13.44 15.46
N SER E 277 7.32 14.22 15.47
CA SER E 277 8.25 14.27 16.59
C SER E 277 8.13 15.58 17.36
N LEU E 278 6.99 16.26 17.25
CA LEU E 278 6.79 17.54 17.94
C LEU E 278 6.35 17.34 19.38
N ASN E 279 5.37 16.46 19.62
CA ASN E 279 4.87 16.20 20.95
C ASN E 279 4.76 14.69 21.18
N VAL E 280 4.89 14.29 22.43
CA VAL E 280 4.71 12.88 22.78
C VAL E 280 3.22 12.60 22.92
N PRO E 281 2.68 11.55 22.30
CA PRO E 281 1.25 11.27 22.43
C PRO E 281 0.87 11.02 23.88
N LEU E 282 -0.36 11.42 24.23
CA LEU E 282 -0.84 11.25 25.60
C LEU E 282 -0.83 9.79 26.01
N ILE E 283 -1.30 8.91 25.13
CA ILE E 283 -1.26 7.48 25.43
C ILE E 283 0.18 6.99 25.49
N GLY E 284 1.06 7.59 24.68
CA GLY E 284 2.48 7.27 24.80
C GLY E 284 3.06 7.69 26.14
N LYS E 285 2.68 8.89 26.61
CA LYS E 285 3.10 9.31 27.94
C LYS E 285 2.60 8.35 29.01
N TYR E 286 1.34 7.93 28.89
CA TYR E 286 0.78 7.00 29.87
C TYR E 286 1.50 5.67 29.82
N LEU E 287 1.86 5.20 28.62
CA LEU E 287 2.57 3.94 28.50
C LEU E 287 3.96 4.01 29.13
N ILE E 288 4.68 5.10 28.89
CA ILE E 288 5.99 5.28 29.51
C ILE E 288 5.84 5.33 31.03
N PHE E 289 4.86 6.09 31.52
CA PHE E 289 4.64 6.18 32.96
C PHE E 289 4.30 4.83 33.57
N VAL E 290 3.48 4.04 32.89
CA VAL E 290 3.03 2.79 33.50
C VAL E 290 4.14 1.75 33.46
N MET E 291 4.99 1.79 32.42
CA MET E 291 6.19 0.94 32.46
C MET E 291 7.14 1.36 33.57
N PHE E 292 7.26 2.67 33.84
CA PHE E 292 8.07 3.10 34.97
C PHE E 292 7.47 2.61 36.29
N VAL E 293 6.14 2.65 36.40
CA VAL E 293 5.47 2.13 37.59
C VAL E 293 5.78 0.65 37.76
N SER E 294 5.70 -0.11 36.67
CA SER E 294 6.05 -1.54 36.74
C SER E 294 7.51 -1.72 37.11
N MET E 295 8.37 -0.77 36.71
CA MET E 295 9.77 -0.81 37.12
C MET E 295 9.93 -0.69 38.62
N LEU E 296 9.25 0.28 39.22
CA LEU E 296 9.25 0.38 40.68
C LEU E 296 8.69 -0.90 41.30
N ILE E 297 7.67 -1.49 40.69
CA ILE E 297 7.12 -2.74 41.20
C ILE E 297 8.18 -3.83 41.19
N VAL E 298 8.92 -3.96 40.09
CA VAL E 298 9.93 -5.01 39.97
C VAL E 298 11.05 -4.79 40.97
N MET E 299 11.54 -3.55 41.07
CA MET E 299 12.62 -3.26 42.00
C MET E 299 12.18 -3.54 43.44
N ASN E 300 10.97 -3.09 43.79
CA ASN E 300 10.46 -3.31 45.14
C ASN E 300 10.31 -4.79 45.43
N CYS E 301 9.88 -5.57 44.44
CA CYS E 301 9.85 -7.03 44.60
C CYS E 301 11.25 -7.57 44.85
N VAL E 302 12.25 -7.02 44.16
CA VAL E 302 13.62 -7.51 44.33
C VAL E 302 14.11 -7.26 45.76
N ILE E 303 13.92 -6.04 46.27
CA ILE E 303 14.34 -5.76 47.65
C ILE E 303 13.50 -6.56 48.66
N VAL E 304 12.21 -6.75 48.39
CA VAL E 304 11.39 -7.54 49.31
C VAL E 304 11.88 -8.98 49.37
N LEU E 305 12.19 -9.57 48.21
CA LEU E 305 12.74 -10.92 48.19
C LEU E 305 14.09 -10.98 48.89
N ASN E 306 14.94 -9.98 48.68
CA ASN E 306 16.25 -9.99 49.32
C ASN E 306 16.13 -9.90 50.84
N VAL E 307 15.23 -9.05 51.33
CA VAL E 307 15.07 -8.90 52.78
C VAL E 307 14.43 -10.14 53.38
N SER E 308 13.40 -10.68 52.73
CA SER E 308 12.71 -11.84 53.27
C SER E 308 13.53 -13.12 53.19
N LEU E 309 14.66 -13.12 52.48
CA LEU E 309 15.50 -14.29 52.31
C LEU E 309 16.95 -13.97 52.67
N ARG E 310 17.14 -13.30 53.80
CA ARG E 310 18.47 -12.96 54.28
C ARG E 310 18.66 -13.48 55.70
N ASN E 439 18.32 -10.45 57.49
CA ASN E 439 17.17 -9.87 58.18
C ASN E 439 16.14 -10.93 58.52
N TRP E 440 14.87 -10.52 58.59
CA TRP E 440 13.80 -11.39 59.02
C TRP E 440 12.58 -11.15 58.12
N VAL E 441 11.70 -12.15 58.06
CA VAL E 441 10.60 -12.09 57.10
C VAL E 441 9.55 -11.06 57.49
N LEU E 442 9.30 -10.88 58.80
CA LEU E 442 8.25 -9.95 59.22
C LEU E 442 8.58 -8.51 58.85
N ILE E 443 9.84 -8.10 58.99
CA ILE E 443 10.19 -6.74 58.58
C ILE E 443 10.03 -6.60 57.07
N GLY E 444 10.31 -7.66 56.32
CA GLY E 444 10.04 -7.64 54.89
C GLY E 444 8.57 -7.46 54.59
N LYS E 445 7.70 -8.13 55.36
CA LYS E 445 6.27 -7.96 55.17
C LYS E 445 5.82 -6.56 55.55
N VAL E 446 6.45 -5.96 56.56
CA VAL E 446 6.12 -4.58 56.92
C VAL E 446 6.49 -3.62 55.80
N ILE E 447 7.68 -3.80 55.22
CA ILE E 447 8.07 -2.99 54.06
C ILE E 447 7.09 -3.22 52.91
N ASP E 448 6.71 -4.47 52.69
CA ASP E 448 5.77 -4.81 51.62
C ASP E 448 4.45 -4.07 51.80
N LYS E 449 3.87 -4.15 53.00
CA LYS E 449 2.59 -3.50 53.27
C LYS E 449 2.71 -1.98 53.16
N ALA E 450 3.81 -1.42 53.67
CA ALA E 450 3.98 0.03 53.61
C ALA E 450 4.08 0.51 52.16
N CYS E 451 4.84 -0.20 51.33
CA CYS E 451 5.02 0.26 49.95
C CYS E 451 3.87 -0.11 49.03
N PHE E 452 3.02 -1.06 49.43
CA PHE E 452 1.86 -1.38 48.60
C PHE E 452 0.94 -0.19 48.45
N TRP E 453 0.67 0.51 49.55
CA TRP E 453 -0.19 1.69 49.48
C TRP E 453 0.43 2.77 48.62
N ILE E 454 1.75 2.97 48.74
CA ILE E 454 2.42 3.98 47.93
C ILE E 454 2.30 3.65 46.44
N ALA E 455 2.57 2.39 46.09
CA ALA E 455 2.50 2.00 44.68
C ALA E 455 1.08 2.10 44.14
N LEU E 456 0.09 1.64 44.91
CA LEU E 456 -1.29 1.71 44.47
C LEU E 456 -1.74 3.15 44.29
N LEU E 457 -1.41 4.01 45.25
CA LEU E 457 -1.77 5.43 45.15
C LEU E 457 -1.11 6.07 43.94
N LEU E 458 0.18 5.78 43.73
CA LEU E 458 0.88 6.35 42.58
C LEU E 458 0.23 5.94 41.28
N PHE E 459 -0.01 4.64 41.10
CA PHE E 459 -0.62 4.18 39.85
C PHE E 459 -1.99 4.78 39.66
N SER E 460 -2.81 4.80 40.72
CA SER E 460 -4.17 5.32 40.60
C SER E 460 -4.18 6.80 40.23
N ILE E 461 -3.37 7.61 40.93
CA ILE E 461 -3.39 9.04 40.65
C ILE E 461 -2.82 9.32 39.28
N GLY E 462 -1.78 8.59 38.87
CA GLY E 462 -1.22 8.82 37.55
C GLY E 462 -2.19 8.50 36.44
N THR E 463 -2.83 7.33 36.51
CA THR E 463 -3.78 6.97 35.46
C THR E 463 -5.00 7.88 35.48
N LEU E 464 -5.48 8.25 36.68
CA LEU E 464 -6.65 9.13 36.76
C LEU E 464 -6.34 10.51 36.20
N ALA E 465 -5.17 11.06 36.54
CA ALA E 465 -4.80 12.37 36.03
C ALA E 465 -4.62 12.34 34.51
N ILE E 466 -3.96 11.30 33.99
CA ILE E 466 -3.74 11.23 32.55
C ILE E 466 -5.06 11.12 31.80
N PHE E 467 -5.96 10.25 32.28
CA PHE E 467 -7.22 10.05 31.57
C PHE E 467 -8.17 11.23 31.78
N LEU E 468 -8.06 11.94 32.90
CA LEU E 468 -8.84 13.16 33.08
C LEU E 468 -8.36 14.25 32.14
N THR E 469 -7.03 14.38 31.97
CA THR E 469 -6.50 15.34 31.02
C THR E 469 -6.94 15.00 29.60
N GLY E 470 -6.92 13.72 29.25
CA GLY E 470 -7.41 13.32 27.93
C GLY E 470 -8.88 13.59 27.73
N HIS E 471 -9.71 13.26 28.74
CA HIS E 471 -11.15 13.45 28.62
C HIS E 471 -11.52 14.92 28.55
N PHE E 472 -10.87 15.76 29.36
CA PHE E 472 -11.23 17.17 29.43
C PHE E 472 -10.85 17.94 28.17
N ASN E 473 -10.08 17.35 27.27
CA ASN E 473 -9.74 18.01 26.01
C ASN E 473 -10.98 18.03 25.12
N GLN E 474 -11.61 19.19 25.02
CA GLN E 474 -12.81 19.36 24.22
C GLN E 474 -12.60 20.43 23.16
N VAL E 475 -13.37 20.35 22.09
CA VAL E 475 -13.32 21.36 21.03
C VAL E 475 -13.74 22.71 21.61
N PRO E 476 -13.01 23.80 21.36
CA PRO E 476 -13.46 25.11 21.82
C PRO E 476 -14.81 25.46 21.23
N GLU E 477 -15.67 26.08 22.05
CA GLU E 477 -17.02 26.38 21.61
C GLU E 477 -17.06 27.51 20.59
N PHE E 478 -15.96 28.22 20.37
CA PHE E 478 -15.86 29.13 19.24
C PHE E 478 -15.06 28.49 18.11
N PRO E 479 -15.51 28.60 16.86
CA PRO E 479 -14.66 28.15 15.74
C PRO E 479 -13.34 28.88 15.68
N PHE E 480 -13.37 30.20 15.82
CA PHE E 480 -12.18 31.01 16.02
C PHE E 480 -12.23 31.61 17.41
N PRO E 481 -11.19 31.43 18.23
CA PRO E 481 -11.29 31.82 19.65
C PRO E 481 -11.64 33.29 19.86
N GLY E 482 -11.10 34.18 19.03
CA GLY E 482 -11.41 35.59 19.16
C GLY E 482 -12.65 36.06 18.44
N ASP E 483 -13.25 35.21 17.60
CA ASP E 483 -14.41 35.60 16.82
C ASP E 483 -15.69 35.18 17.53
N PRO E 484 -16.60 36.11 17.84
CA PRO E 484 -17.80 35.74 18.59
C PRO E 484 -18.85 35.00 17.77
N ARG E 485 -18.77 35.02 16.44
CA ARG E 485 -19.80 34.42 15.62
C ARG E 485 -19.72 32.90 15.67
N LYS E 486 -20.86 32.25 15.41
CA LYS E 486 -20.94 30.80 15.49
C LYS E 486 -20.53 30.12 14.19
N TYR E 487 -20.71 30.79 13.05
CA TYR E 487 -20.38 30.23 11.74
C TYR E 487 -21.15 28.94 11.48
N VAL E 488 -22.47 29.00 11.67
CA VAL E 488 -23.33 27.84 11.46
C VAL E 488 -24.72 28.33 11.09
N PRO E 489 -25.38 27.71 10.09
CA PRO E 489 -26.73 28.12 9.71
C PRO E 489 -27.76 27.84 10.80
N MET F 1 52.85 26.27 -5.01
CA MET F 1 52.81 25.21 -6.02
C MET F 1 51.81 25.56 -7.12
N ILE F 2 52.26 25.49 -8.36
CA ILE F 2 51.46 25.90 -9.52
C ILE F 2 51.06 24.66 -10.29
N CYS F 3 49.76 24.50 -10.52
CA CYS F 3 49.26 23.41 -11.34
C CYS F 3 47.96 23.85 -12.00
N TYR F 4 47.57 23.13 -13.04
CA TYR F 4 46.38 23.49 -13.80
C TYR F 4 45.12 23.23 -13.00
N ASN F 5 44.18 24.16 -13.08
CA ASN F 5 42.86 24.00 -12.46
C ASN F 5 41.75 23.94 -13.50
N GLN F 6 42.08 23.76 -14.77
CA GLN F 6 41.10 23.69 -15.84
C GLN F 6 40.29 22.41 -15.72
N GLN F 7 39.32 22.25 -16.62
CA GLN F 7 38.55 21.02 -16.71
C GLN F 7 38.46 20.59 -18.17
N SER F 8 38.63 19.30 -18.40
CA SER F 8 38.54 18.68 -19.73
C SER F 8 39.62 19.30 -20.62
N SER F 9 39.30 19.74 -21.83
CA SER F 9 40.28 20.22 -22.79
C SER F 9 40.17 21.73 -23.02
N GLN F 10 39.94 22.48 -21.95
CA GLN F 10 39.89 23.93 -22.02
C GLN F 10 41.30 24.49 -22.19
N PRO F 11 41.42 25.77 -22.54
CA PRO F 11 42.74 26.39 -22.53
C PRO F 11 43.35 26.33 -21.14
N PRO F 12 44.66 26.16 -21.05
CA PRO F 12 45.30 25.96 -19.73
C PRO F 12 45.08 27.15 -18.81
N THR F 13 44.86 26.86 -17.53
CA THR F 13 44.67 27.87 -16.51
C THR F 13 45.26 27.36 -15.21
N THR F 14 45.98 28.22 -14.50
CA THR F 14 46.71 27.84 -13.30
C THR F 14 46.18 28.61 -12.10
N LYS F 15 46.44 28.05 -10.91
CA LYS F 15 46.10 28.71 -9.66
C LYS F 15 47.16 28.38 -8.62
N THR F 16 47.26 29.24 -7.61
CA THR F 16 48.21 29.06 -6.52
C THR F 16 47.51 28.43 -5.33
N CYS F 17 48.20 27.48 -4.69
CA CYS F 17 47.62 26.76 -3.55
C CYS F 17 48.73 26.31 -2.62
N SER F 18 48.34 26.07 -1.36
CA SER F 18 49.28 25.72 -0.31
C SER F 18 49.58 24.23 -0.24
N GLU F 19 48.82 23.39 -0.93
CA GLU F 19 49.04 21.95 -0.85
C GLU F 19 50.22 21.54 -1.72
N THR F 20 50.84 20.43 -1.33
CA THR F 20 52.00 19.89 -2.03
C THR F 20 51.61 18.87 -3.10
N SER F 21 50.31 18.68 -3.34
CA SER F 21 49.84 17.72 -4.32
C SER F 21 48.92 18.41 -5.32
N CYS F 22 48.92 17.90 -6.55
CA CYS F 22 48.03 18.37 -7.59
C CYS F 22 47.57 17.17 -8.41
N TYR F 23 46.27 17.10 -8.69
CA TYR F 23 45.65 15.90 -9.20
C TYR F 23 44.94 16.17 -10.52
N LYS F 24 44.84 15.11 -11.32
CA LYS F 24 44.00 15.08 -12.51
C LYS F 24 42.98 13.96 -12.33
N LYS F 25 41.69 14.32 -12.40
CA LYS F 25 40.61 13.37 -12.16
C LYS F 25 39.85 13.16 -13.46
N THR F 26 39.75 11.89 -13.88
CA THR F 26 39.12 11.54 -15.15
C THR F 26 38.05 10.48 -14.91
N TRP F 27 36.87 10.70 -15.47
CA TRP F 27 35.80 9.72 -15.41
C TRP F 27 34.84 9.97 -16.58
N ARG F 28 34.02 8.97 -16.86
CA ARG F 28 33.10 9.00 -17.99
C ARG F 28 31.66 8.90 -17.49
N ASP F 29 30.77 9.69 -18.09
CA ASP F 29 29.35 9.66 -17.78
C ASP F 29 28.57 9.23 -19.03
N HIS F 30 27.25 9.37 -18.97
CA HIS F 30 26.40 8.93 -20.07
C HIS F 30 26.64 9.72 -21.36
N ARG F 31 27.26 10.89 -21.28
CA ARG F 31 27.51 11.71 -22.47
C ARG F 31 28.94 11.58 -22.98
N GLY F 32 29.92 11.86 -22.15
CA GLY F 32 31.31 11.80 -22.58
C GLY F 32 32.24 11.57 -21.41
N THR F 33 33.46 12.06 -21.55
CA THR F 33 34.49 11.93 -20.53
C THR F 33 34.82 13.30 -19.95
N ILE F 34 35.00 13.35 -18.63
CA ILE F 34 35.29 14.58 -17.91
C ILE F 34 36.65 14.46 -17.28
N ILE F 35 37.48 15.49 -17.46
CA ILE F 35 38.78 15.58 -16.81
C ILE F 35 38.75 16.78 -15.88
N GLU F 36 39.06 16.56 -14.61
CA GLU F 36 39.04 17.59 -13.59
C GLU F 36 40.44 17.74 -13.00
N ARG F 37 40.89 18.99 -12.88
CA ARG F 37 42.24 19.30 -12.43
C ARG F 37 42.19 20.27 -11.26
N GLY F 38 43.14 20.13 -10.34
CA GLY F 38 43.18 21.00 -9.18
C GLY F 38 44.32 20.61 -8.27
N CYS F 39 44.29 21.17 -7.06
CA CYS F 39 45.32 20.92 -6.07
C CYS F 39 44.93 19.79 -5.13
N GLY F 40 45.93 19.26 -4.42
CA GLY F 40 45.73 18.14 -3.56
C GLY F 40 45.34 16.92 -4.38
N CYS F 41 44.97 15.87 -3.66
CA CYS F 41 44.29 14.75 -4.31
C CYS F 41 43.48 13.97 -3.29
N PRO F 42 42.17 14.23 -3.21
CA PRO F 42 41.34 13.57 -2.20
C PRO F 42 40.82 12.23 -2.66
N LYS F 43 40.02 11.58 -1.81
CA LYS F 43 39.46 10.28 -2.16
C LYS F 43 38.33 10.45 -3.18
N VAL F 44 38.16 9.44 -4.01
CA VAL F 44 37.18 9.47 -5.09
C VAL F 44 36.35 8.19 -5.06
N LYS F 45 35.18 8.27 -5.69
CA LYS F 45 34.28 7.14 -5.77
C LYS F 45 34.87 6.07 -6.68
N PRO F 46 34.47 4.80 -6.49
CA PRO F 46 35.05 3.73 -7.32
C PRO F 46 34.79 3.94 -8.80
N GLY F 47 35.77 3.58 -9.62
CA GLY F 47 35.68 3.73 -11.05
C GLY F 47 36.25 5.02 -11.61
N ILE F 48 36.96 5.79 -10.80
CA ILE F 48 37.56 7.06 -11.24
C ILE F 48 39.07 6.97 -11.08
N LYS F 49 39.79 7.34 -12.13
CA LYS F 49 41.24 7.34 -12.11
C LYS F 49 41.77 8.69 -11.65
N LEU F 50 42.82 8.66 -10.85
CA LEU F 50 43.38 9.88 -10.27
C LEU F 50 44.90 9.83 -10.37
N HIS F 51 45.52 11.00 -10.40
CA HIS F 51 46.92 11.18 -10.78
C HIS F 51 47.66 12.10 -9.82
N CYS F 52 47.59 11.79 -8.51
CA CYS F 52 48.37 12.52 -7.50
C CYS F 52 49.77 12.81 -8.01
N CYS F 53 50.20 14.06 -7.84
CA CYS F 53 51.50 14.50 -8.34
C CYS F 53 52.06 15.55 -7.40
N ARG F 54 53.39 15.76 -7.49
CA ARG F 54 54.10 16.61 -6.54
C ARG F 54 54.81 17.80 -7.15
N THR F 55 55.09 17.80 -8.45
CA THR F 55 55.83 18.89 -9.08
C THR F 55 54.86 19.90 -9.71
N ASP F 56 55.43 20.99 -10.22
CA ASP F 56 54.63 22.06 -10.78
C ASP F 56 54.20 21.74 -12.20
N LYS F 57 52.92 21.95 -12.49
CA LYS F 57 52.34 21.77 -13.83
C LYS F 57 52.61 20.35 -14.36
N CYS F 58 52.05 19.37 -13.67
CA CYS F 58 52.18 17.98 -14.08
C CYS F 58 50.85 17.28 -14.29
N ASN F 59 49.72 17.95 -14.08
CA ASN F 59 48.41 17.37 -14.34
C ASN F 59 47.84 17.81 -15.68
N ASN F 60 48.70 17.98 -16.68
CA ASN F 60 48.27 18.38 -18.02
C ASN F 60 47.31 17.37 -18.62
N MET G 1 -57.55 10.16 11.01
CA MET G 1 -57.40 11.60 10.80
C MET G 1 -56.57 11.88 9.55
N ILE G 2 -56.63 13.12 9.06
CA ILE G 2 -56.11 13.48 7.74
C ILE G 2 -54.95 14.44 7.90
N CYS G 3 -53.85 14.16 7.22
CA CYS G 3 -52.69 15.05 7.12
C CYS G 3 -52.46 15.40 5.65
N TYR G 4 -51.35 16.08 5.40
CA TYR G 4 -50.92 16.40 4.04
C TYR G 4 -49.75 15.51 3.66
N ASN G 5 -49.82 14.89 2.48
CA ASN G 5 -48.74 14.03 1.99
C ASN G 5 -47.97 14.67 0.85
N GLN G 6 -48.20 15.95 0.57
CA GLN G 6 -47.46 16.64 -0.48
C GLN G 6 -46.00 16.81 -0.06
N GLN G 7 -45.17 17.16 -1.04
CA GLN G 7 -43.77 17.45 -0.78
C GLN G 7 -43.41 18.80 -1.38
N SER G 8 -42.70 19.62 -0.59
CA SER G 8 -42.21 20.93 -1.01
C SER G 8 -43.40 21.80 -1.40
N SER G 9 -43.44 22.36 -2.61
CA SER G 9 -44.51 23.27 -3.02
C SER G 9 -45.41 22.62 -4.08
N GLN G 10 -45.64 21.32 -3.96
CA GLN G 10 -46.55 20.62 -4.85
C GLN G 10 -47.99 21.01 -4.54
N PRO G 11 -48.91 20.75 -5.47
CA PRO G 11 -50.33 20.96 -5.18
C PRO G 11 -50.76 20.17 -3.96
N PRO G 12 -51.61 20.74 -3.11
CA PRO G 12 -51.97 20.07 -1.86
C PRO G 12 -52.62 18.71 -2.12
N THR G 13 -52.18 17.71 -1.35
CA THR G 13 -52.77 16.38 -1.36
C THR G 13 -52.95 15.92 0.08
N THR G 14 -53.99 15.11 0.31
CA THR G 14 -54.34 14.67 1.65
C THR G 14 -54.33 13.15 1.72
N LYS G 15 -54.07 12.63 2.92
CA LYS G 15 -54.04 11.20 3.16
C LYS G 15 -54.51 10.91 4.57
N THR G 16 -54.92 9.65 4.78
CA THR G 16 -55.41 9.19 6.07
C THR G 16 -54.62 7.96 6.50
N CYS G 17 -54.32 7.87 7.80
CA CYS G 17 -53.56 6.76 8.34
C CYS G 17 -54.07 6.47 9.75
N SER G 18 -53.37 5.58 10.46
CA SER G 18 -53.76 5.19 11.80
C SER G 18 -53.09 6.03 12.89
N GLU G 19 -52.21 6.95 12.53
CA GLU G 19 -51.55 7.82 13.49
C GLU G 19 -52.32 9.12 13.64
N THR G 20 -52.32 9.66 14.86
CA THR G 20 -53.07 10.87 15.20
C THR G 20 -52.19 12.11 15.23
N SER G 21 -51.16 12.17 14.39
CA SER G 21 -50.28 13.32 14.34
C SER G 21 -49.71 13.45 12.94
N CYS G 22 -49.38 14.68 12.56
CA CYS G 22 -48.76 15.00 11.29
C CYS G 22 -47.33 15.47 11.51
N TYR G 23 -46.64 15.80 10.43
CA TYR G 23 -45.31 16.40 10.53
C TYR G 23 -44.99 17.14 9.25
N LYS G 24 -44.03 18.05 9.35
CA LYS G 24 -43.49 18.78 8.20
C LYS G 24 -41.98 18.83 8.36
N LYS G 25 -41.29 17.96 7.61
CA LYS G 25 -39.84 17.82 7.73
C LYS G 25 -39.18 18.67 6.66
N THR G 26 -38.47 19.71 7.09
CA THR G 26 -37.82 20.66 6.19
C THR G 26 -36.32 20.63 6.42
N TRP G 27 -35.56 20.51 5.34
CA TRP G 27 -34.10 20.52 5.42
C TRP G 27 -33.53 21.08 4.13
N ARG G 28 -32.28 21.50 4.20
CA ARG G 28 -31.60 22.18 3.11
C ARG G 28 -30.52 21.27 2.54
N ASP G 29 -30.51 21.10 1.21
CA ASP G 29 -29.46 20.37 0.53
C ASP G 29 -28.76 21.31 -0.45
N HIS G 30 -27.88 20.75 -1.28
CA HIS G 30 -27.01 21.56 -2.12
C HIS G 30 -27.76 22.25 -3.27
N ARG G 31 -29.03 21.91 -3.49
CA ARG G 31 -29.78 22.48 -4.60
C ARG G 31 -31.00 23.29 -4.19
N GLY G 32 -31.47 23.18 -2.96
CA GLY G 32 -32.62 23.96 -2.53
C GLY G 32 -33.11 23.51 -1.17
N THR G 33 -34.39 23.82 -0.90
CA THR G 33 -35.04 23.46 0.35
C THR G 33 -36.11 22.40 0.08
N ILE G 34 -36.04 21.29 0.81
CA ILE G 34 -36.96 20.17 0.64
C ILE G 34 -37.89 20.12 1.83
N ILE G 35 -39.18 19.91 1.57
CA ILE G 35 -40.19 19.75 2.61
C ILE G 35 -40.87 18.41 2.41
N GLU G 36 -40.90 17.60 3.46
CA GLU G 36 -41.52 16.29 3.43
C GLU G 36 -42.66 16.27 4.44
N ARG G 37 -43.84 15.82 4.01
CA ARG G 37 -45.02 15.82 4.85
C ARG G 37 -45.70 14.46 4.81
N GLY G 38 -46.34 14.12 5.92
CA GLY G 38 -47.08 12.87 6.06
C GLY G 38 -47.83 12.83 7.37
N CYS G 39 -47.91 11.67 8.01
CA CYS G 39 -48.55 11.57 9.32
C CYS G 39 -47.64 10.84 10.29
N GLY G 40 -47.86 11.09 11.58
CA GLY G 40 -46.92 10.69 12.60
C GLY G 40 -45.72 11.61 12.55
N CYS G 41 -44.68 11.26 13.31
CA CYS G 41 -43.38 11.88 13.12
C CYS G 41 -42.27 11.06 13.79
N PRO G 42 -41.24 10.69 13.04
CA PRO G 42 -40.16 9.89 13.60
C PRO G 42 -38.98 10.74 14.07
N LYS G 43 -38.01 10.07 14.69
CA LYS G 43 -36.77 10.72 15.05
C LYS G 43 -35.96 11.04 13.80
N VAL G 44 -35.24 12.16 13.84
CA VAL G 44 -34.53 12.68 12.68
C VAL G 44 -33.10 13.00 13.05
N LYS G 45 -32.24 13.02 12.04
CA LYS G 45 -30.85 13.39 12.24
C LYS G 45 -30.73 14.88 12.56
N PRO G 46 -29.66 15.30 13.24
CA PRO G 46 -29.52 16.72 13.59
C PRO G 46 -29.44 17.60 12.35
N GLY G 47 -29.97 18.81 12.47
CA GLY G 47 -30.02 19.75 11.38
C GLY G 47 -31.35 19.84 10.66
N ILE G 48 -32.36 19.11 11.11
CA ILE G 48 -33.67 19.08 10.49
C ILE G 48 -34.69 19.59 11.49
N LYS G 49 -35.58 20.46 11.04
CA LYS G 49 -36.62 21.03 11.87
C LYS G 49 -37.94 20.29 11.64
N LEU G 50 -38.57 19.87 12.73
CA LEU G 50 -39.85 19.18 12.68
C LEU G 50 -40.94 20.05 13.28
N HIS G 51 -42.18 19.73 12.91
CA HIS G 51 -43.36 20.45 13.37
C HIS G 51 -44.42 19.43 13.80
N CYS G 52 -44.02 18.50 14.67
CA CYS G 52 -44.89 17.42 15.12
C CYS G 52 -46.19 18.03 15.66
N CYS G 53 -47.30 17.78 14.97
CA CYS G 53 -48.57 18.43 15.29
C CYS G 53 -49.68 17.40 15.38
N ARG G 54 -50.50 17.52 16.43
CA ARG G 54 -51.52 16.52 16.73
C ARG G 54 -52.89 16.83 16.15
N THR G 55 -53.13 18.06 15.72
CA THR G 55 -54.44 18.41 15.17
C THR G 55 -54.54 17.94 13.73
N ASP G 56 -55.55 18.40 13.01
CA ASP G 56 -55.86 17.90 11.67
C ASP G 56 -55.59 19.04 10.68
N LYS G 57 -54.97 18.69 9.55
CA LYS G 57 -54.52 19.67 8.54
C LYS G 57 -53.60 20.72 9.15
N CYS G 58 -52.68 20.28 10.02
CA CYS G 58 -51.79 21.20 10.71
C CYS G 58 -50.36 21.21 10.17
N ASN G 59 -50.01 20.28 9.29
CA ASN G 59 -48.66 20.23 8.72
C ASN G 59 -48.55 20.94 7.38
N ASN G 60 -49.40 21.93 7.12
CA ASN G 60 -49.36 22.66 5.86
C ASN G 60 -48.10 23.50 5.77
C1 NAG H . 26.00 19.70 1.19
C2 NAG H . 27.23 20.49 1.54
C3 NAG H . 27.49 21.57 0.48
C4 NAG H . 27.50 20.96 -0.91
C5 NAG H . 26.28 20.07 -1.14
C6 NAG H . 26.34 19.29 -2.44
C7 NAG H . 27.38 20.44 3.99
C8 NAG H . 27.19 21.21 5.26
N2 NAG H . 27.11 21.09 2.86
O3 NAG H . 28.72 22.21 0.76
O4 NAG H . 27.45 21.98 -1.89
O5 NAG H . 26.16 19.10 -0.09
O6 NAG H . 26.21 17.89 -2.20
O7 NAG H . 27.75 19.27 3.99
C1 NAG H . 28.76 22.34 -2.36
C2 NAG H . 28.70 22.49 -3.88
C3 NAG H . 30.05 22.99 -4.41
C4 NAG H . 30.48 24.24 -3.68
C5 NAG H . 30.47 24.01 -2.17
C6 NAG H . 30.79 25.24 -1.37
C7 NAG H . 27.33 21.11 -5.36
C8 NAG H . 27.10 19.73 -5.92
N2 NAG H . 28.34 21.23 -4.51
O3 NAG H . 29.93 23.26 -5.80
O4 NAG H . 31.79 24.62 -4.10
O5 NAG H . 29.17 23.57 -1.77
O6 NAG H . 29.79 25.48 -0.38
O7 NAG H . 26.63 22.06 -5.69
C1 BMA H . 31.73 25.91 -4.72
C2 BMA H . 33.17 26.43 -4.83
C3 BMA H . 33.18 27.76 -5.56
C4 BMA H . 32.39 27.69 -6.86
C5 BMA H . 30.98 27.10 -6.64
C6 BMA H . 30.28 26.86 -7.95
O2 BMA H . 33.96 25.54 -5.59
O3 BMA H . 34.51 28.17 -5.84
O4 BMA H . 32.25 29.00 -7.41
O5 BMA H . 31.14 25.83 -6.00
O6 BMA H . 31.28 26.42 -8.85
C1 MAN H . 30.68 25.96 -10.07
C2 MAN H . 31.40 24.66 -10.46
C3 MAN H . 32.85 24.95 -10.84
C4 MAN H . 32.97 26.13 -11.81
C5 MAN H . 32.19 27.34 -11.27
C6 MAN H . 32.18 28.51 -12.23
O2 MAN H . 30.83 24.07 -11.61
O3 MAN H . 33.44 23.79 -11.42
O4 MAN H . 34.32 26.48 -11.98
O5 MAN H . 30.83 26.96 -11.05
O6 MAN H . 33.50 28.65 -12.75
C1 MAN H . 33.56 29.82 -13.60
C2 MAN H . 33.10 29.39 -15.00
C3 MAN H . 34.10 28.38 -15.55
C4 MAN H . 35.52 28.98 -15.54
C5 MAN H . 35.87 29.40 -14.10
C6 MAN H . 37.21 30.10 -14.01
O2 MAN H . 33.16 30.49 -15.91
O3 MAN H . 33.76 27.98 -16.87
O4 MAN H . 36.46 28.01 -15.97
O5 MAN H . 34.86 30.33 -13.61
O6 MAN H . 37.03 31.46 -14.38
C1 MAN H . 31.84 30.90 -16.26
C2 MAN H . 31.91 31.45 -17.70
C3 MAN H . 32.75 32.71 -17.71
C4 MAN H . 32.24 33.73 -16.68
C5 MAN H . 32.18 33.07 -15.29
C6 MAN H . 31.56 33.98 -14.24
O2 MAN H . 30.62 31.85 -18.16
O3 MAN H . 32.80 33.31 -19.00
O4 MAN H . 33.12 34.85 -16.62
O5 MAN H . 31.37 31.88 -15.36
O6 MAN H . 31.60 33.30 -12.99
C1 MAN H . 34.68 23.49 -10.75
C2 MAN H . 35.66 23.01 -11.85
C3 MAN H . 36.48 21.78 -11.39
C4 MAN H . 35.60 20.65 -10.77
C5 MAN H . 34.26 21.20 -10.27
C6 MAN H . 33.68 20.36 -9.14
O2 MAN H . 36.62 24.02 -12.16
O3 MAN H . 37.52 22.16 -10.49
O4 MAN H . 35.37 19.63 -11.74
O5 MAN H . 34.47 22.51 -9.75
O6 MAN H . 33.74 18.99 -9.53
C1 MAN H . 34.94 29.13 -4.86
C2 MAN H . 36.04 30.00 -5.52
C3 MAN H . 37.30 29.16 -5.74
C4 MAN H . 37.73 28.45 -4.46
C5 MAN H . 36.56 27.61 -3.93
C6 MAN H . 36.86 26.93 -2.61
O2 MAN H . 36.42 31.07 -4.67
O3 MAN H . 38.37 29.96 -6.23
O4 MAN H . 38.83 27.60 -4.72
O5 MAN H . 35.43 28.47 -3.71
O6 MAN H . 35.68 26.26 -2.16
C1 MAN H . 35.38 32.06 -4.67
C2 MAN H . 36.04 33.43 -4.99
C3 MAN H . 36.90 33.87 -3.81
C4 MAN H . 36.11 33.82 -2.50
C5 MAN H . 35.54 32.41 -2.29
C6 MAN H . 34.68 32.29 -1.05
O2 MAN H . 35.05 34.45 -5.14
O3 MAN H . 37.44 35.17 -4.02
O4 MAN H . 36.96 34.15 -1.40
O5 MAN H . 34.72 32.07 -3.42
O6 MAN H . 34.11 30.99 -1.02
C1 NAG I . 22.80 -14.80 -14.85
C2 NAG I . 23.87 -15.85 -15.12
C3 NAG I . 24.08 -16.03 -16.61
C4 NAG I . 22.75 -16.32 -17.31
C5 NAG I . 21.72 -15.25 -16.94
C6 NAG I . 20.35 -15.54 -17.49
C7 NAG I . 25.43 -15.84 -13.21
C8 NAG I . 26.76 -15.37 -12.71
N2 NAG I . 25.13 -15.49 -14.47
O3 NAG I . 24.98 -17.11 -16.84
O4 NAG I . 22.95 -16.31 -18.72
O5 NAG I . 21.60 -15.17 -15.51
O6 NAG I . 19.54 -16.21 -16.52
O7 NAG I . 24.66 -16.48 -12.51
C1 NAG I . 22.62 -17.60 -19.27
C2 NAG I . 23.36 -17.75 -20.60
C3 NAG I . 23.08 -19.11 -21.21
C4 NAG I . 23.39 -20.23 -20.22
C5 NAG I . 22.65 -19.98 -18.90
C6 NAG I . 23.00 -20.98 -17.84
C7 NAG I . 21.79 -16.42 -21.97
C8 NAG I . 21.68 -15.27 -22.92
N2 NAG I . 23.03 -16.68 -21.52
O3 NAG I . 23.87 -19.28 -22.38
O4 NAG I . 22.98 -21.48 -20.75
O5 NAG I . 22.98 -18.68 -18.38
O6 NAG I . 24.24 -21.61 -18.11
O7 NAG I . 20.82 -17.10 -21.65
C1 NAG J . -12.18 -25.50 -14.28
C2 NAG J . -12.53 -26.99 -14.33
C3 NAG J . -13.30 -27.31 -15.61
C4 NAG J . -14.50 -26.39 -15.77
C5 NAG J . -14.05 -24.93 -15.67
C6 NAG J . -15.20 -23.96 -15.70
C7 NAG J . -11.17 -28.75 -13.30
C8 NAG J . -9.88 -29.50 -13.34
N2 NAG J . -11.34 -27.81 -14.22
O3 NAG J . -13.72 -28.67 -15.56
O4 NAG J . -15.11 -26.60 -17.04
O5 NAG J . -13.37 -24.73 -14.43
O6 NAG J . -15.12 -23.03 -14.63
O7 NAG J . -12.04 -29.00 -12.47
C1 NAG J . -16.35 -27.32 -16.87
C2 NAG J . -17.26 -26.98 -18.05
C3 NAG J . -18.56 -27.79 -17.96
C4 NAG J . -18.26 -29.27 -17.84
C5 NAG J . -17.31 -29.52 -16.67
C6 NAG J . -16.86 -30.95 -16.56
C7 NAG J . -18.17 -24.85 -17.18
C8 NAG J . -18.36 -23.39 -17.47
N2 NAG J . -17.54 -25.56 -18.12
O3 NAG J . -19.34 -27.54 -19.12
O4 NAG J . -19.47 -29.99 -17.63
O5 NAG J . -16.12 -28.73 -16.83
O6 NAG J . -16.39 -31.44 -17.80
O7 NAG J . -18.58 -25.37 -16.14
C1 NAG K . -32.38 -0.90 3.01
C2 NAG K . -33.84 -1.10 3.39
C3 NAG K . -34.74 -0.55 2.30
C4 NAG K . -34.36 0.90 1.95
C5 NAG K . -32.86 1.03 1.72
C6 NAG K . -32.41 2.46 1.57
C7 NAG K . -33.86 -3.12 4.78
C8 NAG K . -34.23 -4.57 4.85
N2 NAG K . -34.13 -2.51 3.63
O3 NAG K . -36.09 -0.60 2.73
O4 NAG K . -35.01 1.29 0.74
O5 NAG K . -32.13 0.47 2.81
O6 NAG K . -31.32 2.76 2.43
O7 NAG K . -33.34 -2.53 5.73
C1 NAG K . -36.27 1.92 0.98
C2 NAG K . -36.45 3.07 -0.01
C3 NAG K . -37.84 3.68 0.13
C4 NAG K . -38.91 2.61 0.02
C5 NAG K . -38.63 1.49 1.02
C6 NAG K . -39.59 0.33 0.90
C7 NAG K . -34.42 4.28 -0.67
C8 NAG K . -33.46 5.38 -0.31
N2 NAG K . -35.42 4.08 0.19
O3 NAG K . -38.03 4.66 -0.87
O4 NAG K . -40.19 3.17 0.27
O5 NAG K . -37.32 0.96 0.81
O6 NAG K . -38.90 -0.90 0.73
O7 NAG K . -34.29 3.61 -1.68
C1 BMA K . -40.95 3.10 -0.95
C2 BMA K . -42.42 3.30 -0.56
C3 BMA K . -43.29 3.35 -1.80
C4 BMA K . -42.73 4.33 -2.85
C5 BMA K . -41.23 4.07 -3.11
C6 BMA K . -40.62 5.12 -3.99
O2 BMA K . -42.59 4.54 0.11
O3 BMA K . -44.61 3.75 -1.46
O4 BMA K . -43.44 4.20 -4.07
O5 BMA K . -40.55 4.10 -1.86
O6 BMA K . -40.79 6.37 -3.32
C1 MAN K . -40.57 7.47 -4.23
C2 MAN K . -40.53 8.73 -3.35
C3 MAN K . -41.91 8.98 -2.78
C4 MAN K . -42.95 9.05 -3.88
C5 MAN K . -42.92 7.76 -4.71
C6 MAN K . -43.85 7.81 -5.90
O2 MAN K . -40.24 9.89 -4.14
O3 MAN K . -41.95 10.16 -1.99
O4 MAN K . -44.24 9.22 -3.32
O5 MAN K . -41.58 7.55 -5.21
O6 MAN K . -43.79 9.12 -6.45
C1 MAN K . -44.87 9.29 -7.40
C2 MAN K . -44.58 10.59 -8.19
C3 MAN K . -44.70 11.78 -7.25
C4 MAN K . -46.08 11.79 -6.59
C5 MAN K . -46.29 10.47 -5.82
C6 MAN K . -47.67 10.34 -5.23
O2 MAN K . -45.60 10.81 -9.16
O3 MAN K . -44.48 13.00 -7.94
O4 MAN K . -46.17 12.87 -5.69
O5 MAN K . -46.11 9.35 -6.73
O6 MAN K . -48.47 9.59 -6.14
C1 MAN K . -45.11 10.44 -10.48
C2 MAN K . -45.95 11.25 -11.50
C3 MAN K . -46.46 10.34 -12.63
C4 MAN K . -47.20 9.08 -12.11
C5 MAN K . -46.61 8.61 -10.76
C6 MAN K . -46.62 7.10 -10.61
O2 MAN K . -45.15 12.25 -12.14
O3 MAN K . -45.43 9.99 -13.54
O4 MAN K . -48.58 9.32 -11.97
O5 MAN K . -45.26 9.06 -10.66
O6 MAN K . -45.67 6.56 -11.52
C1 MAN K . -42.12 9.79 -0.61
C2 MAN K . -42.97 10.89 0.05
C3 MAN K . -42.18 12.19 0.12
C4 MAN K . -40.81 11.97 0.75
C5 MAN K . -40.05 10.86 0.02
C6 MAN K . -38.74 10.51 0.67
O2 MAN K . -43.29 10.57 1.42
O3 MAN K . -42.89 13.20 0.83
O4 MAN K . -40.05 13.17 0.69
O5 MAN K . -40.87 9.67 0.03
O6 MAN K . -38.14 11.72 1.12
C1 MAN K . -45.44 2.60 -1.23
C2 MAN K . -46.89 3.03 -1.52
C3 MAN K . -47.30 4.08 -0.51
C4 MAN K . -47.10 3.56 0.93
C5 MAN K . -45.66 3.08 1.12
C6 MAN K . -45.44 2.41 2.46
O2 MAN K . -47.80 1.94 -1.32
O3 MAN K . -48.65 4.50 -0.69
O4 MAN K . -47.39 4.60 1.85
O5 MAN K . -45.31 2.13 0.09
O6 MAN K . -44.37 1.48 2.31
C1 MAN K . -47.88 1.17 -2.54
C2 MAN K . -49.37 0.82 -2.75
C3 MAN K . -49.84 -0.19 -1.71
C4 MAN K . -48.89 -1.39 -1.65
C5 MAN K . -47.46 -0.91 -1.38
C6 MAN K . -46.44 -2.04 -1.36
O2 MAN K . -49.59 0.19 -4.02
O3 MAN K . -51.17 -0.62 -1.95
O4 MAN K . -49.29 -2.27 -0.60
O5 MAN K . -47.07 0.00 -2.43
O6 MAN K . -45.17 -1.50 -1.02
C1 NAG L . -8.03 26.23 13.34
C2 NAG L . -8.44 27.15 14.48
C3 NAG L . -8.72 28.55 13.95
C4 NAG L . -7.55 29.07 13.14
C5 NAG L . -7.16 28.05 12.06
C6 NAG L . -5.92 28.43 11.31
C7 NAG L . -9.61 26.31 16.48
C8 NAG L . -8.31 26.51 17.21
N2 NAG L . -9.60 26.62 15.18
O3 NAG L . -8.97 29.42 15.06
O4 NAG L . -7.90 30.29 12.51
O5 NAG L . -6.91 26.78 12.66
O6 NAG L . -4.99 27.37 11.27
O7 NAG L . -10.60 25.87 17.05
C1 NAG L . -7.18 31.38 13.12
C2 NAG L . -6.83 32.39 12.03
C3 NAG L . -6.12 33.59 12.63
C4 NAG L . -6.94 34.18 13.77
C5 NAG L . -7.28 33.11 14.79
C6 NAG L . -8.19 33.60 15.88
C7 NAG L . -6.35 31.80 9.70
C8 NAG L . -5.40 31.10 8.77
N2 NAG L . -6.03 31.77 10.99
O3 NAG L . -5.91 34.56 11.62
O4 NAG L . -6.20 35.23 14.41
O5 NAG L . -7.95 32.02 14.14
O6 NAG L . -9.17 34.50 15.38
O7 NAG L . -7.37 32.35 9.30
C1 NAG L . -6.82 36.49 14.09
C2 NAG L . -6.36 37.54 15.10
C3 NAG L . -6.96 38.90 14.76
C4 NAG L . -6.63 39.28 13.32
C5 NAG L . -7.04 38.17 12.36
C6 NAG L . -6.56 38.42 10.95
C7 NAG L . -7.92 36.96 16.92
C8 NAG L . -8.03 36.56 18.36
N2 NAG L . -6.68 37.15 16.46
O3 NAG L . -6.44 39.88 15.65
O4 NAG L . -7.31 40.47 12.97
O5 NAG L . -6.46 36.92 12.76
O6 NAG L . -5.13 38.37 10.88
O7 NAG L . -8.92 37.10 16.22
C1 MAN L . -4.68 38.82 9.59
C2 MAN L . -3.27 38.22 9.38
C3 MAN L . -2.24 38.92 10.28
C4 MAN L . -2.35 40.44 10.15
C5 MAN L . -3.79 40.88 10.46
C6 MAN L . -3.99 42.38 10.34
O2 MAN L . -2.80 38.42 8.05
O3 MAN L . -0.91 38.49 10.00
O4 MAN L . -1.46 41.08 11.05
O5 MAN L . -4.68 40.24 9.53
O6 MAN L . -3.62 42.79 9.02
C1 MAN L . -3.97 44.18 8.85
C2 MAN L . -3.97 44.50 7.33
C3 MAN L . -2.54 44.55 6.80
C4 MAN L . -1.66 45.47 7.67
C5 MAN L . -1.70 45.00 9.12
C6 MAN L . -0.92 45.90 10.05
O2 MAN L . -4.51 45.79 7.07
O3 MAN L . -2.49 44.96 5.44
O4 MAN L . -0.32 45.42 7.21
O5 MAN L . -3.08 45.02 9.57
O6 MAN L . -1.53 47.19 10.04
C1 NAG M . 7.74 -16.42 -41.84
C2 NAG M . 6.36 -16.67 -42.45
C3 NAG M . 6.06 -18.16 -42.51
C4 NAG M . 7.19 -18.89 -43.24
C5 NAG M . 8.53 -18.56 -42.61
C6 NAG M . 9.71 -19.16 -43.37
C7 NAG M . 4.68 -14.90 -42.16
C8 NAG M . 3.65 -14.31 -41.26
N2 NAG M . 5.33 -15.97 -41.70
O3 NAG M . 4.84 -18.38 -43.18
O4 NAG M . 6.98 -20.30 -43.17
O5 NAG M . 8.73 -17.14 -42.60
O6 NAG M . 9.27 -19.90 -44.49
O7 NAG M . 4.91 -14.43 -43.27
#